data_8GZR
#
_entry.id   8GZR
#
_cell.length_a   1.00
_cell.length_b   1.00
_cell.length_c   1.00
_cell.angle_alpha   90.00
_cell.angle_beta   90.00
_cell.angle_gamma   90.00
#
_symmetry.space_group_name_H-M   'P 1'
#
loop_
_entity.id
_entity.type
_entity.pdbx_description
1 polymer 'Genome polyprotein'
2 polymer 'Genome polyprotein'
3 polymer RNA
4 non-polymer 'MANGANESE (II) ION'
5 non-polymer 'ZINC ION'
6 non-polymer S-ADENOSYL-L-HOMOCYSTEINE
7 non-polymer "CYTIDINE-5'-DIPHOSPHATE"
#
loop_
_entity_poly.entity_id
_entity_poly.type
_entity_poly.pdbx_seq_one_letter_code
_entity_poly.pdbx_strand_id
1 'polypeptide(L)'
;GPSSGSSGGTGSQGETLGEKWKKRLNQLSRKEFDLYKKSGITEVDRTEAKEGLKRGEITHHAVSRGSAKLQWFVERNMVI
PEGRVIDLGCGRGGWSYYCAGLKKVTEVRGYTKGGPGHEEPVPMSTYGWNIVKLMSGKDVFYLPPEKCDTLLCDIGESSP
SPTVEESRTIRVLKMVEPWLKNNQFCIKVLNPYMPTVIEHLERLQRKHGGMLVRNPLSRNSTHEMYWISNGTGNIVSSVN
MVSRLLLNRFTMTYRRPTIEKDVDLGAGTRHVNAEPETPNMDVIGERIRRIKEEHSSTWHYDDENPYKTWAYHGSYEVKA
TGSASSMINGVVKLLTKPWDVVPTVTQMAMTDTTPFGQQRVFKEKVDTRTPKPMPGTRKVMEITAGWLWRTLGRNKRPRL
CTREEFTKKVRTNAAMGAVFTEENQWDSARAAVEDEEFWKLVDRERELHKQGKCGSCVYNMMGKREKKLGEFGKAKGSRA
IWYMWLGARYLEFEALGFLNEDHWFSRENSYSGVEGEGLHKLGYILRDISKIPGGAMYADDTAGWDTRITEDDLHNEEKI
TQQMDPEHRQLANAIFKLTYQNKVVKVQRPTPKGTVMDIISRKDQRGSGQVGTYGLNTFTNMEAQLIRQMEGEGVLSKTD
LENPHLLEKKITQWLETKGVERLKRMAISGDDCVVKPIDDRFANALLALNDMGKVRKDIPQWQPSKGWHDWQQVPFCSHH
FHELIMKDGRKLVVPCRPQDELIGRARISQGAGWSLKETACLGKAYAQMWALMYFHRRDLRLASNAICSAVPVHWVPTSR
TTWSIHAHHQWMTTEDMLTVWNRVWIEDNPWMEDKTPVTTWEDVPYLGKREDQWCGSLIGLTSRATWAQNILTAIQQVRS
LIGNEEFLDYMPSMKRFRKEEESEGAIW
;
A
2 'polypeptide(L)'
;MGSSHHHHHHSQDPENLYFQGSSGSSGADLTVEKAADVTWEEEAEGGGGSGGGGSGVLWDVPSPPETQKAELEEGVYRIK
QQGIFGKTQVGVGVQKEGVFHTMWHVTRGAVLTYNGKRLEPNWASVKKDLISYGGGWRLSAQWQKGEEVQVIAVEPGKNP
KNFQTMPGIFQTTTGEIGAIALDFKPGTAGSPIINREGKVVGLYGNGVVTKNGGYVSGIAQTNAEPDGPTPELEEEMFKK
RNLTIMDLHPGSGKTRKYLPAIVREAIKRRLRTLILAPTRVVAAEMEEALKGLPIRYQTTATKSEHTGKEIVDLMCHATF
TMRLLSPVRVPNYNLIIMDEAHFTDPASIAARGYISTRVGMGEAAAIFMTATPPGTADAFPQSNAPIQDEERDIPERSWN
SGNDWITDFAGKTVWFVPSIKAGNDIANCLRKNGKKVIQLSRKTFDTEYQKTKLNDWDFVVTTDISEMGANFKADRVIDP
RRCLKPVILTDGPERVILAGPMPVTVASAAQRRGRVGRNPQKENDQYIFTGQPLNNDEDHAHWTEAKMLLDNINTPEGII
PALFEPEREKSAAIDGEYRLKGESRKTFVELMRRGDLPVWLAHKVASEGIKYTDRKWCFDGERNNQILEENMDVEIWTKE
GEKKKLRPRWLDARTYSDPLALKEFKDFAAGRK
;
B
3 'polyribonucleotide' AGUAGUUUGUUUUUUGAACAGGUUCUGAAAAGAACCUGUU C
#
# COMPACT_ATOMS: atom_id res chain seq x y z
N GLY A 14 30.85 22.00 -22.92
CA GLY A 14 30.24 21.40 -24.10
C GLY A 14 28.78 21.80 -24.28
N GLU A 15 28.29 21.62 -25.50
CA GLU A 15 26.90 21.93 -25.82
C GLU A 15 26.02 20.80 -25.30
N THR A 16 25.15 21.10 -24.35
CA THR A 16 24.25 20.09 -23.82
C THR A 16 23.09 19.84 -24.78
N LEU A 17 22.42 18.71 -24.58
CA LEU A 17 21.27 18.38 -25.41
C LEU A 17 20.14 19.39 -25.25
N GLY A 18 19.98 19.93 -24.04
CA GLY A 18 18.96 20.93 -23.84
C GLY A 18 19.19 22.19 -24.65
N GLU A 19 20.45 22.61 -24.77
CA GLU A 19 20.76 23.78 -25.59
C GLU A 19 20.49 23.52 -27.06
N LYS A 20 20.78 22.31 -27.54
CA LYS A 20 20.44 21.96 -28.92
C LYS A 20 18.93 21.97 -29.12
N TRP A 21 18.18 21.43 -28.16
CA TRP A 21 16.73 21.46 -28.26
C TRP A 21 16.20 22.89 -28.29
N LYS A 22 16.80 23.77 -27.48
CA LYS A 22 16.38 25.16 -27.45
C LYS A 22 16.67 25.86 -28.78
N LYS A 23 17.86 25.63 -29.34
CA LYS A 23 18.18 26.19 -30.64
C LYS A 23 17.21 25.71 -31.71
N ARG A 24 16.91 24.41 -31.71
CA ARG A 24 15.96 23.88 -32.68
C ARG A 24 14.59 24.51 -32.49
N LEU A 25 14.14 24.61 -31.24
CA LEU A 25 12.81 25.15 -30.96
C LEU A 25 12.69 26.61 -31.38
N ASN A 26 13.77 27.38 -31.21
CA ASN A 26 13.72 28.80 -31.55
C ASN A 26 13.54 29.06 -33.04
N GLN A 27 13.73 28.05 -33.89
CA GLN A 27 13.69 28.23 -35.34
C GLN A 27 12.57 27.42 -35.99
N LEU A 28 11.43 27.28 -35.31
CA LEU A 28 10.22 26.71 -35.89
C LEU A 28 9.27 27.80 -36.34
N SER A 29 8.68 27.61 -37.52
CA SER A 29 7.60 28.47 -37.96
C SER A 29 6.39 28.29 -37.04
N ARG A 30 5.42 29.20 -37.16
CA ARG A 30 4.28 29.21 -36.25
C ARG A 30 3.44 27.94 -36.39
N LYS A 31 3.24 27.47 -37.62
CA LYS A 31 2.43 26.27 -37.83
C LYS A 31 3.09 25.04 -37.22
N GLU A 32 4.37 24.84 -37.54
CA GLU A 32 5.07 23.67 -37.01
C GLU A 32 5.32 23.78 -35.52
N PHE A 33 5.52 25.00 -35.00
CA PHE A 33 5.59 25.18 -33.55
C PHE A 33 4.27 24.81 -32.89
N ASP A 34 3.14 25.22 -33.47
CA ASP A 34 1.86 24.92 -32.88
C ASP A 34 1.53 23.43 -32.94
N LEU A 35 2.06 22.74 -33.95
CA LEU A 35 1.92 21.28 -33.96
C LEU A 35 2.84 20.63 -32.95
N TYR A 36 4.06 21.13 -32.80
CA TYR A 36 5.05 20.49 -31.95
C TYR A 36 4.72 20.65 -30.47
N LYS A 37 4.21 21.81 -30.07
CA LYS A 37 4.03 22.11 -28.66
C LYS A 37 3.07 21.15 -27.96
N LYS A 38 2.18 20.50 -28.70
CA LYS A 38 1.19 19.62 -28.11
C LYS A 38 1.26 18.21 -28.68
N SER A 39 2.40 17.82 -29.23
CA SER A 39 2.55 16.52 -29.87
C SER A 39 2.79 15.45 -28.81
N GLY A 40 1.76 14.66 -28.52
CA GLY A 40 1.89 13.52 -27.65
C GLY A 40 1.88 13.81 -26.17
N ILE A 41 1.64 15.05 -25.76
CA ILE A 41 1.58 15.39 -24.34
C ILE A 41 0.24 14.94 -23.77
N THR A 42 0.13 14.94 -22.45
CA THR A 42 -1.14 14.75 -21.79
C THR A 42 -1.77 16.11 -21.50
N GLU A 43 -3.09 16.16 -21.55
CA GLU A 43 -3.80 17.43 -21.49
C GLU A 43 -5.20 17.21 -20.92
N VAL A 44 -5.63 18.12 -20.05
CA VAL A 44 -6.97 18.05 -19.48
C VAL A 44 -7.93 18.83 -20.36
N ASP A 45 -9.19 18.43 -20.33
CA ASP A 45 -10.25 19.12 -21.07
C ASP A 45 -10.77 20.27 -20.24
N ARG A 46 -10.61 21.49 -20.75
CA ARG A 46 -10.93 22.70 -20.00
C ARG A 46 -12.10 23.48 -20.59
N THR A 47 -12.80 22.93 -21.58
CA THR A 47 -13.86 23.71 -22.24
C THR A 47 -15.02 23.99 -21.29
N GLU A 48 -15.54 22.95 -20.63
CA GLU A 48 -16.66 23.12 -19.72
C GLU A 48 -16.26 24.00 -18.54
N ALA A 49 -15.07 23.79 -18.01
CA ALA A 49 -14.59 24.61 -16.89
C ALA A 49 -14.45 26.06 -17.30
N LYS A 50 -13.92 26.33 -18.50
CA LYS A 50 -13.78 27.70 -18.96
C LYS A 50 -15.12 28.37 -19.16
N GLU A 51 -16.07 27.64 -19.77
CA GLU A 51 -17.41 28.20 -19.95
C GLU A 51 -18.07 28.51 -18.61
N GLY A 52 -17.92 27.61 -17.63
CA GLY A 52 -18.45 27.88 -16.31
C GLY A 52 -17.79 29.07 -15.64
N LEU A 53 -16.47 29.17 -15.75
CA LEU A 53 -15.74 30.28 -15.13
C LEU A 53 -16.11 31.61 -15.75
N LYS A 54 -16.45 31.63 -17.04
CA LYS A 54 -16.95 32.88 -17.64
C LYS A 54 -18.27 33.28 -17.02
N ARG A 55 -19.17 32.32 -16.79
CA ARG A 55 -20.49 32.59 -16.24
C ARG A 55 -20.49 32.79 -14.73
N GLY A 56 -19.31 33.02 -14.13
CA GLY A 56 -19.24 33.32 -12.72
C GLY A 56 -19.42 32.14 -11.78
N GLU A 57 -19.46 30.91 -12.30
CA GLU A 57 -19.58 29.75 -11.45
C GLU A 57 -18.34 29.61 -10.59
N ILE A 58 -18.54 29.36 -9.29
CA ILE A 58 -17.46 29.38 -8.31
C ILE A 58 -17.33 28.05 -7.59
N THR A 59 -17.95 26.99 -8.11
CA THR A 59 -17.86 25.67 -7.52
C THR A 59 -17.47 24.66 -8.59
N HIS A 60 -16.77 23.60 -8.15
CA HIS A 60 -16.49 22.41 -8.94
C HIS A 60 -15.43 22.64 -10.01
N HIS A 61 -15.01 23.89 -10.22
CA HIS A 61 -14.16 24.24 -11.36
C HIS A 61 -12.76 24.62 -10.88
N ALA A 62 -11.76 24.14 -11.61
CA ALA A 62 -10.40 24.58 -11.40
C ALA A 62 -10.17 25.89 -12.14
N VAL A 63 -9.46 26.81 -11.50
CA VAL A 63 -9.26 28.14 -12.07
C VAL A 63 -8.20 28.18 -13.14
N SER A 64 -7.40 27.13 -13.28
CA SER A 64 -6.34 27.08 -14.29
C SER A 64 -5.99 25.62 -14.53
N ARG A 65 -4.98 25.40 -15.38
CA ARG A 65 -4.50 24.07 -15.64
C ARG A 65 -3.54 23.55 -14.58
N GLY A 66 -3.14 24.40 -13.64
CA GLY A 66 -2.17 24.01 -12.63
C GLY A 66 -2.73 23.05 -11.59
N SER A 67 -4.05 23.02 -11.39
CA SER A 67 -4.62 22.09 -10.44
C SER A 67 -4.37 20.65 -10.88
N ALA A 68 -4.56 20.35 -12.16
CA ALA A 68 -4.27 19.02 -12.67
C ALA A 68 -2.78 18.70 -12.58
N LYS A 69 -1.93 19.69 -12.86
CA LYS A 69 -0.49 19.46 -12.77
C LYS A 69 -0.07 19.10 -11.34
N LEU A 70 -0.60 19.82 -10.35
CA LEU A 70 -0.27 19.47 -8.97
C LEU A 70 -0.90 18.14 -8.57
N GLN A 71 -2.11 17.85 -9.07
CA GLN A 71 -2.74 16.57 -8.78
C GLN A 71 -1.91 15.41 -9.31
N TRP A 72 -1.24 15.60 -10.45
CA TRP A 72 -0.39 14.54 -10.98
C TRP A 72 0.71 14.16 -9.98
N PHE A 73 1.33 15.15 -9.35
CA PHE A 73 2.35 14.86 -8.34
C PHE A 73 1.73 14.31 -7.06
N VAL A 74 0.55 14.81 -6.69
CA VAL A 74 -0.05 14.42 -5.41
C VAL A 74 -0.52 12.97 -5.46
N GLU A 75 -1.09 12.54 -6.58
CA GLU A 75 -1.59 11.18 -6.69
C GLU A 75 -0.48 10.15 -6.88
N ARG A 76 0.71 10.57 -7.30
CA ARG A 76 1.87 9.69 -7.37
C ARG A 76 2.67 9.70 -6.08
N ASN A 77 2.17 10.37 -5.04
CA ASN A 77 2.83 10.49 -3.74
C ASN A 77 4.18 11.18 -3.84
N MET A 78 4.40 11.99 -4.88
CA MET A 78 5.66 12.69 -5.03
C MET A 78 5.75 13.91 -4.12
N VAL A 79 4.62 14.58 -3.88
CA VAL A 79 4.50 15.59 -2.86
C VAL A 79 3.22 15.32 -2.09
N ILE A 80 3.28 15.42 -0.77
CA ILE A 80 2.12 15.17 0.09
C ILE A 80 1.81 16.45 0.84
N PRO A 81 0.95 17.32 0.32
CA PRO A 81 0.63 18.56 1.03
C PRO A 81 -0.01 18.27 2.38
N GLU A 82 0.44 19.01 3.39
CA GLU A 82 -0.01 18.78 4.76
C GLU A 82 0.25 20.05 5.56
N GLY A 83 -0.44 20.15 6.69
CA GLY A 83 -0.22 21.28 7.59
C GLY A 83 -0.49 22.61 6.93
N ARG A 84 0.46 23.53 7.07
CA ARG A 84 0.36 24.85 6.48
C ARG A 84 1.07 24.86 5.13
N VAL A 85 0.36 25.33 4.11
CA VAL A 85 0.84 25.30 2.73
C VAL A 85 1.11 26.74 2.29
N ILE A 86 2.33 27.01 1.84
CA ILE A 86 2.73 28.31 1.33
C ILE A 86 2.92 28.17 -0.17
N ASP A 87 2.15 28.94 -0.93
CA ASP A 87 2.15 28.88 -2.40
C ASP A 87 2.77 30.16 -2.94
N LEU A 88 4.06 30.10 -3.24
CA LEU A 88 4.77 31.24 -3.79
C LEU A 88 4.49 31.36 -5.29
N GLY A 89 4.09 32.55 -5.72
CA GLY A 89 3.69 32.73 -7.10
C GLY A 89 2.42 31.99 -7.41
N CYS A 90 1.41 32.17 -6.55
CA CYS A 90 0.17 31.40 -6.67
C CYS A 90 -0.61 31.71 -7.93
N GLY A 91 -0.35 32.85 -8.57
CA GLY A 91 -1.06 33.19 -9.79
C GLY A 91 -2.55 33.36 -9.52
N ARG A 92 -3.37 32.67 -10.32
CA ARG A 92 -4.80 32.70 -10.09
C ARG A 92 -5.19 31.86 -8.88
N GLY A 93 -4.43 30.81 -8.58
CA GLY A 93 -4.65 30.04 -7.38
C GLY A 93 -5.06 28.60 -7.59
N GLY A 94 -4.64 28.00 -8.71
CA GLY A 94 -5.00 26.62 -8.96
C GLY A 94 -4.40 25.66 -7.95
N TRP A 95 -3.11 25.82 -7.66
CA TRP A 95 -2.45 24.95 -6.70
C TRP A 95 -3.02 25.12 -5.30
N SER A 96 -3.25 26.37 -4.90
CA SER A 96 -3.77 26.64 -3.56
C SER A 96 -5.20 26.11 -3.40
N TYR A 97 -6.05 26.34 -4.40
CA TYR A 97 -7.42 25.84 -4.32
C TYR A 97 -7.46 24.32 -4.39
N TYR A 98 -6.53 23.69 -5.10
CA TYR A 98 -6.47 22.24 -5.08
C TYR A 98 -6.02 21.71 -3.73
N CYS A 99 -5.03 22.36 -3.12
CA CYS A 99 -4.54 21.92 -1.81
C CYS A 99 -5.56 22.19 -0.71
N ALA A 100 -6.47 23.13 -0.92
CA ALA A 100 -7.49 23.40 0.10
C ALA A 100 -8.36 22.18 0.37
N GLY A 101 -8.62 21.36 -0.64
CA GLY A 101 -9.50 20.22 -0.48
C GLY A 101 -8.83 18.97 0.05
N LEU A 102 -7.51 18.96 0.22
CA LEU A 102 -6.82 17.81 0.76
C LEU A 102 -7.00 17.77 2.27
N LYS A 103 -7.22 16.57 2.81
CA LYS A 103 -7.62 16.45 4.21
C LYS A 103 -6.48 16.78 5.15
N LYS A 104 -5.23 16.58 4.73
CA LYS A 104 -4.09 16.83 5.61
C LYS A 104 -3.71 18.31 5.69
N VAL A 105 -4.32 19.17 4.88
CA VAL A 105 -3.97 20.58 4.82
C VAL A 105 -4.94 21.35 5.71
N THR A 106 -4.39 22.24 6.55
CA THR A 106 -5.21 23.03 7.46
C THR A 106 -5.20 24.51 7.15
N GLU A 107 -4.30 24.98 6.28
CA GLU A 107 -4.21 26.40 5.96
C GLU A 107 -3.37 26.62 4.71
N VAL A 108 -3.87 27.43 3.78
CA VAL A 108 -3.17 27.73 2.53
C VAL A 108 -2.97 29.23 2.42
N ARG A 109 -1.72 29.64 2.18
CA ARG A 109 -1.38 31.04 1.98
C ARG A 109 -0.63 31.17 0.67
N GLY A 110 -1.16 31.97 -0.24
CA GLY A 110 -0.53 32.19 -1.54
C GLY A 110 -0.09 33.63 -1.69
N TYR A 111 1.07 33.82 -2.31
CA TYR A 111 1.63 35.15 -2.56
C TYR A 111 1.91 35.27 -4.05
N THR A 112 1.22 36.20 -4.71
CA THR A 112 1.44 36.48 -6.11
C THR A 112 1.70 37.97 -6.30
N LYS A 113 2.47 38.29 -7.33
CA LYS A 113 2.85 39.68 -7.57
C LYS A 113 1.68 40.48 -8.13
N GLY A 114 0.95 39.90 -9.08
CA GLY A 114 -0.16 40.63 -9.65
C GLY A 114 0.30 41.81 -10.49
N GLY A 115 -0.58 42.80 -10.61
CA GLY A 115 -0.29 43.97 -11.38
C GLY A 115 -0.50 43.74 -12.86
N PRO A 116 -0.28 44.78 -13.67
CA PRO A 116 -0.40 44.61 -15.13
C PRO A 116 0.57 43.57 -15.65
N GLY A 117 0.09 42.74 -16.57
CA GLY A 117 0.89 41.71 -17.18
C GLY A 117 1.01 40.43 -16.37
N HIS A 118 0.37 40.34 -15.21
CA HIS A 118 0.42 39.16 -14.38
C HIS A 118 -0.98 38.80 -13.90
N GLU A 119 -1.20 37.51 -13.68
CA GLU A 119 -2.49 37.03 -13.24
C GLU A 119 -2.79 37.47 -11.81
N GLU A 120 -4.03 37.79 -11.55
CA GLU A 120 -4.50 38.14 -10.22
C GLU A 120 -5.32 36.99 -9.65
N PRO A 121 -5.31 36.82 -8.32
CA PRO A 121 -6.10 35.75 -7.71
C PRO A 121 -7.58 35.91 -8.04
N VAL A 122 -8.23 34.78 -8.29
CA VAL A 122 -9.65 34.73 -8.61
C VAL A 122 -10.38 34.06 -7.45
N PRO A 123 -11.44 34.67 -6.92
CA PRO A 123 -12.14 34.07 -5.78
C PRO A 123 -13.01 32.90 -6.21
N MET A 124 -13.00 31.85 -5.39
CA MET A 124 -13.78 30.66 -5.67
C MET A 124 -14.33 30.11 -4.36
N SER A 125 -15.37 29.29 -4.49
CA SER A 125 -16.01 28.65 -3.35
C SER A 125 -15.89 27.14 -3.45
N THR A 126 -14.74 26.67 -3.96
CA THR A 126 -14.49 25.24 -4.02
C THR A 126 -14.24 24.68 -2.62
N TYR A 127 -14.18 23.36 -2.54
CA TYR A 127 -14.12 22.68 -1.26
C TYR A 127 -12.91 23.14 -0.45
N GLY A 128 -13.15 23.58 0.78
CA GLY A 128 -12.07 24.06 1.62
C GLY A 128 -11.66 25.48 1.38
N TRP A 129 -12.48 26.28 0.68
CA TRP A 129 -12.09 27.63 0.32
C TRP A 129 -11.89 28.54 1.54
N ASN A 130 -12.46 28.20 2.69
CA ASN A 130 -12.38 29.07 3.84
C ASN A 130 -11.00 29.11 4.48
N ILE A 131 -10.12 28.18 4.13
CA ILE A 131 -8.77 28.15 4.69
C ILE A 131 -7.73 28.70 3.72
N VAL A 132 -8.17 29.33 2.64
CA VAL A 132 -7.28 29.84 1.59
C VAL A 132 -7.21 31.35 1.73
N LYS A 133 -5.99 31.88 1.72
CA LYS A 133 -5.76 33.31 1.69
C LYS A 133 -4.74 33.62 0.60
N LEU A 134 -5.19 34.23 -0.49
CA LEU A 134 -4.32 34.63 -1.58
C LEU A 134 -4.10 36.14 -1.49
N MET A 135 -2.84 36.55 -1.39
CA MET A 135 -2.46 37.95 -1.26
C MET A 135 -1.77 38.37 -2.54
N SER A 136 -2.29 39.44 -3.17
CA SER A 136 -1.67 40.00 -4.35
C SER A 136 -0.75 41.15 -3.98
N GLY A 137 0.02 41.60 -4.96
CA GLY A 137 0.94 42.70 -4.72
C GLY A 137 2.14 42.35 -3.87
N LYS A 138 2.52 41.07 -3.81
CA LYS A 138 3.67 40.62 -3.03
C LYS A 138 4.75 40.10 -3.96
N ASP A 139 5.98 40.56 -3.75
CA ASP A 139 7.13 40.08 -4.50
C ASP A 139 7.90 39.13 -3.58
N VAL A 140 7.83 37.82 -3.88
CA VAL A 140 8.34 36.82 -2.96
C VAL A 140 9.85 36.90 -2.80
N PHE A 141 10.54 37.60 -3.70
CA PHE A 141 11.99 37.73 -3.58
C PHE A 141 12.40 38.63 -2.42
N TYR A 142 11.46 39.38 -1.86
CA TYR A 142 11.71 40.18 -0.66
C TYR A 142 10.89 39.73 0.52
N LEU A 143 9.93 38.84 0.33
CA LEU A 143 9.10 38.36 1.42
C LEU A 143 9.95 37.49 2.35
N PRO A 144 9.97 37.79 3.65
CA PRO A 144 10.81 37.00 4.56
C PRO A 144 10.29 35.59 4.69
N PRO A 145 11.17 34.61 4.87
CA PRO A 145 10.72 33.22 5.01
C PRO A 145 9.89 33.01 6.27
N GLU A 146 8.97 32.06 6.17
CA GLU A 146 8.12 31.66 7.28
C GLU A 146 8.24 30.16 7.49
N LYS A 147 7.67 29.68 8.59
CA LYS A 147 7.60 28.24 8.85
C LYS A 147 6.39 27.67 8.13
N CYS A 148 6.62 26.67 7.28
CA CYS A 148 5.54 26.03 6.54
C CYS A 148 5.75 24.53 6.55
N ASP A 149 4.65 23.79 6.44
CA ASP A 149 4.73 22.35 6.31
C ASP A 149 4.81 21.90 4.87
N THR A 150 4.29 22.69 3.94
CA THR A 150 4.40 22.43 2.52
C THR A 150 4.74 23.74 1.81
N LEU A 151 5.66 23.68 0.85
CA LEU A 151 5.97 24.83 0.04
C LEU A 151 5.85 24.49 -1.43
N LEU A 152 5.04 25.26 -2.14
CA LEU A 152 4.82 25.08 -3.57
C LEU A 152 5.26 26.36 -4.28
N CYS A 153 6.29 26.25 -5.11
CA CYS A 153 6.77 27.38 -5.89
C CYS A 153 6.60 27.06 -7.37
N ASP A 154 5.92 27.93 -8.10
CA ASP A 154 5.69 27.76 -9.53
C ASP A 154 6.04 29.07 -10.24
N ILE A 155 7.24 29.58 -9.95
CA ILE A 155 7.71 30.85 -10.49
C ILE A 155 8.74 30.59 -11.57
N GLY A 156 8.65 31.34 -12.67
CA GLY A 156 9.60 31.27 -13.74
C GLY A 156 8.93 31.47 -15.08
N GLU A 157 9.45 32.39 -15.88
CA GLU A 157 8.88 32.72 -17.18
C GLU A 157 9.92 32.52 -18.26
N SER A 158 9.49 31.94 -19.37
CA SER A 158 10.41 31.51 -20.42
C SER A 158 10.83 32.69 -21.29
N SER A 159 12.10 32.69 -21.67
CA SER A 159 12.66 33.64 -22.61
C SER A 159 13.42 32.88 -23.69
N PRO A 160 13.48 33.41 -24.91
CA PRO A 160 14.19 32.71 -25.98
C PRO A 160 15.67 32.53 -25.72
N SER A 161 16.25 33.31 -24.81
CA SER A 161 17.68 33.20 -24.51
C SER A 161 17.88 32.24 -23.34
N PRO A 162 18.64 31.15 -23.51
CA PRO A 162 18.86 30.23 -22.40
C PRO A 162 19.58 30.86 -21.21
N THR A 163 20.41 31.87 -21.43
CA THR A 163 21.15 32.47 -20.32
C THR A 163 20.24 33.27 -19.39
N VAL A 164 19.28 33.99 -19.96
CA VAL A 164 18.30 34.70 -19.14
C VAL A 164 17.50 33.72 -18.29
N GLU A 165 17.06 32.62 -18.90
CA GLU A 165 16.32 31.60 -18.16
C GLU A 165 17.19 30.98 -17.07
N GLU A 166 18.48 30.78 -17.35
CA GLU A 166 19.38 30.25 -16.34
C GLU A 166 19.49 31.21 -15.15
N SER A 167 19.62 32.50 -15.43
CA SER A 167 19.70 33.49 -14.34
C SER A 167 18.42 33.50 -13.51
N ARG A 168 17.26 33.47 -14.19
CA ARG A 168 15.99 33.46 -13.46
C ARG A 168 15.84 32.20 -12.61
N THR A 169 16.22 31.05 -13.16
CA THR A 169 16.14 29.80 -12.42
C THR A 169 17.04 29.82 -11.20
N ILE A 170 18.27 30.34 -11.36
CA ILE A 170 19.18 30.42 -10.21
C ILE A 170 18.63 31.36 -9.15
N ARG A 171 18.02 32.47 -9.57
CA ARG A 171 17.42 33.38 -8.61
C ARG A 171 16.30 32.71 -7.82
N VAL A 172 15.44 31.96 -8.52
CA VAL A 172 14.36 31.25 -7.84
C VAL A 172 14.91 30.20 -6.88
N LEU A 173 15.94 29.46 -7.32
CA LEU A 173 16.51 28.42 -6.47
C LEU A 173 17.18 29.00 -5.23
N LYS A 174 17.78 30.18 -5.34
CA LYS A 174 18.36 30.83 -4.18
C LYS A 174 17.29 31.44 -3.28
N MET A 175 16.16 31.85 -3.86
CA MET A 175 15.08 32.40 -3.04
C MET A 175 14.41 31.31 -2.21
N VAL A 176 14.10 30.17 -2.82
CA VAL A 176 13.29 29.18 -2.11
C VAL A 176 14.07 28.40 -1.06
N GLU A 177 15.39 28.43 -1.10
CA GLU A 177 16.17 27.57 -0.21
C GLU A 177 15.96 27.87 1.27
N PRO A 178 15.99 29.13 1.74
CA PRO A 178 15.78 29.35 3.18
C PRO A 178 14.45 28.84 3.69
N TRP A 179 13.44 28.78 2.83
CA TRP A 179 12.11 28.33 3.24
C TRP A 179 12.05 26.83 3.56
N LEU A 180 13.00 26.04 3.08
CA LEU A 180 12.92 24.60 3.18
C LEU A 180 13.61 24.13 4.45
N LYS A 181 12.87 23.44 5.32
CA LYS A 181 13.45 22.81 6.51
C LYS A 181 12.62 21.56 6.82
N ASN A 182 13.06 20.42 6.28
CA ASN A 182 12.50 19.11 6.60
C ASN A 182 10.99 19.07 6.36
N ASN A 183 10.54 19.64 5.25
CA ASN A 183 9.12 19.72 4.92
C ASN A 183 8.91 19.25 3.48
N GLN A 184 7.65 19.22 3.06
CA GLN A 184 7.31 18.88 1.69
C GLN A 184 7.45 20.10 0.79
N PHE A 185 7.86 19.86 -0.45
CA PHE A 185 7.97 20.96 -1.40
C PHE A 185 7.75 20.47 -2.81
N CYS A 186 7.35 21.40 -3.67
CA CYS A 186 7.27 21.19 -5.11
C CYS A 186 7.65 22.50 -5.78
N ILE A 187 8.84 22.54 -6.39
CA ILE A 187 9.44 23.77 -6.87
C ILE A 187 9.73 23.64 -8.36
N LYS A 188 9.23 24.59 -9.15
CA LYS A 188 9.43 24.54 -10.59
C LYS A 188 10.83 25.03 -10.95
N VAL A 189 11.61 24.18 -11.59
CA VAL A 189 12.88 24.55 -12.19
C VAL A 189 12.62 24.79 -13.66
N LEU A 190 12.61 26.07 -14.06
CA LEU A 190 12.23 26.44 -15.41
C LEU A 190 13.24 25.91 -16.44
N ASN A 191 14.52 26.01 -16.14
CA ASN A 191 15.58 25.68 -17.09
C ASN A 191 16.58 24.79 -16.38
N PRO A 192 16.37 23.48 -16.38
CA PRO A 192 17.23 22.57 -15.62
C PRO A 192 18.41 21.98 -16.38
N TYR A 193 18.65 22.37 -17.63
CA TYR A 193 19.69 21.74 -18.43
C TYR A 193 20.98 22.55 -18.50
N MET A 194 21.01 23.78 -18.02
CA MET A 194 22.27 24.50 -18.01
C MET A 194 23.17 23.96 -16.90
N PRO A 195 24.48 23.86 -17.14
CA PRO A 195 25.36 23.21 -16.15
C PRO A 195 25.35 23.86 -14.77
N THR A 196 25.26 25.18 -14.70
CA THR A 196 25.26 25.85 -13.40
C THR A 196 23.98 25.54 -12.64
N VAL A 197 22.84 25.51 -13.33
CA VAL A 197 21.59 25.11 -12.70
C VAL A 197 21.70 23.67 -12.20
N ILE A 198 22.37 22.81 -12.97
CA ILE A 198 22.53 21.42 -12.56
C ILE A 198 23.36 21.32 -11.29
N GLU A 199 24.47 22.07 -11.22
CA GLU A 199 25.30 22.00 -10.03
C GLU A 199 24.58 22.57 -8.81
N HIS A 200 23.85 23.66 -8.98
CA HIS A 200 23.03 24.19 -7.89
C HIS A 200 22.00 23.17 -7.43
N LEU A 201 21.34 22.51 -8.38
CA LEU A 201 20.31 21.54 -8.04
C LEU A 201 20.90 20.33 -7.34
N GLU A 202 22.08 19.89 -7.76
CA GLU A 202 22.72 18.75 -7.09
C GLU A 202 23.10 19.10 -5.66
N ARG A 203 23.64 20.30 -5.46
CA ARG A 203 23.95 20.73 -4.09
C ARG A 203 22.68 20.83 -3.25
N LEU A 204 21.62 21.39 -3.82
CA LEU A 204 20.36 21.54 -3.10
C LEU A 204 19.75 20.19 -2.75
N GLN A 205 19.85 19.22 -3.65
CA GLN A 205 19.35 17.88 -3.37
C GLN A 205 20.20 17.18 -2.32
N ARG A 206 21.52 17.38 -2.38
CA ARG A 206 22.39 16.83 -1.34
C ARG A 206 22.05 17.39 0.03
N LYS A 207 21.59 18.63 0.09
CA LYS A 207 21.25 19.23 1.38
C LYS A 207 19.84 18.84 1.84
N HIS A 208 18.85 18.94 0.94
CA HIS A 208 17.45 18.82 1.31
C HIS A 208 16.75 17.58 0.80
N GLY A 209 17.28 16.91 -0.22
CA GLY A 209 16.65 15.74 -0.77
C GLY A 209 15.82 16.04 -2.01
N GLY A 210 14.89 15.13 -2.28
CA GLY A 210 13.99 15.30 -3.41
C GLY A 210 14.57 14.79 -4.72
N MET A 211 13.87 15.14 -5.79
CA MET A 211 14.24 14.65 -7.11
C MET A 211 13.61 15.54 -8.17
N LEU A 212 14.28 15.64 -9.31
CA LEU A 212 13.71 16.35 -10.47
C LEU A 212 12.84 15.39 -11.27
N VAL A 213 11.61 15.81 -11.54
CA VAL A 213 10.63 14.98 -12.22
C VAL A 213 9.96 15.80 -13.31
N ARG A 214 9.77 15.19 -14.47
CA ARG A 214 9.05 15.82 -15.56
C ARG A 214 7.57 15.48 -15.48
N ASN A 215 6.73 16.50 -15.60
CA ASN A 215 5.28 16.31 -15.58
C ASN A 215 4.78 16.09 -17.00
N PRO A 216 4.09 14.98 -17.29
CA PRO A 216 3.61 14.74 -18.65
C PRO A 216 2.58 15.74 -19.12
N LEU A 217 2.02 16.56 -18.23
CA LEU A 217 1.06 17.58 -18.63
C LEU A 217 1.75 18.83 -19.17
N SER A 218 3.06 18.95 -19.02
CA SER A 218 3.78 20.10 -19.55
C SER A 218 3.86 20.02 -21.08
N ARG A 219 3.81 21.19 -21.71
CA ARG A 219 3.92 21.26 -23.16
C ARG A 219 5.35 20.97 -23.60
N ASN A 220 5.50 20.64 -24.89
CA ASN A 220 6.82 20.38 -25.44
C ASN A 220 7.64 21.65 -25.63
N SER A 221 7.02 22.82 -25.56
CA SER A 221 7.71 24.08 -25.80
C SER A 221 8.46 24.59 -24.57
N THR A 222 8.51 23.81 -23.50
CA THR A 222 9.24 24.18 -22.30
C THR A 222 9.99 22.97 -21.77
N HIS A 223 11.14 23.22 -21.16
CA HIS A 223 11.99 22.18 -20.58
C HIS A 223 11.82 22.09 -19.07
N GLU A 224 10.78 22.69 -18.52
CA GLU A 224 10.64 22.80 -17.07
C GLU A 224 10.53 21.42 -16.43
N MET A 225 11.12 21.31 -15.24
CA MET A 225 10.99 20.12 -14.43
C MET A 225 10.62 20.57 -13.01
N TYR A 226 10.31 19.63 -12.14
CA TYR A 226 9.85 19.97 -10.81
C TYR A 226 10.68 19.23 -9.77
N TRP A 227 11.20 19.99 -8.82
CA TRP A 227 11.95 19.44 -7.69
C TRP A 227 10.94 19.08 -6.60
N ILE A 228 10.82 17.79 -6.32
CA ILE A 228 9.86 17.25 -5.36
C ILE A 228 10.61 16.73 -4.15
N SER A 229 9.88 16.57 -3.06
CA SER A 229 10.47 16.14 -1.79
C SER A 229 10.50 14.63 -1.63
N ASN A 230 9.51 13.91 -2.13
CA ASN A 230 9.39 12.47 -1.90
C ASN A 230 9.91 11.73 -3.12
N GLY A 231 11.22 11.68 -3.26
CA GLY A 231 11.83 10.96 -4.36
C GLY A 231 13.33 10.98 -4.23
N THR A 232 13.96 10.04 -4.96
CA THR A 232 15.40 9.96 -5.06
C THR A 232 15.75 9.61 -6.50
N GLY A 233 16.99 9.85 -6.87
CA GLY A 233 17.46 9.53 -8.19
C GLY A 233 18.59 10.43 -8.60
N ASN A 234 19.02 10.27 -9.85
CA ASN A 234 20.13 11.01 -10.42
C ASN A 234 19.58 12.16 -11.25
N ILE A 235 19.96 13.39 -10.89
CA ILE A 235 19.39 14.57 -11.55
C ILE A 235 19.87 14.69 -12.98
N VAL A 236 21.17 14.43 -13.22
CA VAL A 236 21.73 14.56 -14.56
C VAL A 236 21.05 13.58 -15.51
N SER A 237 20.81 12.35 -15.06
CA SER A 237 20.16 11.36 -15.91
C SER A 237 18.74 11.77 -16.25
N SER A 238 17.99 12.30 -15.29
CA SER A 238 16.61 12.72 -15.57
C SER A 238 16.58 13.89 -16.53
N VAL A 239 17.50 14.84 -16.36
CA VAL A 239 17.59 15.97 -17.29
C VAL A 239 17.91 15.47 -18.69
N ASN A 240 18.85 14.54 -18.81
CA ASN A 240 19.20 13.98 -20.11
C ASN A 240 18.02 13.24 -20.73
N MET A 241 17.27 12.50 -19.92
CA MET A 241 16.10 11.80 -20.42
C MET A 241 15.07 12.77 -20.97
N VAL A 242 14.83 13.87 -20.26
CA VAL A 242 13.87 14.86 -20.73
C VAL A 242 14.36 15.53 -22.00
N SER A 243 15.65 15.83 -22.09
CA SER A 243 16.19 16.43 -23.29
C SER A 243 16.05 15.51 -24.49
N ARG A 244 16.32 14.22 -24.30
CA ARG A 244 16.16 13.26 -25.40
C ARG A 244 14.70 13.10 -25.79
N LEU A 245 13.80 13.08 -24.81
CA LEU A 245 12.38 13.04 -25.10
C LEU A 245 11.97 14.24 -25.97
N LEU A 246 12.37 15.44 -25.56
CA LEU A 246 11.94 16.64 -26.27
C LEU A 246 12.57 16.71 -27.67
N LEU A 247 13.81 16.27 -27.81
CA LEU A 247 14.44 16.25 -29.12
C LEU A 247 13.77 15.24 -30.04
N ASN A 248 13.45 14.06 -29.52
CA ASN A 248 12.77 13.05 -30.31
C ASN A 248 11.37 13.51 -30.73
N ARG A 249 10.71 14.31 -29.89
CA ARG A 249 9.39 14.82 -30.25
C ARG A 249 9.42 15.69 -31.50
N PHE A 250 10.58 16.23 -31.87
CA PHE A 250 10.66 17.08 -33.04
C PHE A 250 10.34 16.32 -34.32
N THR A 251 10.82 15.09 -34.43
CA THR A 251 10.83 14.39 -35.71
C THR A 251 9.74 13.34 -35.86
N MET A 252 9.24 12.77 -34.77
CA MET A 252 8.29 11.68 -34.95
C MET A 252 6.95 12.24 -35.43
N THR A 253 6.10 11.34 -35.92
CA THR A 253 4.82 11.74 -36.49
C THR A 253 3.92 12.33 -35.41
N TYR A 254 3.11 13.32 -35.80
CA TYR A 254 2.25 14.01 -34.86
C TYR A 254 1.26 13.05 -34.21
N ARG A 255 1.07 13.21 -32.90
CA ARG A 255 0.09 12.44 -32.15
C ARG A 255 -0.84 13.40 -31.44
N ARG A 256 -2.14 13.09 -31.47
CA ARG A 256 -3.09 13.89 -30.72
C ARG A 256 -2.82 13.74 -29.23
N PRO A 257 -2.83 14.83 -28.47
CA PRO A 257 -2.56 14.73 -27.04
C PRO A 257 -3.60 13.88 -26.32
N THR A 258 -3.15 13.17 -25.30
CA THR A 258 -4.03 12.29 -24.53
C THR A 258 -4.95 13.13 -23.65
N ILE A 259 -6.21 13.24 -24.04
CA ILE A 259 -7.18 13.99 -23.25
C ILE A 259 -7.56 13.18 -22.02
N GLU A 260 -7.53 13.84 -20.86
CA GLU A 260 -8.00 13.26 -19.61
C GLU A 260 -8.88 14.28 -18.92
N LYS A 261 -9.88 13.79 -18.17
CA LYS A 261 -10.89 14.69 -17.64
C LYS A 261 -10.33 15.53 -16.50
N ASP A 262 -10.86 16.73 -16.35
CA ASP A 262 -10.32 17.71 -15.42
C ASP A 262 -10.70 17.37 -13.98
N VAL A 263 -9.92 17.91 -13.04
CA VAL A 263 -10.13 17.65 -11.63
C VAL A 263 -11.37 18.39 -11.15
N ASP A 264 -12.23 17.70 -10.40
CA ASP A 264 -13.39 18.29 -9.77
C ASP A 264 -13.02 18.72 -8.36
N LEU A 265 -13.17 20.01 -8.07
CA LEU A 265 -12.70 20.57 -6.81
C LEU A 265 -13.81 20.68 -5.76
N GLY A 266 -15.02 20.27 -6.08
CA GLY A 266 -16.07 20.23 -5.09
C GLY A 266 -16.59 21.60 -4.68
N ALA A 267 -17.12 21.66 -3.45
CA ALA A 267 -17.68 22.88 -2.91
C ALA A 267 -17.87 22.71 -1.41
N GLY A 268 -18.00 23.83 -0.72
CA GLY A 268 -18.28 23.83 0.70
C GLY A 268 -17.05 24.14 1.53
N THR A 269 -17.30 24.59 2.76
CA THR A 269 -16.23 24.91 3.68
C THR A 269 -15.68 23.65 4.34
N ARG A 270 -14.55 23.79 5.02
CA ARG A 270 -13.94 22.72 5.77
C ARG A 270 -13.83 23.12 7.23
N HIS A 271 -14.05 22.14 8.11
CA HIS A 271 -14.11 22.40 9.56
C HIS A 271 -12.75 22.13 10.19
N VAL A 272 -11.80 23.01 9.89
CA VAL A 272 -10.44 22.87 10.37
C VAL A 272 -9.97 24.19 10.96
N ASN A 273 -8.98 24.10 11.82
CA ASN A 273 -8.47 25.23 12.57
C ASN A 273 -7.10 24.86 13.14
N ALA A 274 -6.22 25.85 13.24
CA ALA A 274 -4.87 25.58 13.75
C ALA A 274 -4.44 26.61 14.78
N GLU A 275 -5.39 27.14 15.55
CA GLU A 275 -5.04 28.10 16.58
C GLU A 275 -4.21 27.43 17.67
N PRO A 276 -3.24 28.13 18.25
CA PRO A 276 -2.37 27.51 19.26
C PRO A 276 -3.09 27.31 20.59
N GLU A 277 -2.47 26.49 21.43
CA GLU A 277 -3.00 26.17 22.75
C GLU A 277 -2.51 27.18 23.78
N THR A 278 -3.41 27.59 24.67
CA THR A 278 -3.05 28.45 25.79
C THR A 278 -3.14 27.67 27.08
N PRO A 279 -2.02 27.37 27.74
CA PRO A 279 -2.08 26.56 28.96
C PRO A 279 -2.73 27.32 30.11
N ASN A 280 -3.27 26.55 31.06
CA ASN A 280 -3.84 27.15 32.26
C ASN A 280 -2.77 27.53 33.27
N MET A 281 -1.94 26.57 33.66
CA MET A 281 -0.75 26.76 34.49
C MET A 281 -1.12 27.07 35.93
N ASP A 282 -2.40 27.27 36.22
CA ASP A 282 -2.90 27.22 37.58
C ASP A 282 -3.50 25.87 37.92
N VAL A 283 -3.84 25.09 36.91
CA VAL A 283 -4.29 23.71 37.09
C VAL A 283 -3.16 22.72 36.83
N ILE A 284 -2.32 23.00 35.83
CA ILE A 284 -1.30 22.06 35.36
C ILE A 284 0.11 22.50 35.72
N GLY A 285 0.26 23.63 36.42
CA GLY A 285 1.60 24.09 36.75
C GLY A 285 2.34 23.19 37.71
N GLU A 286 1.63 22.66 38.71
CA GLU A 286 2.28 21.82 39.72
C GLU A 286 2.80 20.53 39.11
N ARG A 287 2.01 19.89 38.24
CA ARG A 287 2.46 18.66 37.59
C ARG A 287 3.71 18.90 36.76
N ILE A 288 3.72 19.99 36.00
CA ILE A 288 4.88 20.30 35.16
C ILE A 288 6.09 20.62 36.01
N ARG A 289 5.89 21.30 37.13
CA ARG A 289 7.01 21.59 38.02
C ARG A 289 7.60 20.30 38.59
N ARG A 290 6.73 19.37 38.99
CA ARG A 290 7.22 18.08 39.49
C ARG A 290 7.96 17.31 38.41
N ILE A 291 7.44 17.30 37.18
CA ILE A 291 8.09 16.60 36.09
C ILE A 291 9.46 17.19 35.82
N LYS A 292 9.55 18.52 35.77
CA LYS A 292 10.83 19.18 35.54
C LYS A 292 11.81 18.90 36.66
N GLU A 293 11.32 18.88 37.91
CA GLU A 293 12.19 18.60 39.04
C GLU A 293 12.70 17.17 39.01
N GLU A 294 11.89 16.23 38.48
CA GLU A 294 12.32 14.84 38.40
C GLU A 294 13.51 14.68 37.48
N HIS A 295 13.34 15.02 36.20
CA HIS A 295 14.40 14.89 35.20
C HIS A 295 15.13 16.22 35.01
N SER A 296 15.68 16.73 36.11
CA SER A 296 16.39 18.01 36.06
C SER A 296 17.73 17.88 35.34
N SER A 297 18.32 16.69 35.36
CA SER A 297 19.65 16.52 34.78
C SER A 297 19.66 16.80 33.28
N THR A 298 18.67 16.29 32.56
CA THR A 298 18.62 16.41 31.11
C THR A 298 17.43 17.23 30.62
N TRP A 299 16.77 17.97 31.50
CA TRP A 299 15.68 18.83 31.09
C TRP A 299 16.19 19.96 30.21
N HIS A 300 15.56 20.13 29.05
CA HIS A 300 15.89 21.23 28.15
C HIS A 300 14.62 21.66 27.44
N TYR A 301 14.74 22.76 26.68
CA TYR A 301 13.65 23.28 25.90
C TYR A 301 14.05 23.22 24.43
N ASP A 302 13.24 22.54 23.62
CA ASP A 302 13.56 22.28 22.22
C ASP A 302 12.77 23.22 21.33
N ASP A 303 13.47 23.97 20.48
CA ASP A 303 12.82 24.89 19.56
C ASP A 303 12.42 24.23 18.25
N GLU A 304 12.87 23.01 18.00
CA GLU A 304 12.49 22.26 16.80
C GLU A 304 11.26 21.40 17.03
N ASN A 305 10.55 21.60 18.13
CA ASN A 305 9.37 20.79 18.41
C ASN A 305 8.29 21.04 17.36
N PRO A 306 7.54 20.01 16.98
CA PRO A 306 6.56 20.15 15.89
C PRO A 306 5.14 20.48 16.32
N TYR A 307 4.91 20.81 17.59
CA TYR A 307 3.56 20.90 18.12
C TYR A 307 2.95 22.25 17.78
N LYS A 308 1.85 22.22 17.02
CA LYS A 308 1.19 23.43 16.55
C LYS A 308 -0.02 23.83 17.39
N THR A 309 -0.88 22.86 17.71
CA THR A 309 -2.10 23.13 18.46
C THR A 309 -2.02 22.65 19.90
N TRP A 310 -0.86 22.15 20.32
CA TRP A 310 -0.60 21.76 21.70
C TRP A 310 0.39 22.73 22.32
N ALA A 311 0.32 22.84 23.64
CA ALA A 311 1.29 23.64 24.39
C ALA A 311 2.48 22.78 24.74
N TYR A 312 3.67 23.27 24.47
CA TYR A 312 4.91 22.52 24.67
C TYR A 312 5.65 23.11 25.86
N HIS A 313 6.10 22.24 26.76
CA HIS A 313 6.71 22.69 28.01
C HIS A 313 8.17 22.30 28.16
N GLY A 314 8.62 21.23 27.54
CA GLY A 314 10.01 20.84 27.65
C GLY A 314 10.21 19.42 27.20
N SER A 315 11.47 18.98 27.25
CA SER A 315 11.83 17.65 26.83
C SER A 315 12.96 17.13 27.71
N TYR A 316 13.15 15.81 27.68
CA TYR A 316 14.30 15.20 28.33
C TYR A 316 14.62 13.88 27.64
N GLU A 317 15.90 13.50 27.67
CA GLU A 317 16.33 12.33 26.91
C GLU A 317 15.87 11.04 27.56
N VAL A 318 15.31 10.13 26.75
CA VAL A 318 14.85 8.82 27.20
C VAL A 318 15.36 7.77 26.21
N LYS A 319 15.09 6.51 26.54
CA LYS A 319 15.39 5.38 25.66
C LYS A 319 14.09 4.92 25.01
N ALA A 320 14.12 4.82 23.68
CA ALA A 320 12.89 4.64 22.91
C ALA A 320 12.24 3.28 23.20
N THR A 321 10.92 3.27 23.20
CA THR A 321 10.12 2.06 23.32
C THR A 321 9.23 1.90 22.09
N GLY A 322 8.57 0.75 22.01
CA GLY A 322 7.78 0.41 20.84
C GLY A 322 8.57 -0.37 19.82
N SER A 323 7.84 -1.03 18.92
CA SER A 323 8.44 -1.83 17.88
C SER A 323 7.62 -1.69 16.61
N ALA A 324 8.20 -2.16 15.50
CA ALA A 324 7.55 -2.07 14.19
C ALA A 324 7.75 -3.35 13.39
N SER A 325 7.84 -4.49 14.06
CA SER A 325 8.16 -5.76 13.42
C SER A 325 6.99 -6.73 13.54
N SER A 326 6.94 -7.68 12.61
CA SER A 326 5.91 -8.70 12.57
C SER A 326 6.55 -10.07 12.42
N MET A 327 5.91 -11.08 12.97
CA MET A 327 6.34 -12.46 12.87
C MET A 327 5.37 -13.22 11.99
N ILE A 328 5.90 -14.07 11.11
CA ILE A 328 5.09 -14.84 10.19
C ILE A 328 4.66 -16.13 10.89
N ASN A 329 3.37 -16.45 10.78
CA ASN A 329 2.82 -17.66 11.38
C ASN A 329 2.95 -18.79 10.36
N GLY A 330 3.88 -19.72 10.61
CA GLY A 330 4.21 -20.70 9.60
C GLY A 330 3.09 -21.67 9.27
N VAL A 331 2.39 -22.15 10.29
CA VAL A 331 1.36 -23.17 10.06
C VAL A 331 0.21 -22.60 9.25
N VAL A 332 -0.23 -21.38 9.58
CA VAL A 332 -1.34 -20.77 8.83
C VAL A 332 -0.89 -20.43 7.41
N LYS A 333 0.36 -20.02 7.24
CA LYS A 333 0.82 -19.61 5.93
C LYS A 333 1.01 -20.81 5.00
N LEU A 334 1.50 -21.93 5.52
CA LEU A 334 1.70 -23.11 4.69
C LEU A 334 0.40 -23.78 4.29
N LEU A 335 -0.68 -23.50 5.01
CA LEU A 335 -1.97 -24.13 4.75
C LEU A 335 -2.96 -23.19 4.07
N THR A 336 -2.54 -21.98 3.73
CA THR A 336 -3.36 -21.00 3.01
C THR A 336 -2.61 -20.50 1.79
N LYS A 337 -2.07 -21.43 1.01
CA LYS A 337 -1.25 -21.07 -0.14
C LYS A 337 -1.96 -20.21 -1.18
N PRO A 338 -3.22 -20.45 -1.55
CA PRO A 338 -3.85 -19.60 -2.58
C PRO A 338 -3.89 -18.12 -2.24
N TRP A 339 -3.68 -17.76 -0.97
CA TRP A 339 -3.71 -16.37 -0.55
C TRP A 339 -2.33 -15.74 -0.52
N ASP A 340 -1.30 -16.48 -0.96
CA ASP A 340 0.04 -15.91 -1.05
C ASP A 340 0.14 -14.85 -2.15
N VAL A 341 -0.84 -14.78 -3.04
CA VAL A 341 -0.83 -13.83 -4.14
C VAL A 341 -1.84 -12.72 -3.95
N VAL A 342 -2.60 -12.73 -2.86
CA VAL A 342 -3.62 -11.73 -2.61
C VAL A 342 -2.99 -10.58 -1.81
N PRO A 343 -2.90 -9.38 -2.37
CA PRO A 343 -2.23 -8.28 -1.65
C PRO A 343 -2.89 -7.93 -0.32
N THR A 344 -4.20 -8.02 -0.21
CA THR A 344 -4.87 -7.71 1.05
C THR A 344 -4.50 -8.71 2.14
N VAL A 345 -3.98 -9.87 1.78
CA VAL A 345 -3.55 -10.87 2.76
C VAL A 345 -2.08 -10.75 3.08
N THR A 346 -1.24 -10.60 2.06
CA THR A 346 0.21 -10.62 2.24
C THR A 346 0.79 -9.28 2.69
N GLN A 347 0.04 -8.19 2.58
CA GLN A 347 0.52 -6.87 2.99
C GLN A 347 0.10 -6.52 4.41
N MET A 348 -0.55 -7.43 5.12
CA MET A 348 -0.88 -7.20 6.52
C MET A 348 0.40 -7.18 7.36
N ALA A 349 0.47 -6.24 8.29
CA ALA A 349 1.64 -6.07 9.14
C ALA A 349 1.18 -5.54 10.48
N MET A 350 2.12 -5.34 11.40
CA MET A 350 1.82 -4.70 12.66
C MET A 350 2.04 -3.20 12.54
N THR A 351 1.20 -2.44 13.24
CA THR A 351 1.31 -0.99 13.20
C THR A 351 2.62 -0.54 13.83
N ASP A 352 3.13 0.60 13.34
CA ASP A 352 4.39 1.15 13.82
C ASP A 352 4.10 1.94 15.09
N THR A 353 4.63 1.45 16.21
CA THR A 353 4.46 2.10 17.51
C THR A 353 5.77 2.66 18.05
N THR A 354 6.79 2.75 17.19
CA THR A 354 8.03 3.42 17.55
C THR A 354 7.79 4.93 17.65
N PRO A 355 8.71 5.67 18.26
CA PRO A 355 8.53 7.13 18.33
C PRO A 355 8.32 7.79 16.99
N PHE A 356 8.92 7.27 15.92
CA PHE A 356 8.65 7.79 14.58
C PHE A 356 7.18 7.63 14.21
N GLY A 357 6.64 6.43 14.40
CA GLY A 357 5.24 6.19 14.07
C GLY A 357 4.30 6.96 14.97
N GLN A 358 4.61 7.04 16.26
CA GLN A 358 3.80 7.83 17.17
C GLN A 358 3.80 9.30 16.77
N GLN A 359 4.95 9.82 16.37
CA GLN A 359 5.02 11.22 15.94
C GLN A 359 4.23 11.44 14.66
N ARG A 360 4.25 10.46 13.74
CA ARG A 360 3.44 10.63 12.52
C ARG A 360 1.95 10.62 12.84
N VAL A 361 1.51 9.73 13.73
CA VAL A 361 0.11 9.71 14.13
C VAL A 361 -0.27 11.03 14.80
N PHE A 362 0.60 11.53 15.66
CA PHE A 362 0.35 12.82 16.30
C PHE A 362 0.22 13.94 15.27
N LYS A 363 1.12 13.95 14.27
CA LYS A 363 1.10 15.02 13.28
C LYS A 363 -0.16 14.96 12.43
N GLU A 364 -0.60 13.75 12.07
CA GLU A 364 -1.81 13.63 11.26
C GLU A 364 -3.07 13.93 12.07
N LYS A 365 -3.32 13.14 13.11
CA LYS A 365 -4.59 13.17 13.82
C LYS A 365 -4.55 14.08 15.05
N VAL A 366 -3.66 13.78 16.00
CA VAL A 366 -3.79 14.33 17.34
C VAL A 366 -3.48 15.82 17.35
N ASP A 367 -2.47 16.25 16.58
CA ASP A 367 -2.07 17.65 16.58
C ASP A 367 -2.94 18.48 15.66
N THR A 368 -4.26 18.42 15.85
CA THR A 368 -5.20 19.24 15.10
C THR A 368 -6.14 19.93 16.09
N ARG A 369 -6.92 20.87 15.57
CA ARG A 369 -7.91 21.59 16.36
C ARG A 369 -9.22 21.63 15.59
N THR A 370 -10.31 21.68 16.34
CA THR A 370 -11.63 21.79 15.75
C THR A 370 -12.30 23.09 16.18
N PRO A 371 -12.92 23.81 15.26
CA PRO A 371 -13.49 25.12 15.60
C PRO A 371 -14.65 25.00 16.58
N LYS A 372 -14.91 26.11 17.26
CA LYS A 372 -16.04 26.19 18.19
C LYS A 372 -17.36 26.07 17.43
N PRO A 373 -18.35 25.41 18.01
CA PRO A 373 -19.68 25.40 17.41
C PRO A 373 -20.35 26.76 17.58
N MET A 374 -21.32 27.02 16.70
CA MET A 374 -22.08 28.24 16.80
C MET A 374 -22.98 28.20 18.04
N PRO A 375 -23.44 29.36 18.53
CA PRO A 375 -24.20 29.36 19.79
C PRO A 375 -25.44 28.49 19.78
N GLY A 376 -26.15 28.41 18.66
CA GLY A 376 -27.32 27.55 18.60
C GLY A 376 -26.96 26.07 18.74
N THR A 377 -25.87 25.66 18.11
CA THR A 377 -25.40 24.29 18.25
C THR A 377 -25.05 23.99 19.71
N ARG A 378 -24.35 24.91 20.37
CA ARG A 378 -23.99 24.73 21.77
C ARG A 378 -25.23 24.62 22.64
N LYS A 379 -26.24 25.44 22.37
CA LYS A 379 -27.47 25.39 23.17
C LYS A 379 -28.20 24.07 22.97
N VAL A 380 -28.33 23.61 21.72
CA VAL A 380 -28.96 22.32 21.45
C VAL A 380 -28.21 21.21 22.15
N MET A 381 -26.87 21.26 22.10
CA MET A 381 -26.07 20.23 22.75
C MET A 381 -26.29 20.23 24.25
N GLU A 382 -26.35 21.40 24.87
CA GLU A 382 -26.59 21.49 26.31
C GLU A 382 -27.93 20.88 26.68
N ILE A 383 -28.98 21.24 25.94
CA ILE A 383 -30.32 20.71 26.25
C ILE A 383 -30.35 19.20 26.07
N THR A 384 -29.82 18.71 24.95
CA THR A 384 -29.85 17.28 24.66
C THR A 384 -29.05 16.50 25.69
N ALA A 385 -27.88 17.00 26.08
CA ALA A 385 -27.06 16.31 27.07
C ALA A 385 -27.77 16.25 28.42
N GLY A 386 -28.40 17.35 28.83
CA GLY A 386 -29.14 17.32 30.09
C GLY A 386 -30.26 16.30 30.05
N TRP A 387 -31.06 16.31 28.98
CA TRP A 387 -32.16 15.35 28.88
C TRP A 387 -31.64 13.92 28.84
N LEU A 388 -30.55 13.68 28.12
CA LEU A 388 -30.02 12.32 28.00
C LEU A 388 -29.46 11.82 29.32
N TRP A 389 -28.80 12.69 30.08
CA TRP A 389 -28.32 12.27 31.40
C TRP A 389 -29.46 11.99 32.34
N ARG A 390 -30.54 12.79 32.26
CA ARG A 390 -31.71 12.50 33.09
C ARG A 390 -32.37 11.19 32.70
N THR A 391 -32.41 10.90 31.39
CA THR A 391 -33.00 9.65 30.92
C THR A 391 -32.17 8.44 31.36
N LEU A 392 -30.83 8.57 31.32
CA LEU A 392 -29.98 7.43 31.62
C LEU A 392 -30.00 7.08 33.10
N GLY A 393 -30.23 8.04 33.97
CA GLY A 393 -30.25 7.78 35.39
C GLY A 393 -31.63 7.74 36.00
N ARG A 394 -32.62 7.34 35.22
CA ARG A 394 -33.99 7.28 35.73
C ARG A 394 -34.13 6.20 36.81
N ASN A 395 -33.48 5.05 36.63
CA ASN A 395 -33.54 3.97 37.59
C ASN A 395 -32.24 3.77 38.37
N LYS A 396 -31.16 4.45 37.99
CA LYS A 396 -29.86 4.24 38.58
C LYS A 396 -29.34 5.53 39.19
N ARG A 397 -28.64 5.40 40.29
CA ARG A 397 -27.99 6.56 40.87
C ARG A 397 -26.47 6.41 40.80
N PRO A 398 -25.75 7.50 40.55
CA PRO A 398 -24.30 7.44 40.63
C PRO A 398 -23.85 7.04 42.02
N ARG A 399 -22.74 6.30 42.07
CA ARG A 399 -22.22 5.81 43.34
C ARG A 399 -20.72 5.71 43.25
N LEU A 400 -20.07 5.71 44.41
CA LEU A 400 -18.62 5.56 44.46
C LEU A 400 -18.23 4.10 44.35
N CYS A 401 -17.20 3.84 43.55
CA CYS A 401 -16.59 2.52 43.50
C CYS A 401 -15.44 2.47 44.49
N THR A 402 -15.24 1.29 45.08
CA THR A 402 -14.34 1.16 46.21
C THR A 402 -13.04 0.47 45.80
N ARG A 403 -12.05 0.55 46.70
CA ARG A 403 -10.79 -0.15 46.48
C ARG A 403 -10.95 -1.66 46.43
N GLU A 404 -12.00 -2.20 47.06
CA GLU A 404 -12.25 -3.63 46.96
C GLU A 404 -12.61 -4.04 45.53
N GLU A 405 -13.47 -3.26 44.87
CA GLU A 405 -13.84 -3.55 43.49
C GLU A 405 -12.65 -3.37 42.56
N PHE A 406 -11.84 -2.33 42.78
CA PHE A 406 -10.66 -2.13 41.95
C PHE A 406 -9.67 -3.27 42.11
N THR A 407 -9.41 -3.68 43.35
CA THR A 407 -8.52 -4.83 43.58
C THR A 407 -9.10 -6.09 42.94
N LYS A 408 -10.42 -6.22 42.96
CA LYS A 408 -11.07 -7.40 42.42
C LYS A 408 -11.02 -7.41 40.89
N LYS A 409 -10.95 -6.23 40.27
CA LYS A 409 -11.10 -6.07 38.83
C LYS A 409 -9.79 -5.90 38.08
N VAL A 410 -8.78 -5.28 38.68
CA VAL A 410 -7.58 -4.90 37.94
C VAL A 410 -6.84 -6.15 37.45
N ARG A 411 -6.34 -6.07 36.22
CA ARG A 411 -5.54 -7.16 35.67
C ARG A 411 -4.20 -7.24 36.38
N THR A 412 -3.69 -8.46 36.51
CA THR A 412 -2.43 -8.67 37.21
C THR A 412 -1.27 -7.98 36.49
N ASN A 413 -1.27 -8.03 35.17
CA ASN A 413 -0.19 -7.48 34.36
C ASN A 413 -0.52 -6.12 33.78
N ALA A 414 -1.49 -5.41 34.36
CA ALA A 414 -1.80 -4.07 33.90
C ALA A 414 -0.61 -3.15 34.10
N ALA A 415 -0.41 -2.23 33.16
CA ALA A 415 0.74 -1.35 33.21
C ALA A 415 0.67 -0.45 34.42
N MET A 416 1.77 -0.38 35.17
CA MET A 416 1.85 0.57 36.28
C MET A 416 1.83 2.00 35.78
N GLY A 417 2.48 2.27 34.64
CA GLY A 417 2.50 3.60 34.08
C GLY A 417 3.13 4.64 34.96
N ALA A 418 4.14 4.26 35.74
CA ALA A 418 4.72 5.17 36.71
C ALA A 418 5.42 6.33 36.02
N VAL A 419 5.21 7.53 36.54
CA VAL A 419 5.83 8.74 36.03
C VAL A 419 6.86 9.28 37.00
N PHE A 420 6.54 9.32 38.28
CA PHE A 420 7.43 9.81 39.31
C PHE A 420 8.07 8.65 40.05
N THR A 421 9.22 8.93 40.67
CA THR A 421 10.04 7.85 41.23
C THR A 421 9.31 7.13 42.36
N GLU A 422 8.58 7.87 43.21
CA GLU A 422 7.91 7.25 44.34
C GLU A 422 6.79 6.31 43.93
N GLU A 423 6.37 6.34 42.67
CA GLU A 423 5.38 5.40 42.16
C GLU A 423 6.02 4.16 41.53
N ASN A 424 7.33 4.15 41.32
CA ASN A 424 8.00 3.07 40.62
C ASN A 424 8.70 2.13 41.61
N GLN A 425 7.90 1.46 42.44
CA GLN A 425 8.46 0.39 43.27
C GLN A 425 7.55 -0.83 43.33
N TRP A 426 6.79 -1.08 42.28
CA TRP A 426 6.01 -2.30 42.15
C TRP A 426 6.19 -2.85 40.74
N ASP A 427 6.32 -4.17 40.64
CA ASP A 427 6.60 -4.80 39.36
C ASP A 427 5.31 -5.12 38.61
N SER A 428 4.27 -5.53 39.32
CA SER A 428 2.97 -5.82 38.72
C SER A 428 1.90 -4.99 39.41
N ALA A 429 0.75 -4.90 38.75
CA ALA A 429 -0.39 -4.22 39.35
C ALA A 429 -0.94 -4.98 40.55
N ARG A 430 -0.85 -6.32 40.51
CA ARG A 430 -1.31 -7.12 41.65
C ARG A 430 -0.50 -6.81 42.89
N ALA A 431 0.83 -6.71 42.75
CA ALA A 431 1.67 -6.37 43.89
C ALA A 431 1.36 -4.98 44.41
N ALA A 432 1.04 -4.05 43.51
CA ALA A 432 0.74 -2.68 43.93
C ALA A 432 -0.56 -2.61 44.70
N VAL A 433 -1.63 -3.21 44.18
CA VAL A 433 -2.90 -3.18 44.90
C VAL A 433 -2.86 -4.02 46.15
N GLU A 434 -1.92 -4.97 46.25
CA GLU A 434 -1.74 -5.69 47.50
C GLU A 434 -0.99 -4.87 48.54
N ASP A 435 -0.11 -3.98 48.10
CA ASP A 435 0.71 -3.20 49.02
C ASP A 435 -0.13 -2.13 49.73
N GLU A 436 0.40 -1.66 50.87
CA GLU A 436 -0.25 -0.60 51.63
C GLU A 436 0.34 0.77 51.38
N GLU A 437 1.51 0.86 50.75
CA GLU A 437 2.08 2.15 50.39
C GLU A 437 1.40 2.73 49.15
N PHE A 438 0.99 1.86 48.23
CA PHE A 438 0.25 2.30 47.05
C PHE A 438 -1.00 3.07 47.44
N TRP A 439 -1.77 2.52 48.39
CA TRP A 439 -2.99 3.20 48.79
C TRP A 439 -2.70 4.47 49.59
N LYS A 440 -1.53 4.58 50.20
CA LYS A 440 -1.14 5.84 50.84
C LYS A 440 -0.86 6.91 49.79
N LEU A 441 -0.17 6.54 48.71
CA LEU A 441 -0.02 7.47 47.59
C LEU A 441 -1.37 7.89 47.05
N VAL A 442 -2.28 6.92 46.88
CA VAL A 442 -3.61 7.23 46.37
C VAL A 442 -4.35 8.17 47.32
N ASP A 443 -4.21 7.94 48.62
CA ASP A 443 -4.89 8.80 49.60
C ASP A 443 -4.35 10.22 49.57
N ARG A 444 -3.04 10.40 49.45
CA ARG A 444 -2.54 11.77 49.40
C ARG A 444 -2.99 12.47 48.13
N GLU A 445 -3.00 11.77 46.99
CA GLU A 445 -3.49 12.42 45.78
C GLU A 445 -4.99 12.71 45.87
N ARG A 446 -5.76 11.84 46.53
CA ARG A 446 -7.18 12.11 46.72
C ARG A 446 -7.42 13.30 47.65
N GLU A 447 -6.56 13.45 48.67
CA GLU A 447 -6.66 14.62 49.54
C GLU A 447 -6.35 15.90 48.78
N LEU A 448 -5.39 15.83 47.85
CA LEU A 448 -5.16 16.96 46.95
C LEU A 448 -6.38 17.22 46.07
N HIS A 449 -7.01 16.16 45.56
CA HIS A 449 -8.18 16.31 44.70
C HIS A 449 -9.34 16.98 45.43
N LYS A 450 -9.52 16.63 46.71
CA LYS A 450 -10.64 17.20 47.48
C LYS A 450 -10.52 18.71 47.62
N GLN A 451 -9.30 19.25 47.56
CA GLN A 451 -9.08 20.69 47.59
C GLN A 451 -9.09 21.31 46.20
N GLY A 452 -9.41 20.54 45.16
CA GLY A 452 -9.42 21.05 43.82
C GLY A 452 -8.05 21.22 43.18
N LYS A 453 -7.09 20.37 43.55
CA LYS A 453 -5.74 20.45 43.01
C LYS A 453 -5.28 19.07 42.57
N CYS A 454 -4.44 19.06 41.53
CA CYS A 454 -3.86 17.84 41.02
C CYS A 454 -2.35 17.98 40.99
N GLY A 455 -1.65 16.91 41.36
CA GLY A 455 -0.19 16.98 41.40
C GLY A 455 0.54 15.84 40.73
N SER A 456 -0.14 14.74 40.41
CA SER A 456 0.57 13.58 39.88
C SER A 456 -0.18 12.84 38.77
N CYS A 457 -1.21 13.44 38.17
CA CYS A 457 -1.99 12.76 37.14
C CYS A 457 -1.47 13.17 35.76
N VAL A 458 -0.51 12.39 35.26
CA VAL A 458 0.13 12.64 33.98
C VAL A 458 -0.15 11.46 33.05
N TYR A 459 -0.37 11.74 31.77
CA TYR A 459 -0.69 10.72 30.79
C TYR A 459 0.58 10.23 30.11
N ASN A 460 0.89 8.95 30.26
CA ASN A 460 1.77 8.28 29.32
C ASN A 460 1.03 8.07 28.02
N MET A 461 1.74 8.21 26.90
CA MET A 461 1.16 7.98 25.59
C MET A 461 1.93 6.90 24.86
N MET A 462 1.21 5.93 24.31
CA MET A 462 1.80 4.90 23.48
C MET A 462 0.99 4.77 22.20
N GLY A 463 1.42 3.88 21.32
CA GLY A 463 0.70 3.57 20.11
C GLY A 463 -0.03 2.25 20.26
N LYS A 464 -1.17 2.15 19.58
CA LYS A 464 -1.90 0.89 19.57
C LYS A 464 -1.15 -0.11 18.70
N ARG A 465 -0.93 -1.30 19.24
CA ARG A 465 -0.21 -2.36 18.55
C ARG A 465 -1.23 -3.34 18.01
N GLU A 466 -1.49 -3.27 16.71
CA GLU A 466 -2.52 -4.10 16.10
C GLU A 466 -2.10 -4.44 14.67
N LYS A 467 -2.96 -5.16 13.98
CA LYS A 467 -2.70 -5.63 12.63
C LYS A 467 -3.42 -4.74 11.62
N LYS A 468 -2.71 -4.34 10.58
CA LYS A 468 -3.19 -3.32 9.65
C LYS A 468 -2.53 -3.53 8.31
N LEU A 469 -3.21 -3.09 7.25
CA LEU A 469 -2.61 -3.14 5.92
C LEU A 469 -1.50 -2.11 5.80
N GLY A 470 -0.37 -2.52 5.26
CA GLY A 470 0.77 -1.63 5.09
C GLY A 470 1.55 -1.99 3.84
N GLU A 471 2.84 -1.67 3.86
CA GLU A 471 3.74 -2.02 2.77
C GLU A 471 5.17 -2.00 3.28
N PHE A 472 6.02 -2.81 2.65
CA PHE A 472 7.42 -2.96 3.03
C PHE A 472 7.56 -3.46 4.46
N GLY A 473 6.60 -4.28 4.91
CA GLY A 473 6.68 -4.91 6.21
C GLY A 473 6.21 -4.08 7.38
N LYS A 474 5.72 -2.87 7.14
CA LYS A 474 5.25 -2.00 8.20
C LYS A 474 3.86 -1.48 7.87
N ALA A 475 3.12 -1.12 8.90
CA ALA A 475 1.84 -0.46 8.75
C ALA A 475 1.88 0.88 9.46
N LYS A 476 1.07 1.81 8.97
CA LYS A 476 0.98 3.12 9.61
C LYS A 476 0.40 2.96 11.02
N GLY A 477 0.91 3.74 11.95
CA GLY A 477 0.31 3.79 13.27
C GLY A 477 -1.13 4.21 13.17
N SER A 478 -2.02 3.58 13.93
CA SER A 478 -3.44 3.81 13.78
C SER A 478 -3.99 4.84 14.77
N ARG A 479 -3.50 4.85 16.00
CA ARG A 479 -4.08 5.72 17.02
C ARG A 479 -3.09 5.89 18.16
N ALA A 480 -3.40 6.86 19.02
CA ALA A 480 -2.66 7.10 20.24
C ALA A 480 -3.49 6.62 21.43
N ILE A 481 -2.83 5.93 22.36
CA ILE A 481 -3.46 5.45 23.59
C ILE A 481 -2.87 6.24 24.75
N TRP A 482 -3.74 6.79 25.60
CA TRP A 482 -3.31 7.61 26.71
C TRP A 482 -3.66 6.86 27.98
N TYR A 483 -2.76 6.87 28.97
CA TYR A 483 -3.11 6.25 30.24
C TYR A 483 -2.30 6.88 31.36
N MET A 484 -2.93 7.09 32.51
CA MET A 484 -2.24 7.63 33.66
C MET A 484 -1.68 6.51 34.51
N TRP A 485 -0.99 6.89 35.59
CA TRP A 485 -0.48 5.95 36.57
C TRP A 485 -1.62 5.15 37.19
N LEU A 486 -1.28 3.98 37.72
CA LEU A 486 -2.31 3.08 38.24
C LEU A 486 -3.12 3.72 39.37
N GLY A 487 -2.49 4.55 40.20
CA GLY A 487 -3.25 5.24 41.24
C GLY A 487 -4.21 6.27 40.66
N ALA A 488 -3.79 6.99 39.63
CA ALA A 488 -4.70 7.92 38.96
C ALA A 488 -5.83 7.18 38.26
N ARG A 489 -5.52 6.03 37.66
CA ARG A 489 -6.57 5.21 37.06
C ARG A 489 -7.55 4.72 38.11
N TYR A 490 -7.06 4.37 39.30
CA TYR A 490 -7.96 4.01 40.38
C TYR A 490 -8.83 5.19 40.79
N LEU A 491 -8.26 6.39 40.86
CA LEU A 491 -9.05 7.54 41.27
C LEU A 491 -10.17 7.83 40.27
N GLU A 492 -9.86 7.74 38.98
CA GLU A 492 -10.92 7.97 38.00
C GLU A 492 -11.91 6.81 37.96
N PHE A 493 -11.47 5.59 38.27
CA PHE A 493 -12.40 4.47 38.44
C PHE A 493 -13.34 4.72 39.60
N GLU A 494 -12.81 5.21 40.72
CA GLU A 494 -13.63 5.50 41.89
C GLU A 494 -14.64 6.60 41.61
N ALA A 495 -14.21 7.64 40.90
CA ALA A 495 -15.13 8.74 40.62
C ALA A 495 -16.18 8.36 39.58
N LEU A 496 -15.77 7.71 38.48
CA LEU A 496 -16.63 7.53 37.32
C LEU A 496 -16.81 6.08 36.89
N GLY A 497 -16.35 5.12 37.68
CA GLY A 497 -16.45 3.73 37.26
C GLY A 497 -17.84 3.15 37.36
N PHE A 498 -18.77 3.84 38.03
CA PHE A 498 -20.13 3.34 38.14
C PHE A 498 -20.81 3.26 36.79
N LEU A 499 -20.36 4.05 35.80
CA LEU A 499 -20.96 3.98 34.48
C LEU A 499 -20.77 2.62 33.85
N ASN A 500 -19.61 1.99 34.06
CA ASN A 500 -19.33 0.67 33.54
C ASN A 500 -19.86 -0.43 34.44
N GLU A 501 -19.68 -0.29 35.76
CA GLU A 501 -20.05 -1.36 36.67
C GLU A 501 -21.56 -1.48 36.88
N ASP A 502 -22.31 -0.39 36.70
CA ASP A 502 -23.76 -0.43 36.79
C ASP A 502 -24.42 -0.59 35.42
N HIS A 503 -23.64 -0.69 34.35
CA HIS A 503 -24.16 -0.91 33.00
C HIS A 503 -25.12 0.20 32.58
N TRP A 504 -24.61 1.43 32.59
CA TRP A 504 -25.44 2.57 32.23
C TRP A 504 -25.71 2.66 30.74
N PHE A 505 -24.88 2.03 29.91
CA PHE A 505 -25.02 2.11 28.46
C PHE A 505 -25.37 0.78 27.84
N SER A 506 -25.89 -0.15 28.63
CA SER A 506 -26.45 -1.39 28.09
C SER A 506 -27.72 -1.08 27.30
N ARG A 507 -28.16 -2.07 26.53
CA ARG A 507 -29.33 -1.87 25.68
C ARG A 507 -30.59 -1.64 26.53
N GLU A 508 -30.68 -2.31 27.67
CA GLU A 508 -31.87 -2.17 28.52
C GLU A 508 -31.99 -0.75 29.08
N ASN A 509 -30.87 -0.13 29.44
CA ASN A 509 -30.90 1.14 30.14
C ASN A 509 -30.82 2.35 29.22
N SER A 510 -30.11 2.24 28.09
CA SER A 510 -29.85 3.39 27.24
C SER A 510 -30.67 3.40 25.95
N TYR A 511 -31.33 2.30 25.62
CA TYR A 511 -32.23 2.16 24.47
C TYR A 511 -31.49 2.15 23.14
N SER A 512 -30.21 2.51 23.14
CA SER A 512 -29.43 2.50 21.92
C SER A 512 -28.01 1.98 22.10
N GLY A 513 -27.50 1.90 23.32
CA GLY A 513 -26.20 1.31 23.53
C GLY A 513 -26.23 -0.20 23.34
N VAL A 514 -25.07 -0.76 23.09
CA VAL A 514 -24.94 -2.21 22.90
C VAL A 514 -23.86 -2.74 23.83
N GLU A 515 -23.64 -2.07 24.96
CA GLU A 515 -22.57 -2.46 25.85
C GLU A 515 -22.86 -3.82 26.48
N GLY A 516 -21.86 -4.70 26.46
CA GLY A 516 -22.01 -6.01 27.05
C GLY A 516 -22.74 -7.02 26.21
N GLU A 517 -22.88 -6.77 24.91
CA GLU A 517 -23.67 -7.63 24.05
C GLU A 517 -22.83 -8.77 23.45
N GLY A 518 -21.77 -8.44 22.75
CA GLY A 518 -20.99 -9.47 22.09
C GLY A 518 -21.23 -9.40 20.60
N LEU A 519 -20.15 -9.57 19.84
CA LEU A 519 -20.20 -9.33 18.40
C LEU A 519 -21.20 -10.26 17.72
N HIS A 520 -21.15 -11.54 18.03
CA HIS A 520 -21.99 -12.51 17.33
C HIS A 520 -23.48 -12.24 17.56
N LYS A 521 -23.84 -11.56 18.65
CA LYS A 521 -25.22 -11.24 18.95
C LYS A 521 -25.64 -9.86 18.46
N LEU A 522 -24.77 -9.14 17.75
CA LEU A 522 -25.12 -7.79 17.33
C LEU A 522 -26.09 -7.79 16.15
N GLY A 523 -25.96 -8.77 15.24
CA GLY A 523 -26.79 -8.78 14.05
C GLY A 523 -28.27 -8.84 14.37
N TYR A 524 -28.64 -9.64 15.38
CA TYR A 524 -30.02 -9.68 15.83
C TYR A 524 -30.52 -8.29 16.17
N ILE A 525 -29.71 -7.52 16.91
CA ILE A 525 -30.08 -6.14 17.23
C ILE A 525 -30.35 -5.37 15.95
N LEU A 526 -29.44 -5.49 14.97
CA LEU A 526 -29.64 -4.80 13.70
C LEU A 526 -30.94 -5.25 13.04
N ARG A 527 -31.21 -6.56 13.07
CA ARG A 527 -32.45 -7.06 12.51
C ARG A 527 -33.63 -6.44 13.22
N ASP A 528 -33.55 -6.33 14.55
CA ASP A 528 -34.64 -5.72 15.29
C ASP A 528 -34.81 -4.25 14.93
N ILE A 529 -33.71 -3.58 14.56
CA ILE A 529 -33.84 -2.20 14.11
C ILE A 529 -34.50 -2.13 12.74
N SER A 530 -34.29 -3.16 11.91
CA SER A 530 -34.82 -3.11 10.55
C SER A 530 -36.33 -3.24 10.49
N LYS A 531 -36.96 -3.68 11.57
CA LYS A 531 -38.41 -3.82 11.62
C LYS A 531 -39.13 -2.56 12.05
N ILE A 532 -38.39 -1.52 12.40
CA ILE A 532 -39.00 -0.23 12.73
C ILE A 532 -39.29 0.53 11.43
N PRO A 533 -40.51 0.99 11.20
CA PRO A 533 -40.80 1.73 9.96
C PRO A 533 -39.97 3.00 9.87
N GLY A 534 -39.57 3.33 8.65
CA GLY A 534 -38.74 4.50 8.43
C GLY A 534 -38.01 4.40 7.10
N GLY A 535 -36.97 5.19 6.97
CA GLY A 535 -36.20 5.24 5.74
C GLY A 535 -35.15 4.17 5.66
N ALA A 536 -33.98 4.51 5.13
CA ALA A 536 -32.89 3.56 5.02
C ALA A 536 -32.17 3.44 6.36
N MET A 537 -31.09 2.66 6.38
CA MET A 537 -30.30 2.42 7.57
C MET A 537 -28.91 3.02 7.33
N TYR A 538 -28.49 3.92 8.21
CA TYR A 538 -27.26 4.67 8.01
C TYR A 538 -26.21 4.26 9.03
N ALA A 539 -24.95 4.25 8.60
CA ALA A 539 -23.85 3.85 9.46
C ALA A 539 -22.63 4.69 9.09
N ASP A 540 -22.41 5.76 9.82
CA ASP A 540 -21.30 6.68 9.56
C ASP A 540 -20.31 6.63 10.71
N ASP A 541 -19.02 6.64 10.36
CA ASP A 541 -17.94 6.67 11.33
C ASP A 541 -17.28 8.04 11.28
N THR A 542 -17.00 8.60 12.45
CA THR A 542 -16.29 9.87 12.54
C THR A 542 -14.80 9.64 12.34
N ALA A 543 -14.17 10.53 11.58
CA ALA A 543 -12.74 10.43 11.31
C ALA A 543 -11.97 10.93 12.51
N GLY A 544 -11.26 10.03 13.19
CA GLY A 544 -10.54 10.39 14.40
C GLY A 544 -11.46 10.92 15.47
N TRP A 545 -12.34 10.06 16.00
CA TRP A 545 -13.39 10.51 16.90
C TRP A 545 -12.83 11.21 18.13
N ASP A 546 -11.83 10.61 18.78
CA ASP A 546 -11.37 11.14 20.05
C ASP A 546 -10.64 12.47 19.90
N THR A 547 -10.19 12.80 18.69
CA THR A 547 -9.57 14.10 18.45
C THR A 547 -10.59 15.19 18.09
N ARG A 548 -11.84 14.82 17.84
CA ARG A 548 -12.88 15.78 17.51
C ARG A 548 -13.71 16.18 18.72
N ILE A 549 -13.33 15.74 19.92
CA ILE A 549 -14.09 16.02 21.13
C ILE A 549 -13.74 17.44 21.58
N THR A 550 -14.73 18.33 21.52
CA THR A 550 -14.55 19.72 21.91
C THR A 550 -14.61 19.87 23.42
N GLU A 551 -14.44 21.10 23.92
CA GLU A 551 -14.69 21.34 25.33
C GLU A 551 -16.19 21.42 25.65
N ASP A 552 -17.01 21.73 24.64
CA ASP A 552 -18.45 21.81 24.86
C ASP A 552 -19.02 20.46 25.28
N ASP A 553 -18.72 19.41 24.51
CA ASP A 553 -19.24 18.11 24.88
C ASP A 553 -18.46 17.49 26.04
N LEU A 554 -17.27 17.99 26.34
CA LEU A 554 -16.64 17.63 27.62
C LEU A 554 -17.44 18.16 28.79
N HIS A 555 -17.90 19.41 28.72
CA HIS A 555 -18.78 19.93 29.77
C HIS A 555 -20.10 19.18 29.80
N ASN A 556 -20.64 18.84 28.62
CA ASN A 556 -21.87 18.08 28.56
C ASN A 556 -21.72 16.70 29.19
N GLU A 557 -20.55 16.07 29.06
CA GLU A 557 -20.29 14.82 29.75
C GLU A 557 -20.14 15.06 31.25
N GLU A 558 -19.53 16.18 31.63
CA GLU A 558 -19.39 16.51 33.05
C GLU A 558 -20.74 16.68 33.73
N LYS A 559 -21.77 17.09 32.97
CA LYS A 559 -23.09 17.36 33.52
C LYS A 559 -23.68 16.20 34.34
N ILE A 560 -23.10 15.01 34.25
CA ILE A 560 -23.57 13.88 35.06
C ILE A 560 -23.40 14.16 36.55
N THR A 561 -22.45 15.01 36.92
CA THR A 561 -22.15 15.26 38.33
C THR A 561 -23.30 15.93 39.08
N GLN A 562 -24.37 16.30 38.41
CA GLN A 562 -25.53 16.89 39.07
C GLN A 562 -26.46 15.85 39.68
N GLN A 563 -26.18 14.57 39.51
CA GLN A 563 -26.96 13.50 40.11
C GLN A 563 -26.22 12.79 41.23
N MET A 564 -25.06 13.31 41.63
CA MET A 564 -24.26 12.68 42.67
C MET A 564 -24.46 13.36 44.01
N ASP A 565 -23.96 12.69 45.05
CA ASP A 565 -23.89 13.23 46.39
C ASP A 565 -22.68 14.15 46.53
N PRO A 566 -22.67 15.03 47.54
CA PRO A 566 -21.63 16.07 47.59
C PRO A 566 -20.19 15.55 47.57
N GLU A 567 -19.88 14.46 48.29
CA GLU A 567 -18.50 13.98 48.28
C GLU A 567 -18.14 13.33 46.95
N HIS A 568 -19.04 12.48 46.44
CA HIS A 568 -18.84 11.93 45.12
C HIS A 568 -18.78 13.03 44.07
N ARG A 569 -19.57 14.09 44.25
CA ARG A 569 -19.52 15.21 43.30
C ARG A 569 -18.17 15.91 43.36
N GLN A 570 -17.61 16.10 44.56
CA GLN A 570 -16.28 16.71 44.65
C GLN A 570 -15.24 15.86 43.93
N LEU A 571 -15.26 14.55 44.16
CA LEU A 571 -14.27 13.68 43.53
C LEU A 571 -14.44 13.66 42.01
N ALA A 572 -15.68 13.60 41.54
CA ALA A 572 -15.92 13.55 40.10
C ALA A 572 -15.59 14.87 39.43
N ASN A 573 -15.87 15.99 40.11
CA ASN A 573 -15.47 17.29 39.57
C ASN A 573 -13.96 17.40 39.48
N ALA A 574 -13.25 16.89 40.50
CA ALA A 574 -11.80 16.89 40.45
C ALA A 574 -11.29 16.10 39.24
N ILE A 575 -11.85 14.90 39.03
CA ILE A 575 -11.41 14.09 37.90
C ILE A 575 -11.73 14.77 36.58
N PHE A 576 -12.95 15.30 36.45
CA PHE A 576 -13.38 15.89 35.19
C PHE A 576 -12.59 17.14 34.84
N LYS A 577 -12.32 18.00 35.83
CA LYS A 577 -11.73 19.30 35.55
C LYS A 577 -10.21 19.29 35.59
N LEU A 578 -9.61 18.47 36.45
CA LEU A 578 -8.16 18.50 36.59
C LEU A 578 -7.45 17.52 35.67
N THR A 579 -8.11 16.46 35.25
CA THR A 579 -7.47 15.42 34.46
C THR A 579 -8.10 15.19 33.10
N TYR A 580 -9.41 15.41 32.94
CA TYR A 580 -10.06 15.18 31.65
C TYR A 580 -10.11 16.43 30.80
N GLN A 581 -10.21 17.62 31.42
CA GLN A 581 -10.26 18.87 30.69
C GLN A 581 -8.96 19.65 30.77
N ASN A 582 -7.96 19.15 31.50
CA ASN A 582 -6.63 19.74 31.55
C ASN A 582 -5.65 18.57 31.56
N LYS A 583 -5.14 18.22 30.39
CA LYS A 583 -4.36 16.98 30.22
C LYS A 583 -2.91 17.32 29.97
N VAL A 584 -2.02 16.76 30.79
CA VAL A 584 -0.58 16.85 30.62
C VAL A 584 -0.09 15.49 30.13
N VAL A 585 0.64 15.49 29.02
CA VAL A 585 0.99 14.27 28.30
C VAL A 585 2.51 14.20 28.15
N LYS A 586 3.05 12.98 28.23
CA LYS A 586 4.42 12.70 27.85
C LYS A 586 4.40 11.90 26.55
N VAL A 587 5.07 12.39 25.52
CA VAL A 587 5.09 11.72 24.24
C VAL A 587 6.52 11.67 23.69
N GLN A 588 6.89 10.54 23.12
CA GLN A 588 8.24 10.36 22.60
C GLN A 588 8.39 10.99 21.23
N ARG A 589 9.62 11.44 20.94
CA ARG A 589 9.95 12.07 19.68
C ARG A 589 11.37 11.70 19.29
N PRO A 590 11.61 11.32 18.04
CA PRO A 590 13.00 11.05 17.61
C PRO A 590 13.68 12.34 17.16
N THR A 591 14.86 12.60 17.70
CA THR A 591 15.69 13.73 17.36
C THR A 591 17.01 13.22 16.81
N PRO A 592 17.76 14.05 16.06
CA PRO A 592 19.07 13.60 15.58
C PRO A 592 20.01 13.19 16.70
N LYS A 593 19.86 13.76 17.89
CA LYS A 593 20.70 13.39 19.03
C LYS A 593 20.20 12.15 19.75
N GLY A 594 19.04 11.60 19.38
CA GLY A 594 18.53 10.41 20.03
C GLY A 594 17.02 10.35 20.10
N THR A 595 16.47 10.12 21.28
CA THR A 595 15.03 10.12 21.50
C THR A 595 14.73 10.95 22.73
N VAL A 596 13.78 11.88 22.62
CA VAL A 596 13.39 12.73 23.72
C VAL A 596 11.94 12.45 24.09
N MET A 597 11.61 12.79 25.33
CA MET A 597 10.24 12.76 25.83
C MET A 597 9.81 14.21 26.00
N ASP A 598 8.73 14.58 25.32
CA ASP A 598 8.17 15.92 25.38
C ASP A 598 7.00 15.95 26.34
N ILE A 599 6.95 16.99 27.15
CA ILE A 599 5.85 17.26 28.05
C ILE A 599 4.96 18.29 27.37
N ILE A 600 3.78 17.87 26.93
CA ILE A 600 2.85 18.74 26.22
C ILE A 600 1.56 18.82 27.03
N SER A 601 0.68 19.73 26.61
CA SER A 601 -0.55 19.98 27.34
C SER A 601 -1.67 20.29 26.36
N ARG A 602 -2.88 19.86 26.71
CA ARG A 602 -4.05 20.14 25.89
C ARG A 602 -5.28 20.16 26.78
N LYS A 603 -6.28 20.95 26.38
CA LYS A 603 -7.50 21.08 27.17
C LYS A 603 -8.65 20.25 26.63
N ASP A 604 -8.93 20.33 25.34
CA ASP A 604 -10.08 19.64 24.75
C ASP A 604 -9.62 18.52 23.85
N GLN A 605 -9.92 17.28 24.26
CA GLN A 605 -9.91 16.07 23.44
C GLN A 605 -10.32 14.93 24.35
N ARG A 606 -10.55 13.76 23.75
CA ARG A 606 -10.76 12.54 24.52
C ARG A 606 -9.44 11.81 24.68
N GLY A 607 -9.06 11.57 25.92
CA GLY A 607 -7.89 10.77 26.22
C GLY A 607 -8.18 9.30 26.19
N SER A 608 -8.27 8.71 25.00
CA SER A 608 -8.64 7.31 24.85
C SER A 608 -7.74 6.43 25.71
N GLY A 609 -8.32 5.82 26.73
CA GLY A 609 -7.55 5.12 27.74
C GLY A 609 -7.99 5.51 29.13
N GLN A 610 -8.88 6.50 29.21
CA GLN A 610 -9.55 6.84 30.46
C GLN A 610 -10.57 5.77 30.82
N VAL A 611 -10.99 5.77 32.08
CA VAL A 611 -11.95 4.76 32.52
C VAL A 611 -13.31 4.98 31.87
N GLY A 612 -13.62 6.21 31.47
CA GLY A 612 -14.91 6.50 30.88
C GLY A 612 -14.84 6.65 29.37
N THR A 613 -13.85 6.03 28.73
CA THR A 613 -13.71 6.16 27.29
C THR A 613 -14.93 5.62 26.56
N TYR A 614 -15.25 4.35 26.75
CA TYR A 614 -16.35 3.74 26.02
C TYR A 614 -17.68 4.39 26.36
N GLY A 615 -17.93 4.60 27.66
CA GLY A 615 -19.23 5.13 28.05
C GLY A 615 -19.46 6.55 27.59
N LEU A 616 -18.45 7.42 27.75
CA LEU A 616 -18.62 8.80 27.33
C LEU A 616 -18.61 8.94 25.82
N ASN A 617 -17.86 8.08 25.12
CA ASN A 617 -17.95 8.05 23.67
C ASN A 617 -19.36 7.70 23.22
N THR A 618 -19.94 6.67 23.85
CA THR A 618 -21.30 6.28 23.51
C THR A 618 -22.29 7.40 23.82
N PHE A 619 -22.12 8.08 24.96
CA PHE A 619 -23.02 9.17 25.33
C PHE A 619 -22.96 10.30 24.31
N THR A 620 -21.75 10.74 23.97
CA THR A 620 -21.61 11.85 23.02
C THR A 620 -22.13 11.46 21.65
N ASN A 621 -21.90 10.23 21.21
CA ASN A 621 -22.44 9.82 19.92
C ASN A 621 -23.96 9.70 19.96
N MET A 622 -24.53 9.26 21.07
CA MET A 622 -25.98 9.23 21.21
C MET A 622 -26.56 10.62 21.05
N GLU A 623 -25.97 11.61 21.71
CA GLU A 623 -26.54 12.95 21.57
C GLU A 623 -26.29 13.54 20.19
N ALA A 624 -25.15 13.24 19.58
CA ALA A 624 -24.89 13.71 18.22
C ALA A 624 -25.90 13.15 17.24
N GLN A 625 -26.21 11.86 17.34
CA GLN A 625 -27.16 11.26 16.43
C GLN A 625 -28.59 11.71 16.73
N LEU A 626 -28.92 11.97 18.00
CA LEU A 626 -30.21 12.56 18.31
C LEU A 626 -30.35 13.93 17.67
N ILE A 627 -29.30 14.75 17.74
CA ILE A 627 -29.36 16.08 17.14
C ILE A 627 -29.44 15.99 15.62
N ARG A 628 -28.75 15.00 15.03
CA ARG A 628 -28.87 14.83 13.58
C ARG A 628 -30.27 14.40 13.17
N GLN A 629 -30.92 13.56 13.98
CA GLN A 629 -32.30 13.20 13.71
C GLN A 629 -33.23 14.41 13.85
N MET A 630 -32.96 15.26 14.86
CA MET A 630 -33.68 16.52 14.99
C MET A 630 -33.58 17.32 13.71
N GLU A 631 -32.35 17.53 13.22
CA GLU A 631 -32.15 18.33 12.02
C GLU A 631 -32.82 17.69 10.81
N GLY A 632 -32.75 16.36 10.70
CA GLY A 632 -33.42 15.67 9.61
C GLY A 632 -34.92 15.75 9.66
N GLU A 633 -35.50 15.95 10.85
CA GLU A 633 -36.95 16.06 10.98
C GLU A 633 -37.47 17.49 10.92
N GLY A 634 -36.60 18.47 10.69
CA GLY A 634 -37.02 19.84 10.55
C GLY A 634 -37.11 20.64 11.83
N VAL A 635 -36.81 20.03 12.98
CA VAL A 635 -36.83 20.76 14.24
C VAL A 635 -35.68 21.77 14.29
N LEU A 636 -34.56 21.44 13.67
CA LEU A 636 -33.40 22.34 13.61
C LEU A 636 -33.19 22.80 12.17
N SER A 637 -32.97 24.09 11.98
CA SER A 637 -32.68 24.68 10.69
C SER A 637 -31.38 25.46 10.79
N LYS A 638 -30.91 25.96 9.63
CA LYS A 638 -29.66 26.70 9.60
C LYS A 638 -29.75 27.97 10.45
N THR A 639 -30.93 28.58 10.53
CA THR A 639 -31.08 29.79 11.32
C THR A 639 -31.16 29.50 12.81
N ASP A 640 -31.71 28.35 13.20
CA ASP A 640 -31.73 27.97 14.61
C ASP A 640 -30.32 27.73 15.14
N LEU A 641 -29.45 27.14 14.31
CA LEU A 641 -28.11 26.82 14.76
C LEU A 641 -27.22 28.05 14.85
N GLU A 642 -27.58 29.14 14.17
CA GLU A 642 -26.82 30.39 14.22
C GLU A 642 -27.33 31.36 15.26
N ASN A 643 -28.32 30.98 16.07
CA ASN A 643 -29.03 31.92 16.92
C ASN A 643 -28.43 31.94 18.31
N PRO A 644 -27.84 33.06 18.74
CA PRO A 644 -27.35 33.14 20.13
C PRO A 644 -28.44 33.00 21.17
N HIS A 645 -29.70 33.22 20.79
CA HIS A 645 -30.81 33.14 21.73
C HIS A 645 -31.84 32.13 21.26
N LEU A 646 -31.37 30.95 20.87
CA LEU A 646 -32.28 29.90 20.41
C LEU A 646 -33.22 29.48 21.53
N LEU A 647 -34.45 29.16 21.16
CA LEU A 647 -35.46 28.77 22.14
C LEU A 647 -35.28 27.31 22.54
N GLU A 648 -35.43 27.06 23.84
CA GLU A 648 -35.28 25.73 24.43
C GLU A 648 -36.59 24.95 24.41
N LYS A 649 -37.74 25.63 24.32
CA LYS A 649 -39.02 24.97 24.44
C LYS A 649 -39.25 23.96 23.31
N LYS A 650 -38.88 24.31 22.08
CA LYS A 650 -39.12 23.43 20.95
C LYS A 650 -38.29 22.15 21.06
N ILE A 651 -36.99 22.29 21.39
CA ILE A 651 -36.12 21.12 21.54
C ILE A 651 -36.60 20.26 22.69
N THR A 652 -36.97 20.88 23.82
CA THR A 652 -37.45 20.12 24.96
C THR A 652 -38.74 19.39 24.63
N GLN A 653 -39.64 20.03 23.88
CA GLN A 653 -40.88 19.38 23.48
C GLN A 653 -40.60 18.17 22.61
N TRP A 654 -39.75 18.33 21.60
CA TRP A 654 -39.40 17.20 20.74
C TRP A 654 -38.79 16.07 21.54
N LEU A 655 -37.90 16.39 22.48
CA LEU A 655 -37.25 15.35 23.28
C LEU A 655 -38.27 14.62 24.14
N GLU A 656 -39.00 15.34 24.99
CA GLU A 656 -39.95 14.70 25.87
C GLU A 656 -41.03 13.94 25.10
N THR A 657 -41.30 14.34 23.85
CA THR A 657 -42.34 13.65 23.10
C THR A 657 -41.82 12.38 22.44
N LYS A 658 -40.65 12.42 21.80
CA LYS A 658 -40.26 11.27 20.99
C LYS A 658 -38.78 10.90 21.08
N GLY A 659 -38.07 11.35 22.11
CA GLY A 659 -36.64 11.07 22.19
C GLY A 659 -36.35 9.61 22.43
N VAL A 660 -37.15 8.95 23.28
CA VAL A 660 -36.92 7.54 23.55
C VAL A 660 -37.22 6.70 22.31
N GLU A 661 -38.27 7.06 21.58
CA GLU A 661 -38.58 6.36 20.33
C GLU A 661 -37.47 6.57 19.31
N ARG A 662 -36.89 7.77 19.26
CA ARG A 662 -35.75 7.99 18.36
C ARG A 662 -34.50 7.25 18.83
N LEU A 663 -34.34 7.09 20.13
CA LEU A 663 -33.20 6.34 20.66
C LEU A 663 -33.32 4.87 20.32
N LYS A 664 -34.54 4.35 20.29
CA LYS A 664 -34.75 2.95 19.95
C LYS A 664 -34.45 2.64 18.49
N ARG A 665 -34.26 3.65 17.65
CA ARG A 665 -33.92 3.46 16.25
C ARG A 665 -32.43 3.38 16.01
N MET A 666 -31.61 3.42 17.06
CA MET A 666 -30.18 3.52 16.92
C MET A 666 -29.49 2.41 17.70
N ALA A 667 -28.32 2.02 17.19
CA ALA A 667 -27.40 1.13 17.88
C ALA A 667 -26.06 1.82 17.92
N ILE A 668 -25.59 2.14 19.13
CA ILE A 668 -24.43 3.00 19.34
C ILE A 668 -23.35 2.20 20.05
N SER A 669 -22.14 2.23 19.52
CA SER A 669 -20.96 1.66 20.17
C SER A 669 -19.79 2.58 19.86
N GLY A 670 -19.43 3.43 20.81
CA GLY A 670 -18.39 4.41 20.56
C GLY A 670 -18.83 5.36 19.45
N ASP A 671 -18.02 5.49 18.40
CA ASP A 671 -18.48 6.28 17.27
C ASP A 671 -19.18 5.46 16.20
N ASP A 672 -19.21 4.13 16.32
CA ASP A 672 -20.03 3.35 15.41
C ASP A 672 -21.49 3.53 15.76
N CYS A 673 -22.29 3.81 14.75
CA CYS A 673 -23.71 4.04 14.92
C CYS A 673 -24.45 3.41 13.76
N VAL A 674 -25.61 2.86 14.06
CA VAL A 674 -26.57 2.48 13.03
C VAL A 674 -27.87 3.20 13.38
N VAL A 675 -28.37 4.01 12.46
CA VAL A 675 -29.55 4.82 12.66
C VAL A 675 -30.55 4.48 11.57
N LYS A 676 -31.81 4.28 11.95
CA LYS A 676 -32.90 4.10 11.00
C LYS A 676 -33.92 5.20 11.29
N PRO A 677 -33.79 6.36 10.65
CA PRO A 677 -34.68 7.49 10.93
C PRO A 677 -36.04 7.29 10.26
N ILE A 678 -36.94 8.24 10.52
CA ILE A 678 -38.29 8.12 10.00
C ILE A 678 -38.37 8.42 8.49
N ASP A 679 -37.39 9.12 7.94
CA ASP A 679 -37.35 9.39 6.50
C ASP A 679 -35.89 9.54 6.09
N ASP A 680 -35.67 9.93 4.83
CA ASP A 680 -34.32 9.99 4.29
C ASP A 680 -33.72 11.39 4.30
N ARG A 681 -34.42 12.39 4.86
CA ARG A 681 -33.82 13.70 5.03
C ARG A 681 -32.59 13.63 5.93
N PHE A 682 -32.54 12.63 6.80
CA PHE A 682 -31.37 12.38 7.63
C PHE A 682 -30.11 12.23 6.79
N ALA A 683 -30.24 11.76 5.55
CA ALA A 683 -29.08 11.62 4.69
C ALA A 683 -28.42 12.96 4.40
N ASN A 684 -29.20 14.04 4.34
CA ASN A 684 -28.69 15.35 3.97
C ASN A 684 -28.59 16.31 5.15
N ALA A 685 -28.79 15.82 6.38
CA ALA A 685 -28.77 16.68 7.57
C ALA A 685 -27.35 16.69 8.14
N LEU A 686 -26.51 17.53 7.53
CA LEU A 686 -25.10 17.59 7.87
C LEU A 686 -24.68 18.90 8.51
N LEU A 687 -25.60 19.85 8.69
CA LEU A 687 -25.24 21.14 9.26
C LEU A 687 -24.78 20.99 10.71
N ALA A 688 -25.67 20.47 11.57
CA ALA A 688 -25.32 20.30 12.97
C ALA A 688 -24.20 19.28 13.13
N LEU A 689 -24.24 18.19 12.36
CA LEU A 689 -23.25 17.14 12.50
C LEU A 689 -21.85 17.66 12.20
N ASN A 690 -21.70 18.43 11.12
CA ASN A 690 -20.40 19.00 10.80
C ASN A 690 -20.04 20.16 11.71
N ASP A 691 -21.03 20.84 12.29
CA ASP A 691 -20.72 21.95 13.19
C ASP A 691 -20.24 21.46 14.55
N MET A 692 -20.76 20.33 15.02
CA MET A 692 -20.25 19.76 16.27
C MET A 692 -18.85 19.21 16.13
N GLY A 693 -18.31 19.12 14.92
CA GLY A 693 -16.99 18.61 14.70
C GLY A 693 -16.93 17.14 14.35
N LYS A 694 -18.08 16.46 14.25
CA LYS A 694 -18.11 15.03 13.98
C LYS A 694 -18.12 14.81 12.47
N VAL A 695 -16.99 15.13 11.86
CA VAL A 695 -16.83 15.02 10.41
C VAL A 695 -16.65 13.56 10.05
N ARG A 696 -17.48 13.08 9.12
CA ARG A 696 -17.46 11.69 8.72
C ARG A 696 -16.19 11.35 7.96
N LYS A 697 -15.85 10.06 7.93
CA LYS A 697 -14.64 9.59 7.29
C LYS A 697 -14.92 9.12 5.87
N ASP A 698 -13.89 9.20 5.03
CA ASP A 698 -13.91 8.62 3.67
C ASP A 698 -14.99 9.24 2.80
N ILE A 699 -15.34 10.49 3.04
CA ILE A 699 -16.42 11.14 2.30
C ILE A 699 -16.21 12.65 2.39
N PRO A 700 -16.50 13.40 1.33
CA PRO A 700 -16.44 14.86 1.45
C PRO A 700 -17.41 15.36 2.49
N GLN A 701 -17.04 16.47 3.14
CA GLN A 701 -17.73 16.93 4.33
C GLN A 701 -19.21 17.23 4.07
N TRP A 702 -19.56 17.57 2.83
CA TRP A 702 -20.93 17.99 2.53
C TRP A 702 -21.64 17.04 1.58
N GLN A 703 -21.06 15.90 1.28
CA GLN A 703 -21.74 14.90 0.46
C GLN A 703 -22.79 14.18 1.29
N PRO A 704 -23.99 13.97 0.78
CA PRO A 704 -24.99 13.22 1.55
C PRO A 704 -24.55 11.78 1.78
N SER A 705 -24.94 11.25 2.93
CA SER A 705 -24.51 9.93 3.34
C SER A 705 -25.30 8.85 2.60
N LYS A 706 -24.70 7.66 2.50
CA LYS A 706 -25.30 6.54 1.82
C LYS A 706 -26.06 5.67 2.81
N GLY A 707 -27.27 5.29 2.46
CA GLY A 707 -28.13 4.47 3.31
C GLY A 707 -28.37 3.11 2.69
N TRP A 708 -28.42 2.09 3.53
CA TRP A 708 -28.67 0.73 3.10
C TRP A 708 -30.14 0.39 3.28
N HIS A 709 -30.69 -0.35 2.33
CA HIS A 709 -32.06 -0.83 2.44
C HIS A 709 -32.15 -2.26 2.92
N ASP A 710 -31.07 -3.02 2.81
CA ASP A 710 -30.96 -4.34 3.41
C ASP A 710 -30.10 -4.22 4.67
N TRP A 711 -30.65 -4.64 5.81
CA TRP A 711 -29.91 -4.59 7.06
C TRP A 711 -28.71 -5.53 7.04
N GLN A 712 -28.68 -6.48 6.11
CA GLN A 712 -27.61 -7.47 6.06
C GLN A 712 -26.33 -6.93 5.43
N GLN A 713 -26.35 -5.72 4.87
CA GLN A 713 -25.16 -5.10 4.33
C GLN A 713 -24.63 -3.97 5.19
N VAL A 714 -25.35 -3.57 6.23
CA VAL A 714 -24.97 -2.44 7.08
C VAL A 714 -23.71 -2.80 7.87
N PRO A 715 -22.62 -2.06 7.73
CA PRO A 715 -21.42 -2.33 8.52
C PRO A 715 -21.55 -1.79 9.93
N PHE A 716 -21.17 -2.62 10.90
CA PHE A 716 -21.26 -2.23 12.30
C PHE A 716 -20.20 -3.00 13.07
N CYS A 717 -19.28 -2.28 13.71
CA CYS A 717 -18.20 -2.87 14.49
C CYS A 717 -17.34 -3.80 13.63
N SER A 718 -16.98 -3.31 12.44
CA SER A 718 -16.10 -3.97 11.47
C SER A 718 -16.74 -5.18 10.81
N HIS A 719 -18.03 -5.42 11.01
CA HIS A 719 -18.69 -6.59 10.47
C HIS A 719 -20.00 -6.19 9.80
N HIS A 720 -20.52 -7.08 8.98
CA HIS A 720 -21.93 -7.09 8.60
C HIS A 720 -22.49 -8.45 8.99
N PHE A 721 -23.79 -8.63 8.83
CA PHE A 721 -24.44 -9.81 9.40
C PHE A 721 -25.36 -10.45 8.38
N HIS A 722 -25.24 -11.76 8.22
CA HIS A 722 -26.05 -12.52 7.29
C HIS A 722 -27.05 -13.38 8.05
N GLU A 723 -28.21 -13.56 7.45
CA GLU A 723 -29.24 -14.45 8.00
C GLU A 723 -29.14 -15.79 7.30
N LEU A 724 -28.58 -16.78 7.99
CA LEU A 724 -28.55 -18.15 7.52
C LEU A 724 -29.83 -18.87 7.92
N ILE A 725 -30.23 -19.83 7.10
CA ILE A 725 -31.32 -20.74 7.42
C ILE A 725 -30.74 -22.15 7.49
N MET A 726 -31.04 -22.85 8.57
CA MET A 726 -30.52 -24.19 8.76
C MET A 726 -31.45 -25.22 8.12
N LYS A 727 -31.01 -26.48 8.14
CA LYS A 727 -31.79 -27.54 7.51
C LYS A 727 -33.13 -27.72 8.20
N ASP A 728 -33.15 -27.64 9.53
CA ASP A 728 -34.38 -27.77 10.30
C ASP A 728 -35.27 -26.54 10.23
N GLY A 729 -34.93 -25.55 9.40
CA GLY A 729 -35.76 -24.39 9.21
C GLY A 729 -35.50 -23.22 10.14
N ARG A 730 -34.58 -23.37 11.09
CA ARG A 730 -34.31 -22.30 12.03
C ARG A 730 -33.36 -21.27 11.42
N LYS A 731 -33.53 -20.02 11.84
CA LYS A 731 -32.73 -18.91 11.34
C LYS A 731 -31.59 -18.61 12.31
N LEU A 732 -30.58 -17.91 11.80
CA LEU A 732 -29.37 -17.67 12.57
C LEU A 732 -28.65 -16.47 11.97
N VAL A 733 -28.48 -15.41 12.74
CA VAL A 733 -27.80 -14.22 12.25
C VAL A 733 -26.33 -14.30 12.65
N VAL A 734 -25.44 -14.24 11.66
CA VAL A 734 -24.02 -14.56 11.85
C VAL A 734 -23.16 -13.39 11.37
N PRO A 735 -22.04 -13.14 12.03
CA PRO A 735 -21.15 -12.05 11.61
C PRO A 735 -20.24 -12.46 10.46
N CYS A 736 -19.89 -11.48 9.64
CA CYS A 736 -19.07 -11.73 8.47
C CYS A 736 -18.31 -10.46 8.11
N ARG A 737 -17.13 -10.63 7.55
CA ARG A 737 -16.32 -9.54 7.04
C ARG A 737 -15.59 -10.04 5.80
N PRO A 738 -14.90 -9.18 5.06
CA PRO A 738 -14.06 -9.68 3.96
C PRO A 738 -13.07 -10.73 4.43
N GLN A 739 -12.99 -11.82 3.67
CA GLN A 739 -12.22 -12.98 4.09
C GLN A 739 -10.73 -12.70 4.11
N ASP A 740 -10.27 -11.78 3.24
CA ASP A 740 -8.86 -11.43 3.20
C ASP A 740 -8.40 -10.86 4.53
N GLU A 741 -9.24 -10.06 5.18
CA GLU A 741 -8.87 -9.48 6.47
C GLU A 741 -8.60 -10.58 7.49
N LEU A 742 -9.48 -11.57 7.56
CA LEU A 742 -9.31 -12.65 8.53
C LEU A 742 -8.08 -13.49 8.23
N ILE A 743 -7.90 -13.87 6.96
CA ILE A 743 -6.76 -14.72 6.61
C ILE A 743 -5.45 -13.97 6.83
N GLY A 744 -5.40 -12.69 6.46
CA GLY A 744 -4.18 -11.91 6.68
C GLY A 744 -3.88 -11.69 8.14
N ARG A 745 -4.92 -11.45 8.95
CA ARG A 745 -4.70 -11.27 10.38
C ARG A 745 -4.23 -12.55 11.04
N ALA A 746 -4.71 -13.71 10.59
CA ALA A 746 -4.29 -14.97 11.18
C ALA A 746 -2.85 -15.33 10.83
N ARG A 747 -2.28 -14.73 9.80
CA ARG A 747 -0.97 -15.14 9.29
C ARG A 747 0.18 -14.35 9.89
N ILE A 748 -0.08 -13.33 10.70
CA ILE A 748 0.98 -12.55 11.32
C ILE A 748 0.74 -12.45 12.82
N SER A 749 1.82 -12.20 13.55
CA SER A 749 1.78 -12.14 15.00
C SER A 749 2.82 -11.15 15.48
N GLN A 750 2.79 -10.87 16.79
CA GLN A 750 3.81 -10.04 17.40
C GLN A 750 5.15 -10.75 17.41
N GLY A 751 6.20 -10.04 17.01
CA GLY A 751 7.53 -10.62 16.97
C GLY A 751 8.30 -10.26 15.71
N ALA A 752 9.19 -11.14 15.28
CA ALA A 752 9.97 -10.89 14.07
C ALA A 752 10.42 -12.21 13.48
N GLY A 753 10.45 -12.28 12.15
CA GLY A 753 10.96 -13.44 11.46
C GLY A 753 9.89 -14.48 11.15
N TRP A 754 10.36 -15.69 10.91
CA TRP A 754 9.51 -16.83 10.62
C TRP A 754 9.34 -17.67 11.89
N SER A 755 8.23 -18.41 11.94
CA SER A 755 7.93 -19.19 13.14
C SER A 755 6.96 -20.30 12.77
N LEU A 756 7.35 -21.56 13.01
CA LEU A 756 6.50 -22.70 12.70
C LEU A 756 6.08 -23.47 13.94
N LYS A 757 7.03 -23.95 14.74
CA LYS A 757 6.68 -24.80 15.86
C LYS A 757 6.16 -24.02 17.06
N GLU A 758 6.67 -22.82 17.29
CA GLU A 758 6.30 -22.04 18.47
C GLU A 758 5.14 -21.10 18.22
N THR A 759 4.41 -21.27 17.11
CA THR A 759 3.16 -20.57 16.89
C THR A 759 2.07 -21.49 16.34
N ALA A 760 2.20 -22.80 16.52
CA ALA A 760 1.19 -23.73 16.02
C ALA A 760 -0.09 -23.64 16.82
N CYS A 761 0.03 -23.52 18.15
CA CYS A 761 -1.16 -23.41 18.99
C CYS A 761 -1.90 -22.11 18.75
N LEU A 762 -1.19 -21.04 18.42
CA LEU A 762 -1.87 -19.80 18.03
C LEU A 762 -2.67 -19.99 16.75
N GLY A 763 -2.10 -20.71 15.78
CA GLY A 763 -2.84 -21.04 14.58
C GLY A 763 -4.07 -21.88 14.89
N LYS A 764 -3.94 -22.82 15.84
CA LYS A 764 -5.10 -23.62 16.23
C LYS A 764 -6.17 -22.77 16.89
N ALA A 765 -5.76 -21.77 17.68
CA ALA A 765 -6.72 -20.84 18.28
C ALA A 765 -7.45 -20.04 17.21
N TYR A 766 -6.72 -19.57 16.20
CA TYR A 766 -7.37 -18.90 15.08
C TYR A 766 -8.36 -19.83 14.37
N ALA A 767 -7.97 -21.09 14.21
CA ALA A 767 -8.87 -22.06 13.59
C ALA A 767 -10.13 -22.26 14.42
N GLN A 768 -10.01 -22.30 15.74
CA GLN A 768 -11.18 -22.44 16.60
C GLN A 768 -12.08 -21.22 16.48
N MET A 769 -11.49 -20.02 16.44
CA MET A 769 -12.28 -18.81 16.28
C MET A 769 -13.01 -18.81 14.95
N TRP A 770 -12.35 -19.27 13.89
CA TRP A 770 -13.01 -19.38 12.59
C TRP A 770 -14.15 -20.39 12.65
N ALA A 771 -13.94 -21.52 13.31
CA ALA A 771 -14.99 -22.52 13.39
C ALA A 771 -16.18 -22.03 14.19
N LEU A 772 -15.96 -21.10 15.12
CA LEU A 772 -17.06 -20.64 15.96
C LEU A 772 -17.83 -19.47 15.34
N MET A 773 -17.13 -18.45 14.86
CA MET A 773 -17.79 -17.24 14.39
C MET A 773 -18.00 -17.21 12.88
N TYR A 774 -17.08 -17.79 12.10
CA TYR A 774 -17.12 -17.71 10.65
C TYR A 774 -17.20 -19.10 10.04
N PHE A 775 -18.00 -19.97 10.66
CA PHE A 775 -18.25 -21.31 10.15
C PHE A 775 -18.95 -21.31 8.80
N HIS A 776 -19.62 -20.21 8.46
CA HIS A 776 -20.42 -20.13 7.25
C HIS A 776 -19.59 -19.84 6.02
N ARG A 777 -18.30 -19.62 6.16
CA ARG A 777 -17.44 -19.33 5.03
C ARG A 777 -16.69 -20.59 4.67
N ARG A 778 -16.83 -21.02 3.41
CA ARG A 778 -16.31 -22.33 3.01
C ARG A 778 -14.79 -22.40 3.15
N ASP A 779 -14.09 -21.37 2.67
CA ASP A 779 -12.65 -21.36 2.77
C ASP A 779 -12.19 -21.35 4.21
N LEU A 780 -12.90 -20.62 5.07
CA LEU A 780 -12.47 -20.51 6.46
C LEU A 780 -12.68 -21.83 7.21
N ARG A 781 -13.80 -22.50 6.98
CA ARG A 781 -14.00 -23.80 7.61
C ARG A 781 -12.98 -24.83 7.12
N LEU A 782 -12.74 -24.85 5.81
CA LEU A 782 -11.75 -25.79 5.27
C LEU A 782 -10.36 -25.51 5.85
N ALA A 783 -9.96 -24.24 5.90
CA ALA A 783 -8.64 -23.89 6.41
C ALA A 783 -8.53 -24.16 7.90
N SER A 784 -9.60 -23.92 8.66
CA SER A 784 -9.57 -24.22 10.09
C SER A 784 -9.41 -25.71 10.33
N ASN A 785 -10.13 -26.53 9.58
CA ASN A 785 -9.98 -27.98 9.72
C ASN A 785 -8.58 -28.42 9.34
N ALA A 786 -8.01 -27.84 8.28
CA ALA A 786 -6.65 -28.20 7.87
C ALA A 786 -5.63 -27.83 8.94
N ILE A 787 -5.74 -26.62 9.48
CA ILE A 787 -4.79 -26.17 10.51
C ILE A 787 -4.91 -27.04 11.75
N CYS A 788 -6.14 -27.37 12.14
CA CYS A 788 -6.32 -28.25 13.30
C CYS A 788 -5.73 -29.63 13.05
N SER A 789 -5.87 -30.15 11.82
CA SER A 789 -5.28 -31.44 11.49
C SER A 789 -3.76 -31.39 11.42
N ALA A 790 -3.18 -30.21 11.24
CA ALA A 790 -1.73 -30.08 11.13
C ALA A 790 -1.06 -29.64 12.43
N VAL A 791 -1.78 -29.65 13.54
CA VAL A 791 -1.25 -29.21 14.83
C VAL A 791 -1.31 -30.40 15.79
N PRO A 792 -0.25 -30.68 16.55
CA PRO A 792 -0.29 -31.81 17.48
C PRO A 792 -1.43 -31.68 18.48
N VAL A 793 -2.12 -32.80 18.71
CA VAL A 793 -3.40 -32.77 19.41
C VAL A 793 -3.24 -32.70 20.92
N HIS A 794 -2.06 -32.99 21.45
CA HIS A 794 -1.85 -32.98 22.89
C HIS A 794 -1.21 -31.70 23.40
N TRP A 795 -0.93 -30.75 22.52
CA TRP A 795 -0.38 -29.47 22.94
C TRP A 795 -1.50 -28.54 23.38
N VAL A 796 -1.27 -27.83 24.49
CA VAL A 796 -2.19 -26.84 25.00
C VAL A 796 -1.38 -25.57 25.25
N PRO A 797 -1.74 -24.44 24.67
CA PRO A 797 -0.91 -23.24 24.83
C PRO A 797 -0.96 -22.69 26.24
N THR A 798 0.18 -22.13 26.67
CA THR A 798 0.29 -21.41 27.92
C THR A 798 0.62 -19.95 27.73
N SER A 799 1.11 -19.56 26.57
CA SER A 799 1.33 -18.17 26.20
C SER A 799 1.16 -18.08 24.69
N ARG A 800 1.65 -16.99 24.09
CA ARG A 800 1.60 -16.86 22.65
C ARG A 800 2.63 -17.72 21.94
N THR A 801 3.66 -18.17 22.65
CA THR A 801 4.73 -18.95 22.03
C THR A 801 5.07 -20.25 22.75
N THR A 802 4.62 -20.45 23.98
CA THR A 802 4.93 -21.66 24.73
C THR A 802 3.70 -22.55 24.82
N TRP A 803 3.93 -23.82 25.15
CA TRP A 803 2.85 -24.79 25.27
C TRP A 803 3.23 -25.85 26.28
N SER A 804 2.21 -26.55 26.79
CA SER A 804 2.38 -27.71 27.64
C SER A 804 1.81 -28.93 26.92
N ILE A 805 2.29 -30.11 27.32
CA ILE A 805 1.88 -31.35 26.69
C ILE A 805 1.00 -32.11 27.67
N HIS A 806 -0.27 -32.26 27.31
CA HIS A 806 -1.23 -33.06 28.09
C HIS A 806 -1.40 -34.38 27.35
N ALA A 807 -0.50 -35.34 27.63
CA ALA A 807 -0.47 -36.58 26.89
C ALA A 807 -1.72 -37.43 27.10
N HIS A 808 -2.50 -37.16 28.14
CA HIS A 808 -3.69 -37.95 28.45
C HIS A 808 -4.95 -37.41 27.80
N HIS A 809 -4.90 -36.22 27.20
CA HIS A 809 -6.11 -35.53 26.75
C HIS A 809 -5.86 -34.85 25.42
N GLN A 810 -6.81 -35.00 24.49
CA GLN A 810 -6.79 -34.28 23.24
C GLN A 810 -7.43 -32.91 23.43
N TRP A 811 -6.74 -31.86 23.01
CA TRP A 811 -7.13 -30.51 23.40
C TRP A 811 -8.53 -30.13 22.93
N MET A 812 -8.74 -30.02 21.62
CA MET A 812 -10.05 -29.64 21.08
C MET A 812 -10.30 -30.44 19.81
N THR A 813 -11.12 -31.47 19.92
CA THR A 813 -11.49 -32.27 18.76
C THR A 813 -12.68 -31.61 18.05
N THR A 814 -13.09 -32.21 16.93
CA THR A 814 -14.26 -31.70 16.23
C THR A 814 -15.51 -31.79 17.09
N GLU A 815 -15.59 -32.80 17.96
CA GLU A 815 -16.73 -32.94 18.85
C GLU A 815 -16.73 -31.83 19.90
N ASP A 816 -15.56 -31.48 20.44
CA ASP A 816 -15.49 -30.36 21.38
C ASP A 816 -15.88 -29.06 20.71
N MET A 817 -15.41 -28.84 19.48
CA MET A 817 -15.77 -27.63 18.75
C MET A 817 -17.26 -27.59 18.45
N LEU A 818 -17.85 -28.73 18.11
CA LEU A 818 -19.29 -28.76 17.88
C LEU A 818 -20.06 -28.49 19.15
N THR A 819 -19.56 -28.98 20.29
CA THR A 819 -20.20 -28.67 21.57
C THR A 819 -20.14 -27.18 21.87
N VAL A 820 -18.98 -26.56 21.64
CA VAL A 820 -18.87 -25.12 21.84
C VAL A 820 -19.79 -24.36 20.90
N TRP A 821 -19.87 -24.81 19.65
CA TRP A 821 -20.77 -24.17 18.69
C TRP A 821 -22.21 -24.27 19.14
N ASN A 822 -22.62 -25.44 19.63
CA ASN A 822 -24.00 -25.61 20.11
C ASN A 822 -24.26 -24.74 21.33
N ARG A 823 -23.30 -24.63 22.23
CA ARG A 823 -23.47 -23.77 23.40
C ARG A 823 -23.64 -22.32 22.98
N VAL A 824 -22.81 -21.85 22.07
CA VAL A 824 -22.80 -20.43 21.71
C VAL A 824 -24.02 -20.07 20.87
N TRP A 825 -24.34 -20.88 19.87
CA TRP A 825 -25.34 -20.50 18.89
C TRP A 825 -26.72 -21.08 19.14
N ILE A 826 -26.85 -22.12 19.97
CA ILE A 826 -28.13 -22.74 20.25
C ILE A 826 -28.53 -22.53 21.72
N GLU A 827 -27.73 -23.05 22.65
CA GLU A 827 -28.13 -23.06 24.06
C GLU A 827 -28.15 -21.66 24.64
N ASP A 828 -27.08 -20.89 24.44
CA ASP A 828 -26.95 -19.57 25.04
C ASP A 828 -27.47 -18.46 24.14
N ASN A 829 -28.21 -18.79 23.08
CA ASN A 829 -28.70 -17.77 22.16
C ASN A 829 -30.13 -17.41 22.52
N PRO A 830 -30.37 -16.20 23.04
CA PRO A 830 -31.75 -15.83 23.41
C PRO A 830 -32.69 -15.75 22.22
N TRP A 831 -32.19 -15.55 21.01
CA TRP A 831 -33.02 -15.28 19.85
C TRP A 831 -33.47 -16.53 19.12
N MET A 832 -33.12 -17.72 19.61
CA MET A 832 -33.61 -18.97 19.04
C MET A 832 -34.50 -19.64 20.07
N GLU A 833 -35.80 -19.67 19.81
CA GLU A 833 -36.74 -20.27 20.75
C GLU A 833 -36.55 -21.78 20.84
N ASP A 834 -36.35 -22.44 19.69
CA ASP A 834 -36.03 -23.86 19.70
C ASP A 834 -34.64 -24.08 20.28
N LYS A 835 -34.44 -25.26 20.88
CA LYS A 835 -33.16 -25.54 21.52
C LYS A 835 -32.64 -26.93 21.20
N THR A 836 -33.06 -27.52 20.09
CA THR A 836 -32.54 -28.82 19.68
C THR A 836 -31.08 -28.70 19.29
N PRO A 837 -30.17 -29.44 19.91
CA PRO A 837 -28.75 -29.33 19.55
C PRO A 837 -28.48 -29.93 18.18
N VAL A 838 -27.43 -29.43 17.55
CA VAL A 838 -26.96 -29.95 16.27
C VAL A 838 -25.97 -31.08 16.52
N THR A 839 -26.15 -32.20 15.83
CA THR A 839 -25.37 -33.39 16.13
C THR A 839 -24.15 -33.54 15.24
N THR A 840 -24.15 -32.97 14.04
CA THR A 840 -23.04 -33.13 13.11
C THR A 840 -22.70 -31.78 12.49
N TRP A 841 -21.45 -31.66 12.04
CA TRP A 841 -21.02 -30.45 11.35
C TRP A 841 -21.68 -30.29 9.98
N GLU A 842 -22.30 -31.35 9.47
CA GLU A 842 -22.96 -31.24 8.17
C GLU A 842 -24.29 -30.51 8.25
N ASP A 843 -24.86 -30.37 9.44
CA ASP A 843 -26.07 -29.60 9.63
C ASP A 843 -25.78 -28.13 9.90
N VAL A 844 -24.54 -27.76 10.18
CA VAL A 844 -24.14 -26.38 10.37
C VAL A 844 -24.08 -25.71 9.01
N PRO A 845 -24.80 -24.60 8.81
CA PRO A 845 -25.04 -24.11 7.45
C PRO A 845 -23.85 -23.33 6.88
N TYR A 846 -23.98 -23.00 5.61
CA TYR A 846 -23.04 -22.17 4.87
C TYR A 846 -23.77 -20.96 4.30
N LEU A 847 -23.01 -19.91 4.03
CA LEU A 847 -23.54 -18.83 3.21
C LEU A 847 -23.85 -19.36 1.81
N GLY A 848 -24.80 -18.72 1.14
CA GLY A 848 -25.01 -19.00 -0.26
C GLY A 848 -23.75 -18.73 -1.06
N LYS A 849 -23.58 -19.48 -2.15
CA LYS A 849 -22.32 -19.40 -2.88
C LYS A 849 -22.09 -18.02 -3.45
N ARG A 850 -23.15 -17.35 -3.92
CA ARG A 850 -23.01 -15.98 -4.39
C ARG A 850 -22.66 -15.04 -3.24
N GLU A 851 -23.30 -15.22 -2.08
CA GLU A 851 -22.97 -14.41 -0.91
C GLU A 851 -21.54 -14.66 -0.46
N ASP A 852 -21.10 -15.92 -0.48
CA ASP A 852 -19.73 -16.23 -0.10
C ASP A 852 -18.74 -15.59 -1.07
N GLN A 853 -19.03 -15.64 -2.36
CA GLN A 853 -18.13 -15.06 -3.35
C GLN A 853 -18.07 -13.55 -3.25
N TRP A 854 -19.22 -12.91 -2.98
CA TRP A 854 -19.22 -11.46 -2.86
C TRP A 854 -18.41 -10.97 -1.67
N CYS A 855 -18.40 -11.75 -0.59
CA CYS A 855 -17.70 -11.37 0.63
C CYS A 855 -16.23 -11.81 0.64
N GLY A 856 -15.67 -12.13 -0.52
CA GLY A 856 -14.24 -12.34 -0.64
C GLY A 856 -13.76 -13.77 -0.73
N SER A 857 -14.66 -14.74 -0.85
CA SER A 857 -14.23 -16.13 -0.95
C SER A 857 -13.56 -16.38 -2.30
N LEU A 858 -12.63 -17.35 -2.30
CA LEU A 858 -11.95 -17.75 -3.52
C LEU A 858 -12.54 -19.00 -4.14
N ILE A 859 -13.70 -19.46 -3.67
CA ILE A 859 -14.33 -20.61 -4.29
C ILE A 859 -14.70 -20.27 -5.72
N GLY A 860 -14.52 -21.23 -6.62
CA GLY A 860 -14.65 -20.98 -8.04
C GLY A 860 -13.37 -20.59 -8.73
N LEU A 861 -12.24 -20.62 -8.04
CA LEU A 861 -10.94 -20.34 -8.61
C LEU A 861 -10.16 -21.62 -8.77
N THR A 862 -9.23 -21.64 -9.73
CA THR A 862 -8.46 -22.84 -10.01
C THR A 862 -7.46 -23.12 -8.89
N SER A 863 -6.80 -22.08 -8.38
CA SER A 863 -5.86 -22.29 -7.28
C SER A 863 -6.56 -22.80 -6.03
N ARG A 864 -7.75 -22.28 -5.75
CA ARG A 864 -8.51 -22.76 -4.61
C ARG A 864 -8.94 -24.21 -4.81
N ALA A 865 -9.33 -24.58 -6.03
CA ALA A 865 -9.70 -25.97 -6.30
C ALA A 865 -8.50 -26.90 -6.10
N THR A 866 -7.33 -26.50 -6.59
CA THR A 866 -6.14 -27.31 -6.40
C THR A 866 -5.79 -27.44 -4.92
N TRP A 867 -5.90 -26.34 -4.18
CA TRP A 867 -5.60 -26.36 -2.75
C TRP A 867 -6.57 -27.27 -1.99
N ALA A 868 -7.85 -27.23 -2.34
CA ALA A 868 -8.82 -28.07 -1.64
C ALA A 868 -8.66 -29.54 -2.01
N GLN A 869 -8.34 -29.83 -3.27
CA GLN A 869 -8.17 -31.22 -3.69
C GLN A 869 -6.97 -31.87 -3.02
N ASN A 870 -5.85 -31.17 -2.93
CA ASN A 870 -4.59 -31.73 -2.45
C ASN A 870 -4.24 -31.21 -1.05
N ILE A 871 -5.26 -30.97 -0.23
CA ILE A 871 -5.03 -30.38 1.09
C ILE A 871 -4.32 -31.36 2.02
N LEU A 872 -4.58 -32.66 1.88
CA LEU A 872 -3.94 -33.64 2.75
C LEU A 872 -2.43 -33.67 2.54
N THR A 873 -1.97 -33.39 1.32
CA THR A 873 -0.54 -33.30 1.08
C THR A 873 0.08 -32.16 1.88
N ALA A 874 -0.57 -31.00 1.89
CA ALA A 874 -0.06 -29.86 2.66
C ALA A 874 -0.13 -30.14 4.16
N ILE A 875 -1.19 -30.81 4.61
CA ILE A 875 -1.28 -31.16 6.03
C ILE A 875 -0.15 -32.08 6.42
N GLN A 876 0.14 -33.08 5.58
CA GLN A 876 1.24 -33.99 5.87
C GLN A 876 2.60 -33.28 5.82
N GLN A 877 2.74 -32.31 4.91
CA GLN A 877 3.98 -31.55 4.86
C GLN A 877 4.21 -30.75 6.14
N VAL A 878 3.16 -30.09 6.64
CA VAL A 878 3.28 -29.37 7.89
C VAL A 878 3.53 -30.33 9.05
N ARG A 879 2.89 -31.50 9.00
CA ARG A 879 3.11 -32.50 10.05
C ARG A 879 4.57 -32.95 10.10
N SER A 880 5.16 -33.21 8.93
CA SER A 880 6.56 -33.61 8.89
C SER A 880 7.47 -32.47 9.30
N LEU A 881 7.10 -31.24 8.96
CA LEU A 881 7.91 -30.09 9.36
C LEU A 881 7.94 -29.92 10.87
N ILE A 882 6.80 -30.15 11.54
CA ILE A 882 6.77 -30.01 12.99
C ILE A 882 7.59 -31.12 13.65
N GLY A 883 7.39 -32.36 13.22
CA GLY A 883 8.16 -33.46 13.74
C GLY A 883 7.29 -34.69 13.89
N ASN A 884 7.74 -35.60 14.74
CA ASN A 884 7.02 -36.86 15.01
C ASN A 884 6.21 -36.68 16.27
N GLU A 885 4.99 -36.17 16.12
CA GLU A 885 4.08 -35.95 17.23
C GLU A 885 2.78 -36.70 16.98
N GLU A 886 1.91 -36.70 17.99
CA GLU A 886 0.60 -37.31 17.86
C GLU A 886 -0.35 -36.33 17.18
N PHE A 887 -0.96 -36.78 16.08
CA PHE A 887 -1.81 -35.92 15.27
C PHE A 887 -3.20 -36.55 15.11
N LEU A 888 -4.20 -35.70 14.96
CA LEU A 888 -5.57 -36.13 14.78
C LEU A 888 -6.15 -35.48 13.54
N ASP A 889 -7.01 -36.20 12.84
CA ASP A 889 -7.59 -35.74 11.58
C ASP A 889 -8.92 -35.06 11.87
N TYR A 890 -9.05 -33.81 11.42
CA TYR A 890 -10.27 -33.04 11.60
C TYR A 890 -11.12 -32.97 10.33
N MET A 891 -10.59 -33.42 9.20
CA MET A 891 -11.27 -33.21 7.94
C MET A 891 -12.48 -34.12 7.82
N PRO A 892 -13.65 -33.60 7.46
CA PRO A 892 -14.84 -34.45 7.36
C PRO A 892 -14.69 -35.50 6.26
N SER A 893 -15.34 -36.64 6.47
CA SER A 893 -15.25 -37.75 5.53
C SER A 893 -16.28 -37.60 4.41
N PRO B 231 43.36 -14.30 -14.33
CA PRO B 231 42.14 -13.49 -14.21
C PRO B 231 42.30 -12.34 -13.20
N GLU B 232 42.98 -11.28 -13.62
CA GLU B 232 43.23 -10.14 -12.76
C GLU B 232 42.06 -9.16 -12.80
N LEU B 233 41.70 -8.64 -11.64
CA LEU B 233 40.56 -7.75 -11.50
C LEU B 233 41.04 -6.36 -11.11
N GLU B 234 40.63 -5.36 -11.88
CA GLU B 234 40.89 -3.97 -11.50
C GLU B 234 40.08 -3.62 -10.25
N GLU B 235 40.72 -2.90 -9.33
CA GLU B 235 40.02 -2.51 -8.10
C GLU B 235 38.87 -1.56 -8.38
N GLU B 236 38.97 -0.77 -9.46
CA GLU B 236 37.99 0.28 -9.71
C GLU B 236 36.59 -0.25 -9.96
N MET B 237 36.44 -1.54 -10.26
CA MET B 237 35.11 -2.08 -10.47
C MET B 237 34.39 -2.38 -9.16
N PHE B 238 35.05 -2.25 -8.01
CA PHE B 238 34.42 -2.53 -6.73
C PHE B 238 34.03 -1.28 -5.96
N LYS B 239 34.20 -0.10 -6.55
CA LYS B 239 33.87 1.15 -5.88
C LYS B 239 32.60 1.74 -6.47
N LYS B 240 31.86 2.47 -5.64
CA LYS B 240 30.57 3.02 -6.03
C LYS B 240 30.75 4.09 -7.11
N ARG B 241 29.64 4.35 -7.83
CA ARG B 241 29.57 5.23 -8.99
C ARG B 241 30.30 4.66 -10.21
N ASN B 242 30.71 3.39 -10.16
CA ASN B 242 31.46 2.78 -11.25
C ASN B 242 30.62 1.67 -11.86
N LEU B 243 30.42 1.75 -13.18
CA LEU B 243 29.71 0.73 -13.93
C LEU B 243 30.67 0.18 -14.97
N THR B 244 30.99 -1.11 -14.86
CA THR B 244 32.00 -1.75 -15.70
C THR B 244 31.32 -2.63 -16.75
N ILE B 245 31.59 -2.34 -18.01
CA ILE B 245 31.14 -3.18 -19.12
C ILE B 245 32.26 -4.14 -19.46
N MET B 246 31.97 -5.44 -19.42
CA MET B 246 32.93 -6.48 -19.75
C MET B 246 32.53 -7.07 -21.10
N ASP B 247 33.32 -6.78 -22.13
CA ASP B 247 32.95 -7.06 -23.52
C ASP B 247 33.79 -8.16 -24.15
N LEU B 248 34.09 -9.20 -23.38
CA LEU B 248 34.89 -10.30 -23.90
C LEU B 248 34.07 -11.12 -24.88
N HIS B 249 34.78 -11.77 -25.81
CA HIS B 249 34.12 -12.59 -26.82
C HIS B 249 33.61 -13.89 -26.19
N PRO B 250 32.66 -14.55 -26.84
CA PRO B 250 32.11 -15.80 -26.27
C PRO B 250 33.20 -16.83 -26.05
N GLY B 251 33.08 -17.56 -24.93
CA GLY B 251 34.05 -18.55 -24.56
C GLY B 251 35.30 -18.01 -23.89
N SER B 252 35.38 -16.71 -23.64
CA SER B 252 36.56 -16.13 -23.01
C SER B 252 36.69 -16.55 -21.55
N GLY B 253 35.59 -16.91 -20.89
CA GLY B 253 35.60 -17.27 -19.51
C GLY B 253 34.88 -16.33 -18.57
N LYS B 254 33.92 -15.54 -19.06
CA LYS B 254 33.22 -14.60 -18.20
C LYS B 254 32.44 -15.32 -17.12
N THR B 255 31.85 -16.46 -17.45
CA THR B 255 31.00 -17.17 -16.49
C THR B 255 31.82 -18.08 -15.57
N ARG B 256 32.95 -18.60 -16.05
CA ARG B 256 33.70 -19.60 -15.30
C ARG B 256 35.02 -19.10 -14.73
N LYS B 257 35.59 -18.03 -15.29
CA LYS B 257 36.84 -17.47 -14.76
C LYS B 257 36.61 -16.16 -14.01
N TYR B 258 36.00 -15.18 -14.67
CA TYR B 258 35.90 -13.84 -14.08
C TYR B 258 34.84 -13.79 -12.99
N LEU B 259 33.68 -14.42 -13.21
CA LEU B 259 32.62 -14.39 -12.21
C LEU B 259 33.04 -15.00 -10.88
N PRO B 260 33.64 -16.20 -10.82
CA PRO B 260 34.08 -16.71 -9.52
C PRO B 260 35.08 -15.81 -8.81
N ALA B 261 36.03 -15.22 -9.56
CA ALA B 261 37.01 -14.33 -8.95
C ALA B 261 36.34 -13.08 -8.39
N ILE B 262 35.40 -12.50 -9.15
CA ILE B 262 34.71 -11.31 -8.69
C ILE B 262 33.88 -11.61 -7.45
N VAL B 263 33.19 -12.76 -7.44
CA VAL B 263 32.38 -13.11 -6.28
C VAL B 263 33.28 -13.36 -5.07
N ARG B 264 34.43 -14.00 -5.28
CA ARG B 264 35.35 -14.24 -4.17
C ARG B 264 35.87 -12.93 -3.59
N GLU B 265 36.25 -11.99 -4.46
CA GLU B 265 36.74 -10.70 -3.98
C GLU B 265 35.63 -9.90 -3.31
N ALA B 266 34.38 -10.06 -3.75
CA ALA B 266 33.27 -9.37 -3.10
C ALA B 266 32.95 -10.00 -1.75
N ILE B 267 33.11 -11.31 -1.62
CA ILE B 267 32.97 -11.97 -0.33
C ILE B 267 34.05 -11.49 0.63
N LYS B 268 35.28 -11.34 0.12
CA LYS B 268 36.38 -10.89 0.96
C LYS B 268 36.14 -9.47 1.48
N ARG B 269 35.65 -8.58 0.64
CA ARG B 269 35.43 -7.19 1.02
C ARG B 269 34.10 -6.97 1.74
N ARG B 270 33.30 -8.03 1.92
CA ARG B 270 32.04 -7.95 2.65
C ARG B 270 31.07 -6.97 1.98
N LEU B 271 30.73 -7.28 0.72
CA LEU B 271 29.80 -6.48 -0.05
C LEU B 271 28.53 -7.28 -0.29
N ARG B 272 27.38 -6.69 0.02
CA ARG B 272 26.11 -7.28 -0.35
C ARG B 272 26.01 -7.34 -1.87
N THR B 273 25.90 -8.55 -2.41
CA THR B 273 26.09 -8.78 -3.83
C THR B 273 24.88 -9.46 -4.44
N LEU B 274 24.48 -8.99 -5.61
CA LEU B 274 23.42 -9.60 -6.41
C LEU B 274 24.00 -10.09 -7.72
N ILE B 275 23.56 -11.28 -8.14
CA ILE B 275 23.93 -11.84 -9.44
C ILE B 275 22.65 -12.12 -10.20
N LEU B 276 22.61 -11.67 -11.46
CA LEU B 276 21.40 -11.74 -12.26
C LEU B 276 21.69 -12.49 -13.56
N ALA B 277 21.04 -13.64 -13.71
CA ALA B 277 21.10 -14.50 -14.88
C ALA B 277 19.85 -14.33 -15.74
N PRO B 278 19.97 -14.30 -17.06
CA PRO B 278 18.78 -14.08 -17.89
C PRO B 278 17.78 -15.21 -17.82
N THR B 279 18.24 -16.44 -18.04
CA THR B 279 17.38 -17.62 -18.05
C THR B 279 17.89 -18.60 -16.99
N ARG B 280 17.26 -19.78 -16.96
CA ARG B 280 17.64 -20.78 -15.96
C ARG B 280 18.86 -21.60 -16.36
N VAL B 281 19.15 -21.73 -17.66
CA VAL B 281 20.36 -22.42 -18.05
C VAL B 281 21.59 -21.62 -17.65
N VAL B 282 21.52 -20.30 -17.75
CA VAL B 282 22.63 -19.46 -17.31
C VAL B 282 22.81 -19.56 -15.81
N ALA B 283 21.72 -19.60 -15.06
CA ALA B 283 21.80 -19.77 -13.62
C ALA B 283 22.42 -21.12 -13.27
N ALA B 284 22.07 -22.17 -14.01
CA ALA B 284 22.68 -23.47 -13.79
C ALA B 284 24.18 -23.43 -14.06
N GLU B 285 24.59 -22.74 -15.13
CA GLU B 285 26.01 -22.62 -15.43
C GLU B 285 26.74 -21.85 -14.32
N MET B 286 26.13 -20.78 -13.80
CA MET B 286 26.71 -20.07 -12.67
C MET B 286 26.87 -20.99 -11.47
N GLU B 287 25.82 -21.74 -11.13
CA GLU B 287 25.90 -22.61 -9.96
C GLU B 287 26.97 -23.68 -10.14
N GLU B 288 27.12 -24.19 -11.36
CA GLU B 288 28.21 -25.13 -11.63
C GLU B 288 29.57 -24.46 -11.47
N ALA B 289 29.68 -23.21 -11.89
CA ALA B 289 30.94 -22.48 -11.84
C ALA B 289 31.20 -21.80 -10.50
N LEU B 290 30.27 -21.88 -9.56
CA LEU B 290 30.41 -21.26 -8.25
C LEU B 290 30.40 -22.30 -7.14
N LYS B 291 30.97 -23.47 -7.40
CA LYS B 291 31.06 -24.51 -6.38
C LYS B 291 31.94 -24.05 -5.22
N GLY B 292 31.47 -24.29 -4.00
CA GLY B 292 32.26 -24.01 -2.83
C GLY B 292 32.22 -22.57 -2.33
N LEU B 293 31.28 -21.77 -2.82
CA LEU B 293 31.11 -20.40 -2.34
C LEU B 293 29.73 -20.26 -1.69
N PRO B 294 29.61 -19.43 -0.66
CA PRO B 294 28.29 -19.25 -0.04
C PRO B 294 27.40 -18.35 -0.87
N ILE B 295 26.46 -18.94 -1.59
CA ILE B 295 25.56 -18.23 -2.48
C ILE B 295 24.14 -18.63 -2.13
N ARG B 296 23.28 -17.64 -1.92
CA ARG B 296 21.89 -17.90 -1.56
C ARG B 296 21.10 -17.84 -2.86
N TYR B 297 20.95 -19.00 -3.49
CA TYR B 297 20.24 -19.08 -4.76
C TYR B 297 18.75 -18.84 -4.58
N GLN B 298 18.19 -17.97 -5.42
CA GLN B 298 16.77 -17.65 -5.38
C GLN B 298 16.11 -17.94 -6.71
N THR B 299 16.53 -19.02 -7.36
CA THR B 299 15.98 -19.44 -8.65
C THR B 299 15.45 -20.86 -8.52
N THR B 300 14.32 -21.12 -9.19
CA THR B 300 13.68 -22.43 -9.10
C THR B 300 14.58 -23.53 -9.66
N ALA B 301 15.45 -23.20 -10.61
CA ALA B 301 16.26 -24.22 -11.27
C ALA B 301 17.20 -24.92 -10.29
N THR B 302 17.80 -24.16 -9.39
CA THR B 302 18.81 -24.70 -8.49
C THR B 302 18.19 -25.12 -7.17
N LYS B 303 18.93 -25.96 -6.45
CA LYS B 303 18.53 -26.41 -5.13
C LYS B 303 18.68 -25.28 -4.11
N SER B 304 18.37 -25.58 -2.86
CA SER B 304 18.40 -24.56 -1.81
C SER B 304 18.86 -25.20 -0.50
N GLU B 305 19.99 -24.72 0.01
CA GLU B 305 20.49 -25.12 1.32
C GLU B 305 21.07 -23.92 2.06
N HIS B 306 20.53 -22.74 1.81
CA HIS B 306 21.08 -21.51 2.38
C HIS B 306 20.93 -21.52 3.91
N THR B 307 21.94 -20.97 4.59
CA THR B 307 21.97 -20.95 6.04
C THR B 307 21.41 -19.65 6.60
N GLY B 308 21.97 -18.52 6.18
CA GLY B 308 21.57 -17.23 6.71
C GLY B 308 22.72 -16.27 6.82
N LYS B 309 23.94 -16.77 6.57
CA LYS B 309 25.14 -15.96 6.62
C LYS B 309 25.62 -15.56 5.22
N GLU B 310 24.82 -15.80 4.19
CA GLU B 310 25.19 -15.40 2.85
C GLU B 310 24.96 -13.93 2.62
N ILE B 311 25.90 -13.28 1.95
CA ILE B 311 25.74 -11.90 1.49
C ILE B 311 25.58 -11.83 -0.02
N VAL B 312 25.58 -12.96 -0.71
CA VAL B 312 25.46 -13.00 -2.16
C VAL B 312 24.17 -13.73 -2.52
N ASP B 313 23.36 -13.10 -3.36
CA ASP B 313 22.14 -13.70 -3.88
C ASP B 313 22.26 -13.90 -5.37
N LEU B 314 21.58 -14.93 -5.89
CA LEU B 314 21.53 -15.19 -7.31
C LEU B 314 20.07 -15.34 -7.73
N MET B 315 19.68 -14.63 -8.78
CA MET B 315 18.31 -14.75 -9.30
C MET B 315 18.32 -14.37 -10.76
N CYS B 316 17.12 -14.22 -11.33
CA CYS B 316 16.95 -13.87 -12.73
C CYS B 316 16.51 -12.42 -12.87
N HIS B 317 16.67 -11.90 -14.10
CA HIS B 317 16.31 -10.51 -14.37
C HIS B 317 14.84 -10.25 -14.05
N ALA B 318 13.95 -11.13 -14.52
CA ALA B 318 12.53 -10.93 -14.32
C ALA B 318 12.14 -11.02 -12.85
N THR B 319 12.75 -11.94 -12.12
CA THR B 319 12.48 -12.05 -10.69
C THR B 319 12.84 -10.76 -9.97
N PHE B 320 14.01 -10.21 -10.29
CA PHE B 320 14.45 -8.96 -9.65
C PHE B 320 13.51 -7.81 -10.00
N THR B 321 13.13 -7.69 -11.26
CA THR B 321 12.26 -6.59 -11.65
C THR B 321 10.89 -6.71 -11.00
N MET B 322 10.32 -7.92 -10.96
CA MET B 322 9.00 -8.09 -10.38
C MET B 322 9.04 -7.92 -8.87
N ARG B 323 10.19 -8.17 -8.24
CA ARG B 323 10.33 -7.83 -6.82
C ARG B 323 10.48 -6.33 -6.62
N LEU B 324 11.08 -5.64 -7.58
CA LEU B 324 11.17 -4.18 -7.50
C LEU B 324 9.80 -3.54 -7.65
N LEU B 325 8.93 -4.14 -8.46
CA LEU B 325 7.57 -3.62 -8.60
C LEU B 325 6.67 -4.03 -7.46
N SER B 326 7.07 -5.01 -6.66
CA SER B 326 6.26 -5.52 -5.56
C SER B 326 6.44 -4.66 -4.32
N PRO B 327 5.52 -4.76 -3.35
CA PRO B 327 5.62 -3.92 -2.15
C PRO B 327 6.50 -4.51 -1.05
N VAL B 328 7.34 -5.49 -1.38
CA VAL B 328 8.28 -6.07 -0.44
C VAL B 328 9.66 -5.49 -0.70
N ARG B 329 10.33 -5.04 0.37
CA ARG B 329 11.59 -4.32 0.22
C ARG B 329 12.71 -5.27 -0.19
N VAL B 330 13.55 -4.79 -1.11
CA VAL B 330 14.70 -5.55 -1.58
C VAL B 330 15.97 -5.01 -0.91
N PRO B 331 16.99 -5.84 -0.71
CA PRO B 331 18.21 -5.37 -0.05
C PRO B 331 18.92 -4.29 -0.85
N ASN B 332 19.62 -3.42 -0.15
CA ASN B 332 20.48 -2.41 -0.77
C ASN B 332 21.81 -3.09 -1.10
N TYR B 333 21.90 -3.65 -2.30
CA TYR B 333 23.10 -4.35 -2.71
C TYR B 333 24.23 -3.36 -2.99
N ASN B 334 25.41 -3.64 -2.46
CA ASN B 334 26.58 -2.81 -2.73
C ASN B 334 27.22 -3.14 -4.07
N LEU B 335 26.91 -4.31 -4.65
CA LEU B 335 27.51 -4.73 -5.90
C LEU B 335 26.52 -5.59 -6.65
N ILE B 336 26.36 -5.30 -7.94
CA ILE B 336 25.42 -6.02 -8.80
C ILE B 336 26.16 -6.49 -10.04
N ILE B 337 26.13 -7.80 -10.28
CA ILE B 337 26.70 -8.41 -11.47
C ILE B 337 25.53 -8.91 -12.31
N MET B 338 25.49 -8.51 -13.57
CA MET B 338 24.40 -8.90 -14.45
C MET B 338 25.00 -9.57 -15.68
N ASP B 339 24.76 -10.88 -15.82
CA ASP B 339 25.24 -11.60 -16.97
C ASP B 339 24.29 -11.42 -18.15
N GLU B 340 24.87 -11.36 -19.34
CA GLU B 340 24.13 -11.13 -20.58
C GLU B 340 23.29 -9.87 -20.47
N ALA B 341 23.99 -8.74 -20.32
CA ALA B 341 23.35 -7.44 -20.16
C ALA B 341 22.88 -6.84 -21.48
N HIS B 342 22.82 -7.65 -22.54
CA HIS B 342 22.20 -7.27 -23.79
C HIS B 342 20.79 -7.82 -23.92
N PHE B 343 20.37 -8.64 -22.96
CA PHE B 343 19.12 -9.38 -23.07
C PHE B 343 17.93 -8.42 -23.08
N THR B 344 17.00 -8.65 -24.00
CA THR B 344 15.99 -7.66 -24.33
C THR B 344 14.60 -8.02 -23.81
N ASP B 345 14.51 -8.88 -22.81
CA ASP B 345 13.26 -9.03 -22.08
C ASP B 345 12.92 -7.69 -21.42
N PRO B 346 11.66 -7.27 -21.40
CA PRO B 346 11.33 -5.97 -20.80
C PRO B 346 11.80 -5.85 -19.36
N ALA B 347 11.72 -6.94 -18.59
CA ALA B 347 12.18 -6.90 -17.21
C ALA B 347 13.69 -6.75 -17.14
N SER B 348 14.43 -7.32 -18.09
CA SER B 348 15.88 -7.15 -18.11
C SER B 348 16.27 -5.71 -18.38
N ILE B 349 15.58 -5.04 -19.31
CA ILE B 349 15.86 -3.64 -19.59
C ILE B 349 15.50 -2.76 -18.40
N ALA B 350 14.36 -3.06 -17.76
CA ALA B 350 13.98 -2.30 -16.56
C ALA B 350 15.00 -2.49 -15.45
N ALA B 351 15.50 -3.70 -15.27
CA ALA B 351 16.52 -3.95 -14.26
C ALA B 351 17.81 -3.21 -14.57
N ARG B 352 18.20 -3.17 -15.84
CA ARG B 352 19.39 -2.40 -16.22
C ARG B 352 19.20 -0.93 -15.90
N GLY B 353 18.02 -0.38 -16.19
CA GLY B 353 17.76 1.01 -15.86
C GLY B 353 17.85 1.28 -14.37
N TYR B 354 17.23 0.41 -13.57
CA TYR B 354 17.28 0.58 -12.12
C TYR B 354 18.72 0.49 -11.60
N ILE B 355 19.48 -0.48 -12.09
CA ILE B 355 20.84 -0.68 -11.61
C ILE B 355 21.72 0.51 -11.97
N SER B 356 21.60 1.02 -13.20
CA SER B 356 22.39 2.17 -13.59
C SER B 356 21.98 3.41 -12.79
N THR B 357 20.70 3.55 -12.47
CA THR B 357 20.28 4.67 -11.63
C THR B 357 20.89 4.57 -10.23
N ARG B 358 20.88 3.37 -9.65
CA ARG B 358 21.48 3.21 -8.32
C ARG B 358 22.99 3.45 -8.36
N VAL B 359 23.66 3.02 -9.43
CA VAL B 359 25.08 3.27 -9.56
C VAL B 359 25.36 4.77 -9.67
N GLY B 360 24.54 5.48 -10.44
CA GLY B 360 24.73 6.91 -10.59
C GLY B 360 24.54 7.70 -9.32
N MET B 361 23.81 7.16 -8.35
CA MET B 361 23.62 7.82 -7.07
C MET B 361 24.75 7.53 -6.08
N GLY B 362 25.72 6.72 -6.45
CA GLY B 362 26.82 6.40 -5.56
C GLY B 362 26.46 5.43 -4.47
N GLU B 363 25.47 4.58 -4.70
CA GLU B 363 25.02 3.62 -3.71
C GLU B 363 25.33 2.18 -4.07
N ALA B 364 25.95 1.94 -5.22
CA ALA B 364 26.28 0.58 -5.64
C ALA B 364 27.30 0.67 -6.78
N ALA B 365 27.89 -0.48 -7.09
CA ALA B 365 28.75 -0.66 -8.25
C ALA B 365 28.23 -1.85 -9.05
N ALA B 366 28.45 -1.82 -10.36
CA ALA B 366 27.86 -2.84 -11.23
C ALA B 366 28.88 -3.34 -12.24
N ILE B 367 28.78 -4.63 -12.55
CA ILE B 367 29.50 -5.22 -13.68
C ILE B 367 28.46 -5.84 -14.61
N PHE B 368 28.41 -5.32 -15.83
CA PHE B 368 27.54 -5.86 -16.88
C PHE B 368 28.39 -6.73 -17.79
N MET B 369 28.15 -8.05 -17.75
CA MET B 369 28.89 -8.99 -18.57
C MET B 369 28.08 -9.31 -19.82
N THR B 370 28.62 -8.94 -20.99
CA THR B 370 27.95 -9.27 -22.24
C THR B 370 28.99 -9.31 -23.35
N ALA B 371 28.83 -10.24 -24.28
CA ALA B 371 29.70 -10.34 -25.44
C ALA B 371 29.20 -9.52 -26.61
N THR B 372 27.89 -9.42 -26.79
CA THR B 372 27.31 -8.64 -27.87
C THR B 372 26.60 -7.42 -27.29
N PRO B 373 27.33 -6.34 -27.03
CA PRO B 373 26.72 -5.18 -26.38
C PRO B 373 25.84 -4.41 -27.35
N PRO B 374 25.08 -3.43 -26.86
CA PRO B 374 24.27 -2.62 -27.77
C PRO B 374 25.13 -1.95 -28.83
N GLY B 375 24.59 -1.87 -30.04
CA GLY B 375 25.35 -1.39 -31.17
C GLY B 375 26.13 -2.46 -31.90
N THR B 376 25.81 -3.73 -31.69
CA THR B 376 26.54 -4.82 -32.31
C THR B 376 26.02 -5.06 -33.73
N ALA B 377 26.94 -5.11 -34.69
CA ALA B 377 26.61 -5.45 -36.07
C ALA B 377 27.38 -6.66 -36.57
N ASP B 378 28.30 -7.21 -35.76
CA ASP B 378 29.08 -8.37 -36.15
C ASP B 378 28.32 -9.63 -35.76
N ALA B 379 27.74 -10.30 -36.74
CA ALA B 379 27.07 -11.58 -36.51
C ALA B 379 28.06 -12.73 -36.37
N PHE B 380 29.35 -12.49 -36.58
CA PHE B 380 30.38 -13.52 -36.49
C PHE B 380 31.50 -13.01 -35.61
N PRO B 381 31.30 -12.99 -34.29
CA PRO B 381 32.36 -12.52 -33.39
C PRO B 381 33.50 -13.53 -33.28
N GLN B 382 34.56 -13.10 -32.61
CA GLN B 382 35.71 -13.95 -32.41
C GLN B 382 35.34 -15.13 -31.52
N SER B 383 35.90 -16.29 -31.85
CA SER B 383 35.66 -17.52 -31.11
C SER B 383 36.98 -18.09 -30.61
N ASN B 384 36.88 -19.08 -29.72
CA ASN B 384 38.07 -19.79 -29.27
C ASN B 384 38.73 -20.55 -30.41
N ALA B 385 37.93 -21.16 -31.27
CA ALA B 385 38.39 -21.94 -32.41
C ALA B 385 37.65 -21.49 -33.67
N PRO B 386 38.26 -21.65 -34.84
CA PRO B 386 37.59 -21.23 -36.07
C PRO B 386 36.30 -21.99 -36.30
N ILE B 387 35.33 -21.31 -36.93
CA ILE B 387 34.00 -21.83 -37.14
C ILE B 387 33.69 -21.75 -38.63
N GLN B 388 33.09 -22.82 -39.16
CA GLN B 388 32.72 -22.87 -40.57
C GLN B 388 31.26 -22.45 -40.72
N ASP B 389 31.04 -21.31 -41.36
CA ASP B 389 29.70 -20.74 -41.54
C ASP B 389 29.21 -21.04 -42.94
N GLU B 390 28.08 -21.73 -43.03
CA GLU B 390 27.51 -22.15 -44.31
C GLU B 390 26.01 -21.85 -44.33
N GLU B 391 25.55 -21.18 -45.37
CA GLU B 391 24.15 -20.81 -45.51
C GLU B 391 23.43 -21.86 -46.34
N ARG B 392 23.05 -22.96 -45.69
CA ARG B 392 22.23 -23.98 -46.30
C ARG B 392 20.76 -23.61 -46.11
N ASP B 393 19.87 -24.55 -46.41
CA ASP B 393 18.42 -24.35 -46.30
C ASP B 393 17.88 -25.30 -45.23
N ILE B 394 17.79 -24.80 -44.02
CA ILE B 394 17.33 -25.62 -42.89
C ILE B 394 15.83 -25.88 -43.02
N PRO B 395 15.37 -27.12 -42.88
CA PRO B 395 13.93 -27.37 -42.94
C PRO B 395 13.21 -26.86 -41.70
N GLU B 396 11.91 -26.59 -41.88
CA GLU B 396 11.09 -26.08 -40.80
C GLU B 396 10.34 -27.19 -40.06
N ARG B 397 9.72 -28.10 -40.79
CA ARG B 397 8.99 -29.22 -40.23
C ARG B 397 9.72 -30.52 -40.54
N SER B 398 9.09 -31.64 -40.22
CA SER B 398 9.65 -32.94 -40.53
C SER B 398 9.77 -33.13 -42.04
N TRP B 399 10.74 -33.95 -42.45
CA TRP B 399 11.01 -34.18 -43.85
C TRP B 399 10.99 -35.67 -44.14
N ASN B 400 10.26 -36.06 -45.18
CA ASN B 400 10.14 -37.47 -45.54
C ASN B 400 11.47 -38.03 -46.03
N SER B 401 12.20 -37.27 -46.84
CA SER B 401 13.45 -37.75 -47.41
C SER B 401 14.32 -36.53 -47.71
N GLY B 402 15.48 -36.80 -48.33
CA GLY B 402 16.41 -35.72 -48.60
C GLY B 402 17.09 -35.24 -47.33
N ASN B 403 17.68 -34.05 -47.43
CA ASN B 403 18.36 -33.41 -46.31
C ASN B 403 19.41 -34.33 -45.70
N ASP B 404 20.20 -34.96 -46.58
CA ASP B 404 21.19 -35.91 -46.12
C ASP B 404 22.28 -35.25 -45.27
N TRP B 405 22.53 -33.96 -45.48
CA TRP B 405 23.56 -33.27 -44.71
C TRP B 405 23.24 -33.25 -43.22
N ILE B 406 21.96 -33.35 -42.86
CA ILE B 406 21.58 -33.30 -41.46
C ILE B 406 22.01 -34.56 -40.73
N THR B 407 21.54 -35.72 -41.18
CA THR B 407 21.78 -36.97 -40.47
C THR B 407 23.16 -37.54 -40.73
N ASP B 408 23.82 -37.14 -41.82
CA ASP B 408 25.15 -37.67 -42.13
C ASP B 408 26.22 -37.16 -41.17
N PHE B 409 25.92 -36.17 -40.34
CA PHE B 409 26.90 -35.63 -39.42
C PHE B 409 27.20 -36.64 -38.31
N ALA B 410 28.46 -36.65 -37.87
CA ALA B 410 28.90 -37.59 -36.85
C ALA B 410 28.86 -37.03 -35.44
N GLY B 411 29.08 -35.73 -35.26
CA GLY B 411 29.16 -35.13 -33.95
C GLY B 411 27.81 -34.68 -33.42
N LYS B 412 27.86 -33.96 -32.31
CA LYS B 412 26.65 -33.46 -31.66
C LYS B 412 26.20 -32.16 -32.30
N THR B 413 24.88 -32.00 -32.43
CA THR B 413 24.30 -30.84 -33.07
C THR B 413 23.29 -30.18 -32.12
N VAL B 414 23.35 -28.85 -32.06
CA VAL B 414 22.36 -28.06 -31.33
C VAL B 414 21.51 -27.33 -32.36
N TRP B 415 20.23 -27.67 -32.40
CA TRP B 415 19.28 -27.09 -33.34
C TRP B 415 18.39 -26.12 -32.58
N PHE B 416 18.25 -24.90 -33.11
CA PHE B 416 17.39 -23.89 -32.51
C PHE B 416 16.08 -23.83 -33.28
N VAL B 417 14.96 -23.92 -32.56
CA VAL B 417 13.64 -23.88 -33.17
C VAL B 417 12.85 -22.73 -32.56
N PRO B 418 11.90 -22.13 -33.28
CA PRO B 418 11.19 -20.96 -32.75
C PRO B 418 10.07 -21.29 -31.78
N SER B 419 9.69 -22.55 -31.64
CA SER B 419 8.57 -22.92 -30.78
C SER B 419 8.75 -24.36 -30.31
N ILE B 420 8.02 -24.69 -29.25
CA ILE B 420 8.07 -26.05 -28.71
C ILE B 420 7.42 -27.04 -29.67
N LYS B 421 6.38 -26.62 -30.40
CA LYS B 421 5.70 -27.51 -31.33
C LYS B 421 6.58 -27.86 -32.53
N ALA B 422 7.25 -26.86 -33.10
CA ALA B 422 8.18 -27.13 -34.19
C ALA B 422 9.32 -28.02 -33.71
N GLY B 423 9.80 -27.78 -32.49
CA GLY B 423 10.83 -28.63 -31.92
C GLY B 423 10.35 -30.07 -31.74
N ASN B 424 9.10 -30.23 -31.32
CA ASN B 424 8.53 -31.58 -31.20
C ASN B 424 8.52 -32.29 -32.54
N ASP B 425 8.05 -31.60 -33.58
CA ASP B 425 7.98 -32.22 -34.90
C ASP B 425 9.38 -32.59 -35.40
N ILE B 426 10.33 -31.67 -35.27
CA ILE B 426 11.70 -31.93 -35.73
C ILE B 426 12.33 -33.09 -34.97
N ALA B 427 12.17 -33.11 -33.64
CA ALA B 427 12.78 -34.18 -32.86
C ALA B 427 12.11 -35.52 -33.12
N ASN B 428 10.81 -35.53 -33.41
CA ASN B 428 10.17 -36.77 -33.83
C ASN B 428 10.77 -37.27 -35.14
N CYS B 429 10.95 -36.37 -36.10
CA CYS B 429 11.58 -36.78 -37.36
C CYS B 429 13.00 -37.26 -37.16
N LEU B 430 13.72 -36.67 -36.20
CA LEU B 430 15.11 -37.05 -35.96
C LEU B 430 15.22 -38.38 -35.24
N ARG B 431 14.31 -38.66 -34.30
CA ARG B 431 14.27 -39.96 -33.65
C ARG B 431 13.76 -41.04 -34.58
N LYS B 432 12.99 -40.66 -35.61
CA LYS B 432 12.59 -41.63 -36.62
C LYS B 432 13.80 -42.19 -37.36
N ASN B 433 14.89 -41.44 -37.43
CA ASN B 433 16.09 -41.85 -38.13
C ASN B 433 17.15 -42.44 -37.20
N GLY B 434 16.74 -42.97 -36.05
CA GLY B 434 17.67 -43.65 -35.17
C GLY B 434 18.67 -42.76 -34.48
N LYS B 435 18.36 -41.47 -34.33
CA LYS B 435 19.21 -40.53 -33.62
C LYS B 435 18.46 -40.06 -32.38
N LYS B 436 19.07 -40.25 -31.21
CA LYS B 436 18.41 -39.90 -29.96
C LYS B 436 18.61 -38.42 -29.64
N VAL B 437 17.52 -37.76 -29.26
CA VAL B 437 17.43 -36.31 -29.24
C VAL B 437 16.93 -35.85 -27.87
N ILE B 438 17.46 -34.73 -27.39
CA ILE B 438 17.01 -34.09 -26.17
C ILE B 438 16.30 -32.80 -26.54
N GLN B 439 15.10 -32.60 -25.98
CA GLN B 439 14.33 -31.39 -26.23
C GLN B 439 14.47 -30.46 -25.03
N LEU B 440 14.98 -29.26 -25.27
CA LEU B 440 15.07 -28.21 -24.26
C LEU B 440 13.98 -27.17 -24.48
N SER B 441 13.28 -26.82 -23.41
CA SER B 441 12.29 -25.77 -23.41
C SER B 441 12.10 -25.33 -21.97
N ARG B 442 11.29 -24.28 -21.77
CA ARG B 442 10.99 -23.88 -20.41
C ARG B 442 10.09 -24.87 -19.70
N LYS B 443 9.37 -25.69 -20.45
CA LYS B 443 8.51 -26.71 -19.86
C LYS B 443 9.27 -27.99 -19.53
N THR B 444 10.37 -28.27 -20.22
CA THR B 444 11.13 -29.49 -20.01
C THR B 444 12.55 -29.24 -19.50
N PHE B 445 12.87 -28.01 -19.09
CA PHE B 445 14.23 -27.70 -18.67
C PHE B 445 14.65 -28.54 -17.46
N ASP B 446 13.75 -28.68 -16.48
CA ASP B 446 14.14 -29.22 -15.18
C ASP B 446 14.69 -30.62 -15.29
N THR B 447 14.05 -31.46 -16.12
CA THR B 447 14.57 -32.81 -16.32
C THR B 447 15.65 -32.84 -17.39
N GLU B 448 15.44 -32.14 -18.50
CA GLU B 448 16.25 -32.39 -19.69
C GLU B 448 17.62 -31.72 -19.65
N TYR B 449 17.81 -30.67 -18.87
CA TYR B 449 19.11 -29.99 -18.89
C TYR B 449 20.20 -30.86 -18.30
N GLN B 450 19.93 -31.50 -17.16
CA GLN B 450 20.92 -32.40 -16.58
C GLN B 450 21.22 -33.57 -17.50
N LYS B 451 20.20 -34.07 -18.20
CA LYS B 451 20.43 -35.11 -19.20
C LYS B 451 21.34 -34.61 -20.31
N THR B 452 21.16 -33.36 -20.73
CA THR B 452 22.06 -32.76 -21.69
C THR B 452 23.48 -32.69 -21.16
N LYS B 453 23.64 -32.49 -19.85
CA LYS B 453 24.98 -32.46 -19.27
C LYS B 453 25.71 -33.82 -19.33
N LEU B 454 25.12 -34.84 -19.94
CA LEU B 454 25.81 -36.11 -20.20
C LEU B 454 26.52 -36.02 -21.55
N ASN B 455 26.98 -37.16 -22.05
CA ASN B 455 27.60 -37.22 -23.37
C ASN B 455 26.87 -38.16 -24.33
N ASP B 456 25.74 -38.76 -23.90
CA ASP B 456 25.07 -39.75 -24.73
C ASP B 456 24.44 -39.14 -25.97
N TRP B 457 23.83 -37.97 -25.82
CA TRP B 457 22.93 -37.43 -26.84
C TRP B 457 23.66 -37.12 -28.14
N ASP B 458 22.88 -37.01 -29.21
CA ASP B 458 23.38 -36.63 -30.52
C ASP B 458 22.73 -35.37 -31.08
N PHE B 459 21.56 -34.99 -30.60
CA PHE B 459 20.90 -33.75 -30.99
C PHE B 459 20.28 -33.10 -29.77
N VAL B 460 20.37 -31.78 -29.71
CA VAL B 460 19.64 -30.99 -28.73
C VAL B 460 18.76 -30.03 -29.52
N VAL B 461 17.46 -30.32 -29.58
CA VAL B 461 16.50 -29.43 -30.21
C VAL B 461 15.95 -28.51 -29.12
N THR B 462 16.14 -27.21 -29.30
CA THR B 462 15.92 -26.27 -28.20
C THR B 462 15.32 -24.98 -28.72
N THR B 463 14.61 -24.29 -27.82
CA THR B 463 14.18 -22.92 -28.05
C THR B 463 15.31 -21.98 -27.67
N ASP B 464 15.03 -20.68 -27.59
CA ASP B 464 16.08 -19.73 -27.24
C ASP B 464 16.27 -19.59 -25.75
N ILE B 465 15.82 -20.57 -24.95
CA ILE B 465 16.18 -20.60 -23.54
C ILE B 465 17.65 -20.89 -23.35
N SER B 466 18.31 -21.49 -24.34
CA SER B 466 19.71 -21.89 -24.22
C SER B 466 20.59 -21.22 -25.26
N GLU B 467 20.19 -20.07 -25.80
CA GLU B 467 21.04 -19.37 -26.75
C GLU B 467 22.08 -18.51 -26.07
N MET B 468 21.99 -18.30 -24.76
CA MET B 468 22.96 -17.52 -24.02
C MET B 468 23.60 -18.39 -22.94
N GLY B 469 24.94 -18.39 -22.90
CA GLY B 469 25.66 -18.95 -21.78
C GLY B 469 25.59 -20.45 -21.62
N ALA B 470 25.05 -21.18 -22.59
CA ALA B 470 24.93 -22.63 -22.49
C ALA B 470 26.20 -23.28 -23.01
N ASN B 471 26.83 -24.10 -22.17
CA ASN B 471 28.01 -24.88 -22.56
C ASN B 471 27.53 -26.28 -22.92
N PHE B 472 27.50 -26.56 -24.22
CA PHE B 472 26.95 -27.81 -24.71
C PHE B 472 28.02 -28.81 -25.12
N LYS B 473 29.26 -28.36 -25.29
CA LYS B 473 30.35 -29.19 -25.83
C LYS B 473 29.96 -29.81 -27.17
N ALA B 474 29.16 -29.10 -27.94
CA ALA B 474 28.66 -29.60 -29.22
C ALA B 474 29.68 -29.35 -30.32
N ASP B 475 29.30 -29.71 -31.54
CA ASP B 475 30.15 -29.57 -32.71
C ASP B 475 29.51 -28.76 -33.81
N ARG B 476 28.19 -28.80 -33.95
CA ARG B 476 27.47 -28.09 -34.98
C ARG B 476 26.31 -27.34 -34.36
N VAL B 477 26.02 -26.14 -34.89
CA VAL B 477 24.84 -25.39 -34.53
C VAL B 477 24.01 -25.16 -35.79
N ILE B 478 22.70 -25.38 -35.68
CA ILE B 478 21.76 -25.15 -36.77
C ILE B 478 20.79 -24.06 -36.31
N ASP B 479 20.90 -22.89 -36.94
CA ASP B 479 20.13 -21.71 -36.56
C ASP B 479 19.37 -21.17 -37.77
N PRO B 480 18.07 -21.45 -37.89
CA PRO B 480 17.29 -20.85 -38.99
C PRO B 480 17.19 -19.34 -38.92
N ARG B 481 17.50 -18.73 -37.78
CA ARG B 481 17.50 -17.28 -37.61
C ARG B 481 16.13 -16.66 -37.87
N ARG B 482 15.08 -17.35 -37.42
CA ARG B 482 13.72 -16.86 -37.55
C ARG B 482 13.01 -16.96 -36.21
N CYS B 483 12.11 -16.02 -35.95
CA CYS B 483 11.41 -15.95 -34.68
C CYS B 483 10.13 -15.12 -34.86
N LEU B 484 9.35 -15.04 -33.79
CA LEU B 484 8.19 -14.16 -33.72
C LEU B 484 8.46 -13.08 -32.69
N LYS B 485 8.04 -11.85 -33.00
CA LYS B 485 8.27 -10.74 -32.09
C LYS B 485 6.97 -10.00 -31.82
N PRO B 486 6.71 -9.64 -30.57
CA PRO B 486 5.58 -8.75 -30.28
C PRO B 486 5.86 -7.36 -30.82
N VAL B 487 4.86 -6.78 -31.48
CA VAL B 487 4.98 -5.47 -32.12
C VAL B 487 3.73 -4.69 -31.81
N ILE B 488 3.88 -3.44 -31.39
CA ILE B 488 2.75 -2.57 -31.10
C ILE B 488 2.38 -1.81 -32.37
N LEU B 489 1.11 -1.88 -32.74
CA LEU B 489 0.58 -1.17 -33.90
C LEU B 489 -0.38 -0.10 -33.40
N THR B 490 -0.15 1.15 -33.81
CA THR B 490 -1.09 2.21 -33.46
C THR B 490 -2.27 2.21 -34.42
N ASP B 491 -2.01 2.52 -35.69
CA ASP B 491 -2.92 2.27 -36.82
C ASP B 491 -4.39 2.42 -36.46
N GLY B 492 -4.74 3.51 -35.78
CA GLY B 492 -6.07 3.67 -35.25
C GLY B 492 -6.12 3.24 -33.79
N PRO B 493 -6.72 2.08 -33.53
CA PRO B 493 -6.73 1.53 -32.16
C PRO B 493 -5.43 0.76 -31.90
N GLU B 494 -4.73 1.13 -30.84
CA GLU B 494 -3.47 0.50 -30.50
C GLU B 494 -3.68 -0.95 -30.10
N ARG B 495 -2.81 -1.84 -30.59
CA ARG B 495 -2.87 -3.25 -30.24
C ARG B 495 -1.49 -3.84 -30.36
N VAL B 496 -1.35 -5.10 -29.94
CA VAL B 496 -0.10 -5.84 -30.00
C VAL B 496 -0.31 -7.08 -30.85
N ILE B 497 0.56 -7.28 -31.84
CA ILE B 497 0.49 -8.44 -32.71
C ILE B 497 1.78 -9.22 -32.61
N LEU B 498 1.70 -10.53 -32.79
CA LEU B 498 2.90 -11.35 -32.93
C LEU B 498 3.28 -11.32 -34.41
N ALA B 499 4.15 -10.38 -34.77
CA ALA B 499 4.50 -10.19 -36.16
C ALA B 499 5.15 -11.46 -36.70
N GLY B 500 4.83 -11.78 -37.96
CA GLY B 500 5.18 -13.04 -38.56
C GLY B 500 6.66 -13.36 -38.54
N PRO B 501 7.03 -14.56 -39.00
CA PRO B 501 8.43 -15.00 -38.89
C PRO B 501 9.39 -14.01 -39.53
N MET B 502 10.23 -13.40 -38.71
CA MET B 502 11.19 -12.40 -39.14
C MET B 502 12.60 -12.85 -38.76
N PRO B 503 13.62 -12.30 -39.40
CA PRO B 503 14.99 -12.58 -38.97
C PRO B 503 15.22 -12.12 -37.54
N VAL B 504 16.00 -12.91 -36.80
CA VAL B 504 16.40 -12.56 -35.44
C VAL B 504 17.38 -11.39 -35.50
N THR B 505 17.67 -10.80 -34.36
CA THR B 505 18.61 -9.69 -34.32
C THR B 505 20.04 -10.20 -34.44
N VAL B 506 20.97 -9.27 -34.66
CA VAL B 506 22.38 -9.64 -34.80
C VAL B 506 22.90 -10.22 -33.49
N ALA B 507 22.50 -9.65 -32.36
CA ALA B 507 22.95 -10.16 -31.07
C ALA B 507 22.49 -11.61 -30.87
N SER B 508 21.23 -11.90 -31.21
CA SER B 508 20.73 -13.26 -31.04
C SER B 508 21.48 -14.25 -31.93
N ALA B 509 21.72 -13.88 -33.19
CA ALA B 509 22.45 -14.75 -34.09
C ALA B 509 23.88 -14.99 -33.61
N ALA B 510 24.54 -13.93 -33.14
CA ALA B 510 25.91 -14.08 -32.63
C ALA B 510 25.94 -14.96 -31.39
N GLN B 511 24.98 -14.79 -30.49
CA GLN B 511 24.93 -15.63 -29.30
C GLN B 511 24.67 -17.09 -29.67
N ARG B 512 23.78 -17.33 -30.63
CA ARG B 512 23.51 -18.69 -31.06
C ARG B 512 24.74 -19.33 -31.69
N ARG B 513 25.47 -18.56 -32.51
CA ARG B 513 26.70 -19.07 -33.10
C ARG B 513 27.78 -19.32 -32.05
N GLY B 514 27.79 -18.52 -30.98
CA GLY B 514 28.79 -18.66 -29.94
C GLY B 514 28.66 -19.88 -29.06
N ARG B 515 27.61 -20.68 -29.24
CA ARG B 515 27.46 -21.91 -28.48
C ARG B 515 28.35 -23.02 -29.02
N VAL B 516 29.08 -22.78 -30.11
CA VAL B 516 29.95 -23.77 -30.70
C VAL B 516 31.27 -23.07 -31.00
N GLY B 517 32.33 -23.86 -31.16
CA GLY B 517 33.65 -23.31 -31.36
C GLY B 517 34.28 -22.77 -30.09
N ARG B 518 33.93 -23.35 -28.94
CA ARG B 518 34.42 -22.88 -27.65
C ARG B 518 35.60 -23.69 -27.14
N ASN B 519 36.01 -24.73 -27.87
CA ASN B 519 37.15 -25.56 -27.48
C ASN B 519 38.33 -25.24 -28.38
N PRO B 520 39.46 -24.80 -27.84
CA PRO B 520 40.62 -24.50 -28.68
C PRO B 520 41.28 -25.76 -29.23
N GLN B 521 40.66 -26.92 -28.99
CA GLN B 521 41.19 -28.20 -29.43
C GLN B 521 40.36 -28.83 -30.53
N LYS B 522 39.26 -28.19 -30.96
CA LYS B 522 38.39 -28.72 -32.01
C LYS B 522 38.17 -27.62 -33.02
N GLU B 523 38.71 -27.79 -34.23
CA GLU B 523 38.69 -26.76 -35.25
C GLU B 523 37.65 -27.00 -36.35
N ASN B 524 36.82 -28.02 -36.21
CA ASN B 524 35.89 -28.42 -37.26
C ASN B 524 34.45 -28.05 -36.95
N ASP B 525 34.24 -27.06 -36.07
CA ASP B 525 32.90 -26.71 -35.64
C ASP B 525 32.18 -25.92 -36.72
N GLN B 526 30.90 -26.24 -36.92
CA GLN B 526 30.11 -25.70 -38.03
C GLN B 526 28.91 -24.92 -37.51
N TYR B 527 28.54 -23.88 -38.26
CA TYR B 527 27.36 -23.07 -38.00
C TYR B 527 26.56 -22.96 -39.28
N ILE B 528 25.36 -23.53 -39.30
CA ILE B 528 24.51 -23.57 -40.49
C ILE B 528 23.32 -22.65 -40.25
N PHE B 529 23.21 -21.60 -41.05
CA PHE B 529 22.14 -20.61 -40.92
C PHE B 529 21.39 -20.50 -42.23
N THR B 530 20.23 -19.84 -42.17
CA THR B 530 19.33 -19.76 -43.32
C THR B 530 18.81 -18.32 -43.44
N GLY B 531 19.73 -17.37 -43.48
CA GLY B 531 19.36 -15.99 -43.77
C GLY B 531 20.24 -15.02 -43.01
N GLN B 532 19.92 -13.74 -43.18
CA GLN B 532 20.66 -12.66 -42.55
C GLN B 532 19.88 -12.06 -41.40
N PRO B 533 20.54 -11.67 -40.33
CA PRO B 533 19.84 -11.01 -39.22
C PRO B 533 19.55 -9.56 -39.55
N LEU B 534 18.68 -8.96 -38.73
CA LEU B 534 18.33 -7.55 -38.87
C LEU B 534 18.49 -6.87 -37.52
N ASN B 535 19.07 -5.66 -37.54
CA ASN B 535 19.19 -4.84 -36.34
C ASN B 535 18.02 -3.89 -36.18
N ASN B 536 17.00 -4.00 -37.03
CA ASN B 536 15.82 -3.14 -36.95
C ASN B 536 14.97 -3.61 -35.77
N ASP B 537 15.31 -3.07 -34.59
CA ASP B 537 14.70 -3.48 -33.33
C ASP B 537 13.99 -2.30 -32.69
N GLU B 538 13.20 -1.56 -33.48
CA GLU B 538 12.66 -0.28 -33.07
C GLU B 538 11.17 -0.30 -32.76
N ASP B 539 10.37 -1.05 -33.51
CA ASP B 539 8.93 -1.11 -33.26
C ASP B 539 8.54 -2.25 -32.33
N HIS B 540 9.51 -3.00 -31.81
CA HIS B 540 9.21 -4.14 -30.96
C HIS B 540 8.65 -3.67 -29.62
N ALA B 541 7.72 -4.45 -29.08
CA ALA B 541 6.96 -4.03 -27.90
C ALA B 541 7.79 -4.00 -26.64
N HIS B 542 8.97 -4.62 -26.62
CA HIS B 542 9.69 -4.73 -25.37
C HIS B 542 10.28 -3.41 -24.90
N TRP B 543 10.51 -2.45 -25.80
CA TRP B 543 10.96 -1.14 -25.35
C TRP B 543 9.85 -0.40 -24.61
N THR B 544 8.64 -0.39 -25.17
CA THR B 544 7.50 0.20 -24.48
C THR B 544 7.23 -0.50 -23.16
N GLU B 545 7.28 -1.83 -23.15
CA GLU B 545 7.00 -2.57 -21.92
C GLU B 545 8.09 -2.38 -20.89
N ALA B 546 9.34 -2.23 -21.31
CA ALA B 546 10.41 -1.91 -20.39
C ALA B 546 10.20 -0.55 -19.76
N LYS B 547 9.76 0.43 -20.54
CA LYS B 547 9.45 1.73 -19.96
C LYS B 547 8.29 1.64 -18.97
N MET B 548 7.26 0.84 -19.30
CA MET B 548 6.14 0.67 -18.38
C MET B 548 6.58 0.05 -17.08
N LEU B 549 7.45 -0.95 -17.13
CA LEU B 549 7.94 -1.56 -15.90
C LEU B 549 8.85 -0.62 -15.12
N LEU B 550 9.68 0.14 -15.82
CA LEU B 550 10.64 1.01 -15.14
C LEU B 550 9.97 2.21 -14.49
N ASP B 551 8.88 2.70 -15.08
CA ASP B 551 8.20 3.86 -14.53
C ASP B 551 7.33 3.53 -13.32
N ASN B 552 7.17 2.26 -12.98
CA ASN B 552 6.31 1.85 -11.88
C ASN B 552 7.06 1.09 -10.79
N ILE B 553 8.39 1.24 -10.74
CA ILE B 553 9.17 0.60 -9.69
C ILE B 553 8.85 1.28 -8.36
N ASN B 554 8.53 0.48 -7.35
CA ASN B 554 8.09 0.98 -6.06
C ASN B 554 9.09 0.55 -5.00
N THR B 555 9.72 1.51 -4.35
CA THR B 555 10.70 1.27 -3.31
C THR B 555 10.38 2.16 -2.12
N PRO B 556 10.88 1.81 -0.92
CA PRO B 556 10.65 2.69 0.23
C PRO B 556 11.20 4.08 0.06
N GLU B 557 12.31 4.24 -0.65
CA GLU B 557 12.94 5.54 -0.83
C GLU B 557 12.33 6.35 -1.97
N GLY B 558 11.42 5.77 -2.74
CA GLY B 558 10.76 6.49 -3.82
C GLY B 558 11.67 6.87 -4.96
N ILE B 559 12.50 5.92 -5.42
CA ILE B 559 13.43 6.21 -6.50
C ILE B 559 12.68 6.35 -7.81
N ILE B 560 13.02 7.38 -8.58
CA ILE B 560 12.55 7.53 -9.95
C ILE B 560 13.71 7.17 -10.87
N PRO B 561 13.73 5.96 -11.43
CA PRO B 561 14.90 5.53 -12.21
C PRO B 561 14.85 6.03 -13.65
N ALA B 562 16.00 5.95 -14.30
CA ALA B 562 16.16 6.29 -15.70
C ALA B 562 16.69 5.09 -16.46
N LEU B 563 16.52 5.12 -17.78
CA LEU B 563 16.97 4.02 -18.61
C LEU B 563 18.51 3.94 -18.61
N PHE B 564 19.01 2.73 -18.86
CA PHE B 564 20.43 2.56 -19.10
C PHE B 564 20.83 3.36 -20.34
N GLU B 565 21.99 4.02 -20.28
CA GLU B 565 22.29 5.07 -21.25
C GLU B 565 22.31 4.57 -22.69
N PRO B 566 22.98 3.47 -23.05
CA PRO B 566 22.88 2.98 -24.43
C PRO B 566 21.48 2.59 -24.86
N GLU B 567 20.54 2.45 -23.92
CA GLU B 567 19.15 2.17 -24.29
C GLU B 567 18.30 3.42 -24.40
N ARG B 568 18.88 4.61 -24.19
CA ARG B 568 18.12 5.84 -24.36
C ARG B 568 17.97 6.26 -25.80
N GLU B 569 18.70 5.64 -26.73
CA GLU B 569 18.58 5.95 -28.15
C GLU B 569 17.39 5.26 -28.82
N LYS B 570 16.54 4.58 -28.06
CA LYS B 570 15.35 3.96 -28.60
C LYS B 570 14.16 4.90 -28.45
N SER B 571 13.48 5.17 -29.57
CA SER B 571 12.40 6.16 -29.56
C SER B 571 11.24 5.71 -28.67
N ALA B 572 10.87 4.43 -28.73
CA ALA B 572 9.71 3.96 -27.98
C ALA B 572 9.97 3.90 -26.49
N ALA B 573 11.22 3.62 -26.09
CA ALA B 573 11.55 3.62 -24.67
C ALA B 573 11.61 5.03 -24.11
N ILE B 574 12.25 5.95 -24.83
CA ILE B 574 12.46 7.30 -24.32
C ILE B 574 11.17 8.11 -24.28
N ASP B 575 10.19 7.77 -25.10
CA ASP B 575 9.00 8.59 -25.27
C ASP B 575 7.88 8.26 -24.29
N GLY B 576 8.03 7.22 -23.48
CA GLY B 576 6.95 6.77 -22.63
C GLY B 576 6.88 7.52 -21.31
N GLU B 577 5.67 7.89 -20.93
CA GLU B 577 5.37 8.45 -19.61
C GLU B 577 4.28 7.57 -19.02
N TYR B 578 4.69 6.49 -18.35
CA TYR B 578 3.78 5.42 -17.98
C TYR B 578 3.58 5.29 -16.48
N ARG B 579 4.00 6.26 -15.69
CA ARG B 579 3.83 6.17 -14.25
C ARG B 579 2.35 6.25 -13.88
N LEU B 580 1.90 5.31 -13.06
CA LEU B 580 0.51 5.23 -12.64
C LEU B 580 0.37 5.69 -11.20
N LYS B 581 -0.82 6.17 -10.86
CA LYS B 581 -1.12 6.52 -9.48
C LYS B 581 -1.26 5.25 -8.65
N GLY B 582 -1.07 5.41 -7.34
CA GLY B 582 -0.92 4.31 -6.40
C GLY B 582 -1.83 3.11 -6.59
N GLU B 583 -3.14 3.34 -6.59
CA GLU B 583 -4.09 2.23 -6.73
C GLU B 583 -3.98 1.60 -8.11
N SER B 584 -3.81 2.42 -9.14
CA SER B 584 -3.61 1.88 -10.49
C SER B 584 -2.32 1.08 -10.58
N ARG B 585 -1.27 1.53 -9.91
CA ARG B 585 -0.02 0.78 -9.91
C ARG B 585 -0.18 -0.57 -9.21
N LYS B 586 -0.91 -0.60 -8.10
CA LYS B 586 -1.16 -1.86 -7.41
C LYS B 586 -1.98 -2.80 -8.29
N THR B 587 -2.99 -2.27 -8.98
CA THR B 587 -3.77 -3.11 -9.90
C THR B 587 -2.91 -3.62 -11.04
N PHE B 588 -2.00 -2.78 -11.54
CA PHE B 588 -1.10 -3.19 -12.62
C PHE B 588 -0.22 -4.36 -12.20
N VAL B 589 0.38 -4.27 -11.01
CA VAL B 589 1.21 -5.35 -10.52
C VAL B 589 0.37 -6.61 -10.27
N GLU B 590 -0.84 -6.44 -9.74
CA GLU B 590 -1.71 -7.59 -9.51
C GLU B 590 -2.07 -8.27 -10.82
N LEU B 591 -2.38 -7.50 -11.86
CA LEU B 591 -2.73 -8.06 -13.15
C LEU B 591 -1.56 -8.81 -13.77
N MET B 592 -0.34 -8.29 -13.61
CA MET B 592 0.79 -9.02 -14.16
C MET B 592 1.09 -10.29 -13.37
N ARG B 593 0.99 -10.24 -12.05
CA ARG B 593 1.45 -11.36 -11.24
C ARG B 593 0.39 -12.42 -11.01
N ARG B 594 -0.86 -12.02 -10.75
CA ARG B 594 -1.93 -12.99 -10.57
C ARG B 594 -2.57 -13.39 -11.89
N GLY B 595 -2.95 -12.42 -12.71
CA GLY B 595 -3.62 -12.72 -13.96
C GLY B 595 -2.72 -13.21 -15.07
N ASP B 596 -1.41 -13.07 -14.91
CA ASP B 596 -0.44 -13.48 -15.93
C ASP B 596 -0.75 -12.83 -17.27
N LEU B 597 -1.08 -11.56 -17.23
CA LEU B 597 -1.29 -10.80 -18.45
C LEU B 597 0.03 -10.19 -18.92
N PRO B 598 0.17 -9.91 -20.21
CA PRO B 598 1.35 -9.21 -20.69
C PRO B 598 1.43 -7.79 -20.13
N VAL B 599 2.64 -7.24 -20.12
CA VAL B 599 2.86 -5.93 -19.52
C VAL B 599 2.01 -4.86 -20.20
N TRP B 600 1.95 -4.90 -21.54
CA TRP B 600 1.19 -3.89 -22.27
C TRP B 600 -0.30 -3.95 -21.91
N LEU B 601 -0.87 -5.15 -21.92
CA LEU B 601 -2.30 -5.29 -21.63
C LEU B 601 -2.60 -4.94 -20.18
N ALA B 602 -1.73 -5.35 -19.26
CA ALA B 602 -1.93 -5.01 -17.85
C ALA B 602 -1.89 -3.51 -17.64
N HIS B 603 -0.95 -2.82 -18.30
CA HIS B 603 -0.89 -1.37 -18.18
C HIS B 603 -2.12 -0.71 -18.78
N LYS B 604 -2.59 -1.21 -19.94
CA LYS B 604 -3.78 -0.62 -20.55
C LYS B 604 -4.99 -0.77 -19.65
N VAL B 605 -5.14 -1.93 -19.02
CA VAL B 605 -6.28 -2.14 -18.14
C VAL B 605 -6.16 -1.30 -16.88
N ALA B 606 -4.96 -1.25 -16.28
CA ALA B 606 -4.78 -0.52 -15.03
C ALA B 606 -4.93 0.98 -15.21
N SER B 607 -4.50 1.52 -16.35
CA SER B 607 -4.56 2.96 -16.56
C SER B 607 -5.97 3.48 -16.75
N GLU B 608 -6.96 2.59 -16.85
CA GLU B 608 -8.37 3.00 -16.93
C GLU B 608 -9.06 3.01 -15.58
N GLY B 609 -8.36 2.66 -14.51
CA GLY B 609 -9.00 2.58 -13.20
C GLY B 609 -9.84 1.35 -12.99
N ILE B 610 -9.62 0.29 -13.76
CA ILE B 610 -10.35 -0.95 -13.60
C ILE B 610 -9.69 -1.76 -12.50
N LYS B 611 -10.48 -2.27 -11.56
CA LYS B 611 -9.94 -3.09 -10.50
C LYS B 611 -9.62 -4.49 -11.03
N TYR B 612 -8.86 -5.25 -10.23
CA TYR B 612 -8.39 -6.56 -10.68
C TYR B 612 -9.55 -7.52 -10.90
N THR B 613 -10.49 -7.56 -9.96
CA THR B 613 -11.57 -8.54 -10.03
C THR B 613 -12.65 -8.14 -11.04
N ASP B 614 -12.65 -6.90 -11.50
CA ASP B 614 -13.58 -6.48 -12.54
C ASP B 614 -13.12 -7.06 -13.88
N ARG B 615 -14.01 -7.82 -14.54
CA ARG B 615 -13.68 -8.49 -15.79
C ARG B 615 -14.56 -8.03 -16.94
N LYS B 616 -15.21 -6.88 -16.81
CA LYS B 616 -16.11 -6.42 -17.86
C LYS B 616 -15.36 -6.01 -19.13
N TRP B 617 -14.11 -5.58 -18.98
CA TRP B 617 -13.35 -5.13 -20.15
C TRP B 617 -13.07 -6.27 -21.12
N CYS B 618 -13.13 -7.52 -20.66
CA CYS B 618 -12.94 -8.67 -21.53
C CYS B 618 -14.12 -8.89 -22.47
N PHE B 619 -15.19 -8.11 -22.34
CA PHE B 619 -16.38 -8.30 -23.15
C PHE B 619 -16.88 -7.00 -23.76
N ASP B 620 -16.29 -5.86 -23.40
CA ASP B 620 -16.75 -4.54 -23.82
C ASP B 620 -16.13 -4.08 -25.12
N GLY B 621 -15.29 -4.89 -25.74
CA GLY B 621 -14.56 -4.44 -26.91
C GLY B 621 -15.43 -4.36 -28.15
N GLU B 622 -14.90 -3.65 -29.14
CA GLU B 622 -15.57 -3.54 -30.43
C GLU B 622 -15.69 -4.93 -31.07
N ARG B 623 -16.66 -5.06 -31.98
CA ARG B 623 -16.92 -6.34 -32.61
C ARG B 623 -15.74 -6.84 -33.42
N ASN B 624 -14.82 -5.96 -33.81
CA ASN B 624 -13.62 -6.39 -34.51
C ASN B 624 -12.64 -7.12 -33.59
N ASN B 625 -12.70 -6.88 -32.29
CA ASN B 625 -11.83 -7.55 -31.33
C ASN B 625 -12.45 -8.85 -30.82
N GLN B 626 -12.88 -9.72 -31.74
CA GLN B 626 -13.48 -10.99 -31.36
C GLN B 626 -12.44 -12.09 -31.46
N ILE B 627 -12.32 -12.88 -30.40
CA ILE B 627 -11.34 -13.97 -30.38
C ILE B 627 -11.94 -15.20 -31.05
N LEU B 628 -11.24 -15.71 -32.05
CA LEU B 628 -11.68 -16.87 -32.81
C LEU B 628 -10.83 -18.08 -32.45
N GLU B 629 -11.47 -19.23 -32.28
CA GLU B 629 -10.78 -20.50 -32.18
C GLU B 629 -11.55 -21.53 -33.01
N GLU B 630 -10.81 -22.34 -33.77
CA GLU B 630 -11.41 -23.26 -34.74
C GLU B 630 -12.33 -22.52 -35.71
N ASN B 631 -11.96 -21.28 -36.02
CA ASN B 631 -12.77 -20.38 -36.86
C ASN B 631 -14.16 -20.17 -36.27
N MET B 632 -14.29 -20.29 -34.95
CA MET B 632 -15.54 -20.04 -34.26
C MET B 632 -15.31 -19.10 -33.09
N ASP B 633 -16.34 -18.35 -32.73
CA ASP B 633 -16.21 -17.37 -31.66
C ASP B 633 -15.95 -18.06 -30.32
N VAL B 634 -14.95 -17.56 -29.59
CA VAL B 634 -14.70 -18.06 -28.25
C VAL B 634 -15.80 -17.55 -27.33
N GLU B 635 -16.43 -18.46 -26.60
CA GLU B 635 -17.56 -18.15 -25.74
C GLU B 635 -17.35 -18.83 -24.41
N ILE B 636 -17.52 -18.09 -23.31
CA ILE B 636 -17.13 -18.56 -21.99
C ILE B 636 -18.26 -18.39 -21.00
N TRP B 637 -18.19 -19.19 -19.94
CA TRP B 637 -19.11 -19.11 -18.81
C TRP B 637 -18.43 -18.33 -17.68
N THR B 638 -18.93 -17.15 -17.39
CA THR B 638 -18.35 -16.34 -16.33
C THR B 638 -18.58 -16.99 -14.97
N LYS B 639 -17.92 -16.45 -13.95
CA LYS B 639 -18.07 -16.98 -12.61
C LYS B 639 -19.41 -16.61 -12.00
N GLU B 640 -20.13 -15.66 -12.59
CA GLU B 640 -21.46 -15.28 -12.15
C GLU B 640 -22.56 -15.91 -13.01
N GLY B 641 -22.28 -17.07 -13.60
CA GLY B 641 -23.28 -17.84 -14.31
C GLY B 641 -23.86 -17.18 -15.54
N GLU B 642 -23.01 -16.61 -16.40
CA GLU B 642 -23.46 -16.01 -17.65
C GLU B 642 -22.59 -16.51 -18.80
N LYS B 643 -23.16 -16.52 -19.99
CA LYS B 643 -22.50 -16.97 -21.20
C LYS B 643 -22.20 -15.76 -22.07
N LYS B 644 -20.91 -15.48 -22.28
CA LYS B 644 -20.50 -14.26 -22.95
C LYS B 644 -19.45 -14.55 -24.02
N LYS B 645 -19.41 -13.69 -25.03
CA LYS B 645 -18.43 -13.81 -26.10
C LYS B 645 -17.14 -13.08 -25.70
N LEU B 646 -16.01 -13.75 -25.87
CA LEU B 646 -14.73 -13.14 -25.55
C LEU B 646 -14.42 -12.05 -26.56
N ARG B 647 -14.43 -10.79 -26.10
CA ARG B 647 -14.29 -9.63 -26.99
C ARG B 647 -13.60 -8.52 -26.22
N PRO B 648 -12.29 -8.66 -25.98
CA PRO B 648 -11.60 -7.72 -25.08
C PRO B 648 -11.49 -6.32 -25.67
N ARG B 649 -11.50 -5.33 -24.79
CA ARG B 649 -11.39 -3.93 -25.22
C ARG B 649 -10.02 -3.63 -25.81
N TRP B 650 -8.99 -4.33 -25.37
CA TRP B 650 -7.64 -4.19 -25.91
C TRP B 650 -7.15 -5.54 -26.39
N LEU B 651 -6.59 -5.58 -27.59
CA LEU B 651 -6.16 -6.81 -28.21
C LEU B 651 -4.67 -7.01 -28.04
N ASP B 652 -4.29 -8.09 -27.37
CA ASP B 652 -2.91 -8.54 -27.28
C ASP B 652 -2.85 -9.92 -27.90
N ALA B 653 -2.06 -10.07 -28.96
CA ALA B 653 -2.01 -11.34 -29.67
C ALA B 653 -1.37 -12.44 -28.85
N ARG B 654 -0.68 -12.09 -27.76
CA ARG B 654 -0.05 -13.08 -26.90
C ARG B 654 -1.03 -13.73 -25.94
N THR B 655 -2.27 -13.22 -25.86
CA THR B 655 -3.29 -13.83 -25.02
C THR B 655 -4.08 -14.91 -25.75
N TYR B 656 -4.00 -14.99 -27.08
CA TYR B 656 -4.73 -16.00 -27.82
C TYR B 656 -3.90 -16.59 -28.95
N SER B 657 -2.57 -16.57 -28.82
CA SER B 657 -1.71 -17.10 -29.87
C SER B 657 -1.67 -18.63 -29.83
N ASP B 658 -1.15 -19.18 -28.74
CA ASP B 658 -1.12 -20.62 -28.54
C ASP B 658 -2.40 -21.08 -27.88
N PRO B 659 -2.74 -22.37 -28.00
CA PRO B 659 -3.89 -22.89 -27.26
C PRO B 659 -3.77 -22.75 -25.75
N LEU B 660 -2.55 -22.89 -25.21
CA LEU B 660 -2.38 -22.74 -23.76
C LEU B 660 -2.59 -21.30 -23.33
N ALA B 661 -2.09 -20.34 -24.12
CA ALA B 661 -2.32 -18.94 -23.81
C ALA B 661 -3.81 -18.60 -23.87
N LEU B 662 -4.52 -19.13 -24.87
CA LEU B 662 -5.94 -18.90 -24.97
C LEU B 662 -6.68 -19.52 -23.80
N LYS B 663 -6.25 -20.72 -23.36
CA LYS B 663 -6.88 -21.34 -22.20
C LYS B 663 -6.68 -20.51 -20.94
N GLU B 664 -5.46 -20.00 -20.75
CA GLU B 664 -5.19 -19.16 -19.57
C GLU B 664 -5.98 -17.87 -19.61
N PHE B 665 -6.08 -17.24 -20.79
CA PHE B 665 -6.86 -16.01 -20.88
C PHE B 665 -8.35 -16.26 -20.72
N LYS B 666 -8.85 -17.40 -21.19
CA LYS B 666 -10.24 -17.75 -20.95
C LYS B 666 -10.50 -17.96 -19.46
N ASP B 667 -9.56 -18.60 -18.77
CA ASP B 667 -9.68 -18.75 -17.32
C ASP B 667 -9.71 -17.40 -16.64
N PHE B 668 -8.83 -16.48 -17.06
CA PHE B 668 -8.83 -15.15 -16.47
C PHE B 668 -10.15 -14.42 -16.71
N ALA B 669 -10.64 -14.46 -17.94
CA ALA B 669 -11.87 -13.74 -18.28
C ALA B 669 -13.08 -14.36 -17.61
N ALA B 670 -13.02 -15.65 -17.27
CA ALA B 670 -14.12 -16.31 -16.60
C ALA B 670 -14.16 -16.06 -15.10
N GLY B 671 -13.13 -15.40 -14.55
CA GLY B 671 -13.04 -15.20 -13.13
C GLY B 671 -12.39 -16.32 -12.35
N ARG B 672 -11.83 -17.31 -13.03
CA ARG B 672 -11.18 -18.44 -12.37
C ARG B 672 -9.72 -18.18 -12.06
N LYS B 673 -9.22 -16.99 -12.34
CA LYS B 673 -7.83 -16.66 -12.06
C LYS B 673 -7.73 -15.35 -11.31
#